data_1LF7
# 
_entry.id   1LF7 
# 
_audit_conform.dict_name       mmcif_pdbx.dic 
_audit_conform.dict_version    5.399 
_audit_conform.dict_location   http://mmcif.pdb.org/dictionaries/ascii/mmcif_pdbx.dic 
# 
loop_
_database_2.database_id 
_database_2.database_code 
_database_2.pdbx_database_accession 
_database_2.pdbx_DOI 
PDB   1LF7         pdb_00001lf7 10.2210/pdb1lf7/pdb 
RCSB  RCSB015894   ?            ?                   
WWPDB D_1000015894 ?            ?                   
# 
loop_
_pdbx_audit_revision_history.ordinal 
_pdbx_audit_revision_history.data_content_type 
_pdbx_audit_revision_history.major_revision 
_pdbx_audit_revision_history.minor_revision 
_pdbx_audit_revision_history.revision_date 
1 'Structure model' 1 0 2002-06-12 
2 'Structure model' 1 1 2008-04-28 
3 'Structure model' 1 2 2011-07-13 
4 'Structure model' 1 3 2018-02-14 
5 'Structure model' 1 4 2021-11-10 
6 'Structure model' 1 5 2022-04-13 
7 'Structure model' 1 6 2024-11-20 
# 
_pdbx_audit_revision_details.ordinal             1 
_pdbx_audit_revision_details.revision_ordinal    1 
_pdbx_audit_revision_details.data_content_type   'Structure model' 
_pdbx_audit_revision_details.provider            repository 
_pdbx_audit_revision_details.type                'Initial release' 
_pdbx_audit_revision_details.description         ? 
_pdbx_audit_revision_details.details             ? 
# 
loop_
_pdbx_audit_revision_group.ordinal 
_pdbx_audit_revision_group.revision_ordinal 
_pdbx_audit_revision_group.data_content_type 
_pdbx_audit_revision_group.group 
1  2 'Structure model' 'Version format compliance' 
2  3 'Structure model' 'Version format compliance' 
3  4 'Structure model' 'Data collection'           
4  4 'Structure model' 'Experimental preparation'  
5  5 'Structure model' 'Database references'       
6  5 'Structure model' 'Derived calculations'      
7  6 'Structure model' 'Database references'       
8  6 'Structure model' 'Structure summary'         
9  7 'Structure model' 'Data collection'           
10 7 'Structure model' 'Structure summary'         
# 
loop_
_pdbx_audit_revision_category.ordinal 
_pdbx_audit_revision_category.revision_ordinal 
_pdbx_audit_revision_category.data_content_type 
_pdbx_audit_revision_category.category 
1  4 'Structure model' diffrn_detector           
2  4 'Structure model' exptl_crystal_grow        
3  5 'Structure model' database_2                
4  5 'Structure model' struct_ref_seq_dif        
5  5 'Structure model' struct_site               
6  6 'Structure model' audit_author              
7  6 'Structure model' citation_author           
8  7 'Structure model' chem_comp_atom            
9  7 'Structure model' chem_comp_bond            
10 7 'Structure model' pdbx_entry_details        
11 7 'Structure model' pdbx_modification_feature 
# 
loop_
_pdbx_audit_revision_item.ordinal 
_pdbx_audit_revision_item.revision_ordinal 
_pdbx_audit_revision_item.data_content_type 
_pdbx_audit_revision_item.item 
1  4 'Structure model' '_diffrn_detector.detector'           
2  4 'Structure model' '_diffrn_detector.type'               
3  4 'Structure model' '_exptl_crystal_grow.pdbx_details'    
4  4 'Structure model' '_exptl_crystal_grow.temp'            
5  5 'Structure model' '_database_2.pdbx_DOI'                
6  5 'Structure model' '_database_2.pdbx_database_accession' 
7  5 'Structure model' '_struct_ref_seq_dif.details'         
8  5 'Structure model' '_struct_site.pdbx_auth_asym_id'      
9  5 'Structure model' '_struct_site.pdbx_auth_comp_id'      
10 5 'Structure model' '_struct_site.pdbx_auth_seq_id'       
11 6 'Structure model' '_audit_author.identifier_ORCID'      
12 6 'Structure model' '_citation_author.identifier_ORCID'   
# 
_pdbx_database_status.status_code                     REL 
_pdbx_database_status.entry_id                        1LF7 
_pdbx_database_status.recvd_initial_deposition_date   2002-04-10 
_pdbx_database_status.deposit_site                    RCSB 
_pdbx_database_status.process_site                    PDBJ 
_pdbx_database_status.SG_entry                        . 
_pdbx_database_status.pdb_format_compatible           Y 
_pdbx_database_status.status_code_mr                  ? 
_pdbx_database_status.status_code_sf                  ? 
_pdbx_database_status.status_code_cs                  ? 
_pdbx_database_status.methods_development_category    ? 
_pdbx_database_status.status_code_nmr_data            ? 
# 
_pdbx_database_related.db_name        PDB 
_pdbx_database_related.db_id          1IW2 
_pdbx_database_related.details        '1IW2 contains X-ray structure of the same protein at pH 7.0' 
_pdbx_database_related.content_type   unspecified 
# 
loop_
_audit_author.name 
_audit_author.pdbx_ordinal 
_audit_author.identifier_ORCID 
'Ortlund, E.'   1 ?                   
'Parker, C.L.'  2 ?                   
'Schreck, S.F.' 3 ?                   
'Ginell, S.'    4 ?                   
'Minor, W.'     5 0000-0001-7075-7090 
'Sodetz, J.M.'  6 ?                   
'Lebioda, L.'   7 ?                   
# 
_citation.id                        primary 
_citation.title                     
;Crystal structure of human complement protein C8gamma at 1.2 A resolution reveals a lipocalin fold and a distinct ligand binding site.
;
_citation.journal_abbrev            Biochemistry 
_citation.journal_volume            41 
_citation.page_first                7030 
_citation.page_last                 7037 
_citation.year                      2002 
_citation.journal_id_ASTM           BICHAW 
_citation.country                   US 
_citation.journal_id_ISSN           0006-2960 
_citation.journal_id_CSD            0033 
_citation.book_publisher            ? 
_citation.pdbx_database_id_PubMed   12033936 
_citation.pdbx_database_id_DOI      10.1021/bi025696i 
# 
loop_
_citation_author.citation_id 
_citation_author.name 
_citation_author.ordinal 
_citation_author.identifier_ORCID 
primary 'Ortlund, E.'   1 ?                   
primary 'Parker, C.L.'  2 ?                   
primary 'Schreck, S.F.' 3 ?                   
primary 'Ginell, S.'    4 ?                   
primary 'Minor, W.'     5 0000-0001-7075-7090 
primary 'Sodetz, J.M.'  6 ?                   
primary 'Lebioda, L.'   7 ?                   
# 
loop_
_entity.id 
_entity.type 
_entity.src_method 
_entity.pdbx_description 
_entity.formula_weight 
_entity.pdbx_number_of_molecules 
_entity.pdbx_ec 
_entity.pdbx_mutation 
_entity.pdbx_fragment 
_entity.details 
1 polymer     man 'Complement Protein C8gamma' 20305.979 1   ? C40G ? ? 
2 non-polymer syn 'CITRIC ACID'                192.124   1   ? ?    ? ? 
3 water       nat water                        18.015    186 ? ?    ? ? 
# 
_entity_name_com.entity_id   1 
_entity_name_com.name        'Complement component C8 gamma chain' 
# 
_entity_poly.entity_id                      1 
_entity_poly.type                           'polypeptide(L)' 
_entity_poly.nstd_linkage                   no 
_entity_poly.nstd_monomer                   no 
_entity_poly.pdbx_seq_one_letter_code       
;QKPQRPRRPASPISTIQPKANFDAQQFAGTWLLVAVGSAGRFLQEQGHRAEATTLHVAPQGTAMAVSTFRKLDGICWQVR
QLYGDTGVLGRFLLQARGARGAVHVVVAETDYQSFAVLYLERAGQLSVKLYARSLPVSDSVLSGFEQRVQEAHLTEDQIF
YFPKYGFCEAADQFHVLDEVRR
;
_entity_poly.pdbx_seq_one_letter_code_can   
;QKPQRPRRPASPISTIQPKANFDAQQFAGTWLLVAVGSAGRFLQEQGHRAEATTLHVAPQGTAMAVSTFRKLDGICWQVR
QLYGDTGVLGRFLLQARGARGAVHVVVAETDYQSFAVLYLERAGQLSVKLYARSLPVSDSVLSGFEQRVQEAHLTEDQIF
YFPKYGFCEAADQFHVLDEVRR
;
_entity_poly.pdbx_strand_id                 A 
_entity_poly.pdbx_target_identifier         ? 
# 
loop_
_pdbx_entity_nonpoly.entity_id 
_pdbx_entity_nonpoly.name 
_pdbx_entity_nonpoly.comp_id 
2 'CITRIC ACID' CIT 
3 water         HOH 
# 
loop_
_entity_poly_seq.entity_id 
_entity_poly_seq.num 
_entity_poly_seq.mon_id 
_entity_poly_seq.hetero 
1 1   GLN n 
1 2   LYS n 
1 3   PRO n 
1 4   GLN n 
1 5   ARG n 
1 6   PRO n 
1 7   ARG n 
1 8   ARG n 
1 9   PRO n 
1 10  ALA n 
1 11  SER n 
1 12  PRO n 
1 13  ILE n 
1 14  SER n 
1 15  THR n 
1 16  ILE n 
1 17  GLN n 
1 18  PRO n 
1 19  LYS n 
1 20  ALA n 
1 21  ASN n 
1 22  PHE n 
1 23  ASP n 
1 24  ALA n 
1 25  GLN n 
1 26  GLN n 
1 27  PHE n 
1 28  ALA n 
1 29  GLY n 
1 30  THR n 
1 31  TRP n 
1 32  LEU n 
1 33  LEU n 
1 34  VAL n 
1 35  ALA n 
1 36  VAL n 
1 37  GLY n 
1 38  SER n 
1 39  ALA n 
1 40  GLY n 
1 41  ARG n 
1 42  PHE n 
1 43  LEU n 
1 44  GLN n 
1 45  GLU n 
1 46  GLN n 
1 47  GLY n 
1 48  HIS n 
1 49  ARG n 
1 50  ALA n 
1 51  GLU n 
1 52  ALA n 
1 53  THR n 
1 54  THR n 
1 55  LEU n 
1 56  HIS n 
1 57  VAL n 
1 58  ALA n 
1 59  PRO n 
1 60  GLN n 
1 61  GLY n 
1 62  THR n 
1 63  ALA n 
1 64  MET n 
1 65  ALA n 
1 66  VAL n 
1 67  SER n 
1 68  THR n 
1 69  PHE n 
1 70  ARG n 
1 71  LYS n 
1 72  LEU n 
1 73  ASP n 
1 74  GLY n 
1 75  ILE n 
1 76  CYS n 
1 77  TRP n 
1 78  GLN n 
1 79  VAL n 
1 80  ARG n 
1 81  GLN n 
1 82  LEU n 
1 83  TYR n 
1 84  GLY n 
1 85  ASP n 
1 86  THR n 
1 87  GLY n 
1 88  VAL n 
1 89  LEU n 
1 90  GLY n 
1 91  ARG n 
1 92  PHE n 
1 93  LEU n 
1 94  LEU n 
1 95  GLN n 
1 96  ALA n 
1 97  ARG n 
1 98  GLY n 
1 99  ALA n 
1 100 ARG n 
1 101 GLY n 
1 102 ALA n 
1 103 VAL n 
1 104 HIS n 
1 105 VAL n 
1 106 VAL n 
1 107 VAL n 
1 108 ALA n 
1 109 GLU n 
1 110 THR n 
1 111 ASP n 
1 112 TYR n 
1 113 GLN n 
1 114 SER n 
1 115 PHE n 
1 116 ALA n 
1 117 VAL n 
1 118 LEU n 
1 119 TYR n 
1 120 LEU n 
1 121 GLU n 
1 122 ARG n 
1 123 ALA n 
1 124 GLY n 
1 125 GLN n 
1 126 LEU n 
1 127 SER n 
1 128 VAL n 
1 129 LYS n 
1 130 LEU n 
1 131 TYR n 
1 132 ALA n 
1 133 ARG n 
1 134 SER n 
1 135 LEU n 
1 136 PRO n 
1 137 VAL n 
1 138 SER n 
1 139 ASP n 
1 140 SER n 
1 141 VAL n 
1 142 LEU n 
1 143 SER n 
1 144 GLY n 
1 145 PHE n 
1 146 GLU n 
1 147 GLN n 
1 148 ARG n 
1 149 VAL n 
1 150 GLN n 
1 151 GLU n 
1 152 ALA n 
1 153 HIS n 
1 154 LEU n 
1 155 THR n 
1 156 GLU n 
1 157 ASP n 
1 158 GLN n 
1 159 ILE n 
1 160 PHE n 
1 161 TYR n 
1 162 PHE n 
1 163 PRO n 
1 164 LYS n 
1 165 TYR n 
1 166 GLY n 
1 167 PHE n 
1 168 CYS n 
1 169 GLU n 
1 170 ALA n 
1 171 ALA n 
1 172 ASP n 
1 173 GLN n 
1 174 PHE n 
1 175 HIS n 
1 176 VAL n 
1 177 LEU n 
1 178 ASP n 
1 179 GLU n 
1 180 VAL n 
1 181 ARG n 
1 182 ARG n 
# 
_entity_src_gen.entity_id                          1 
_entity_src_gen.pdbx_src_id                        1 
_entity_src_gen.pdbx_alt_source_flag               sample 
_entity_src_gen.pdbx_seq_type                      ? 
_entity_src_gen.pdbx_beg_seq_num                   ? 
_entity_src_gen.pdbx_end_seq_num                   ? 
_entity_src_gen.gene_src_common_name               human 
_entity_src_gen.gene_src_genus                     Homo 
_entity_src_gen.pdbx_gene_src_gene                 9q34.3 
_entity_src_gen.gene_src_species                   ? 
_entity_src_gen.gene_src_strain                    ? 
_entity_src_gen.gene_src_tissue                    ? 
_entity_src_gen.gene_src_tissue_fraction           ? 
_entity_src_gen.gene_src_details                   ? 
_entity_src_gen.pdbx_gene_src_fragment             ? 
_entity_src_gen.pdbx_gene_src_scientific_name      'Homo sapiens' 
_entity_src_gen.pdbx_gene_src_ncbi_taxonomy_id     9606 
_entity_src_gen.pdbx_gene_src_variant              ? 
_entity_src_gen.pdbx_gene_src_cell_line            ? 
_entity_src_gen.pdbx_gene_src_atcc                 ? 
_entity_src_gen.pdbx_gene_src_organ                ? 
_entity_src_gen.pdbx_gene_src_organelle            ? 
_entity_src_gen.pdbx_gene_src_cell                 ? 
_entity_src_gen.pdbx_gene_src_cellular_location    ? 
_entity_src_gen.host_org_common_name               'cabbage looper' 
_entity_src_gen.pdbx_host_org_scientific_name      'Trichoplusia ni' 
_entity_src_gen.pdbx_host_org_ncbi_taxonomy_id     7111 
_entity_src_gen.host_org_genus                     Trichoplusia 
_entity_src_gen.pdbx_host_org_gene                 ? 
_entity_src_gen.pdbx_host_org_organ                ? 
_entity_src_gen.host_org_species                   ? 
_entity_src_gen.pdbx_host_org_tissue               ? 
_entity_src_gen.pdbx_host_org_tissue_fraction      ? 
_entity_src_gen.pdbx_host_org_strain               ? 
_entity_src_gen.pdbx_host_org_variant              ? 
_entity_src_gen.pdbx_host_org_cell_line            'High Five' 
_entity_src_gen.pdbx_host_org_atcc                 ? 
_entity_src_gen.pdbx_host_org_culture_collection   ? 
_entity_src_gen.pdbx_host_org_cell                 ? 
_entity_src_gen.pdbx_host_org_organelle            ? 
_entity_src_gen.pdbx_host_org_cellular_location    ? 
_entity_src_gen.pdbx_host_org_vector_type          Baculovirus 
_entity_src_gen.pdbx_host_org_vector               pBlueBac 
_entity_src_gen.host_org_details                   ? 
_entity_src_gen.expression_system_id               ? 
_entity_src_gen.plasmid_name                       ? 
_entity_src_gen.plasmid_details                    ? 
_entity_src_gen.pdbx_description                   ? 
# 
loop_
_chem_comp.id 
_chem_comp.type 
_chem_comp.mon_nstd_flag 
_chem_comp.name 
_chem_comp.pdbx_synonyms 
_chem_comp.formula 
_chem_comp.formula_weight 
ALA 'L-peptide linking' y ALANINE         ? 'C3 H7 N O2'     89.093  
ARG 'L-peptide linking' y ARGININE        ? 'C6 H15 N4 O2 1' 175.209 
ASN 'L-peptide linking' y ASPARAGINE      ? 'C4 H8 N2 O3'    132.118 
ASP 'L-peptide linking' y 'ASPARTIC ACID' ? 'C4 H7 N O4'     133.103 
CIT non-polymer         . 'CITRIC ACID'   ? 'C6 H8 O7'       192.124 
CYS 'L-peptide linking' y CYSTEINE        ? 'C3 H7 N O2 S'   121.158 
GLN 'L-peptide linking' y GLUTAMINE       ? 'C5 H10 N2 O3'   146.144 
GLU 'L-peptide linking' y 'GLUTAMIC ACID' ? 'C5 H9 N O4'     147.129 
GLY 'peptide linking'   y GLYCINE         ? 'C2 H5 N O2'     75.067  
HIS 'L-peptide linking' y HISTIDINE       ? 'C6 H10 N3 O2 1' 156.162 
HOH non-polymer         . WATER           ? 'H2 O'           18.015  
ILE 'L-peptide linking' y ISOLEUCINE      ? 'C6 H13 N O2'    131.173 
LEU 'L-peptide linking' y LEUCINE         ? 'C6 H13 N O2'    131.173 
LYS 'L-peptide linking' y LYSINE          ? 'C6 H15 N2 O2 1' 147.195 
MET 'L-peptide linking' y METHIONINE      ? 'C5 H11 N O2 S'  149.211 
PHE 'L-peptide linking' y PHENYLALANINE   ? 'C9 H11 N O2'    165.189 
PRO 'L-peptide linking' y PROLINE         ? 'C5 H9 N O2'     115.130 
SER 'L-peptide linking' y SERINE          ? 'C3 H7 N O3'     105.093 
THR 'L-peptide linking' y THREONINE       ? 'C4 H9 N O3'     119.119 
TRP 'L-peptide linking' y TRYPTOPHAN      ? 'C11 H12 N2 O2'  204.225 
TYR 'L-peptide linking' y TYROSINE        ? 'C9 H11 N O3'    181.189 
VAL 'L-peptide linking' y VALINE          ? 'C5 H11 N O2'    117.146 
# 
loop_
_pdbx_poly_seq_scheme.asym_id 
_pdbx_poly_seq_scheme.entity_id 
_pdbx_poly_seq_scheme.seq_id 
_pdbx_poly_seq_scheme.mon_id 
_pdbx_poly_seq_scheme.ndb_seq_num 
_pdbx_poly_seq_scheme.pdb_seq_num 
_pdbx_poly_seq_scheme.auth_seq_num 
_pdbx_poly_seq_scheme.pdb_mon_id 
_pdbx_poly_seq_scheme.auth_mon_id 
_pdbx_poly_seq_scheme.pdb_strand_id 
_pdbx_poly_seq_scheme.pdb_ins_code 
_pdbx_poly_seq_scheme.hetero 
A 1 1   GLN 1   1   ?   ?   ?   A . n 
A 1 2   LYS 2   2   ?   ?   ?   A . n 
A 1 3   PRO 3   3   ?   ?   ?   A . n 
A 1 4   GLN 4   4   ?   ?   ?   A . n 
A 1 5   ARG 5   5   ?   ?   ?   A . n 
A 1 6   PRO 6   6   ?   ?   ?   A . n 
A 1 7   ARG 7   7   ?   ?   ?   A . n 
A 1 8   ARG 8   8   ?   ?   ?   A . n 
A 1 9   PRO 9   9   ?   ?   ?   A . n 
A 1 10  ALA 10  10  10  ALA ALA A . n 
A 1 11  SER 11  11  11  SER SER A . n 
A 1 12  PRO 12  12  12  PRO PRO A . n 
A 1 13  ILE 13  13  13  ILE ILE A . n 
A 1 14  SER 14  14  14  SER SER A . n 
A 1 15  THR 15  15  15  THR THR A . n 
A 1 16  ILE 16  16  16  ILE ILE A . n 
A 1 17  GLN 17  17  17  GLN GLN A . n 
A 1 18  PRO 18  18  18  PRO PRO A . n 
A 1 19  LYS 19  19  19  LYS LYS A . n 
A 1 20  ALA 20  20  20  ALA ALA A . n 
A 1 21  ASN 21  21  21  ASN ASN A . n 
A 1 22  PHE 22  22  22  PHE PHE A . n 
A 1 23  ASP 23  23  23  ASP ASP A . n 
A 1 24  ALA 24  24  24  ALA ALA A . n 
A 1 25  GLN 25  25  25  GLN GLN A . n 
A 1 26  GLN 26  26  26  GLN GLN A . n 
A 1 27  PHE 27  27  27  PHE PHE A . n 
A 1 28  ALA 28  28  28  ALA ALA A . n 
A 1 29  GLY 29  29  29  GLY GLY A . n 
A 1 30  THR 30  30  30  THR THR A . n 
A 1 31  TRP 31  31  31  TRP TRP A . n 
A 1 32  LEU 32  32  32  LEU LEU A . n 
A 1 33  LEU 33  33  33  LEU LEU A . n 
A 1 34  VAL 34  34  34  VAL VAL A . n 
A 1 35  ALA 35  35  35  ALA ALA A . n 
A 1 36  VAL 36  36  36  VAL VAL A . n 
A 1 37  GLY 37  37  37  GLY GLY A . n 
A 1 38  SER 38  38  38  SER SER A . n 
A 1 39  ALA 39  39  39  ALA ALA A . n 
A 1 40  GLY 40  40  40  GLY GLY A . n 
A 1 41  ARG 41  41  41  ARG ARG A . n 
A 1 42  PHE 42  42  ?   ?   ?   A . n 
A 1 43  LEU 43  43  ?   ?   ?   A . n 
A 1 44  GLN 44  44  ?   ?   ?   A . n 
A 1 45  GLU 45  45  ?   ?   ?   A . n 
A 1 46  GLN 46  46  ?   ?   ?   A . n 
A 1 47  GLY 47  47  ?   ?   ?   A . n 
A 1 48  HIS 48  48  ?   ?   ?   A . n 
A 1 49  ARG 49  49  49  ARG ARG A . n 
A 1 50  ALA 50  50  50  ALA ALA A . n 
A 1 51  GLU 51  51  51  GLU GLU A . n 
A 1 52  ALA 52  52  52  ALA ALA A . n 
A 1 53  THR 53  53  53  THR THR A . n 
A 1 54  THR 54  54  54  THR THR A . n 
A 1 55  LEU 55  55  55  LEU LEU A . n 
A 1 56  HIS 56  56  56  HIS HIS A . n 
A 1 57  VAL 57  57  57  VAL VAL A . n 
A 1 58  ALA 58  58  58  ALA ALA A . n 
A 1 59  PRO 59  59  59  PRO PRO A . n 
A 1 60  GLN 60  60  60  GLN GLN A . n 
A 1 61  GLY 61  61  61  GLY GLY A . n 
A 1 62  THR 62  62  62  THR THR A . n 
A 1 63  ALA 63  63  63  ALA ALA A . n 
A 1 64  MET 64  64  64  MET MET A . n 
A 1 65  ALA 65  65  65  ALA ALA A . n 
A 1 66  VAL 66  66  66  VAL VAL A . n 
A 1 67  SER 67  67  67  SER SER A . n 
A 1 68  THR 68  68  68  THR THR A . n 
A 1 69  PHE 69  69  69  PHE PHE A . n 
A 1 70  ARG 70  70  70  ARG ARG A . n 
A 1 71  LYS 71  71  71  LYS LYS A . n 
A 1 72  LEU 72  72  72  LEU LEU A . n 
A 1 73  ASP 73  73  73  ASP ASP A . n 
A 1 74  GLY 74  74  74  GLY GLY A . n 
A 1 75  ILE 75  75  75  ILE ILE A . n 
A 1 76  CYS 76  76  76  CYS CYS A . n 
A 1 77  TRP 77  77  77  TRP TRP A . n 
A 1 78  GLN 78  78  78  GLN GLN A . n 
A 1 79  VAL 79  79  79  VAL VAL A . n 
A 1 80  ARG 80  80  80  ARG ARG A . n 
A 1 81  GLN 81  81  81  GLN GLN A . n 
A 1 82  LEU 82  82  82  LEU LEU A . n 
A 1 83  TYR 83  83  83  TYR TYR A . n 
A 1 84  GLY 84  84  84  GLY GLY A . n 
A 1 85  ASP 85  85  85  ASP ASP A . n 
A 1 86  THR 86  86  86  THR THR A . n 
A 1 87  GLY 87  87  87  GLY GLY A . n 
A 1 88  VAL 88  88  88  VAL VAL A . n 
A 1 89  LEU 89  89  89  LEU LEU A . n 
A 1 90  GLY 90  90  90  GLY GLY A . n 
A 1 91  ARG 91  91  91  ARG ARG A . n 
A 1 92  PHE 92  92  92  PHE PHE A . n 
A 1 93  LEU 93  93  93  LEU LEU A . n 
A 1 94  LEU 94  94  94  LEU LEU A . n 
A 1 95  GLN 95  95  95  GLN GLN A . n 
A 1 96  ALA 96  96  96  ALA ALA A . n 
A 1 97  ARG 97  97  97  ARG ARG A . n 
A 1 98  GLY 98  98  98  GLY GLY A . n 
A 1 99  ALA 99  99  99  ALA ALA A . n 
A 1 100 ARG 100 100 100 ARG ARG A . n 
A 1 101 GLY 101 101 101 GLY GLY A . n 
A 1 102 ALA 102 102 102 ALA ALA A . n 
A 1 103 VAL 103 103 103 VAL VAL A . n 
A 1 104 HIS 104 104 104 HIS HIS A . n 
A 1 105 VAL 105 105 105 VAL VAL A . n 
A 1 106 VAL 106 106 106 VAL VAL A . n 
A 1 107 VAL 107 107 107 VAL VAL A . n 
A 1 108 ALA 108 108 108 ALA ALA A . n 
A 1 109 GLU 109 109 109 GLU GLU A . n 
A 1 110 THR 110 110 110 THR THR A . n 
A 1 111 ASP 111 111 111 ASP ASP A . n 
A 1 112 TYR 112 112 112 TYR TYR A . n 
A 1 113 GLN 113 113 113 GLN GLN A . n 
A 1 114 SER 114 114 114 SER SER A . n 
A 1 115 PHE 115 115 115 PHE PHE A . n 
A 1 116 ALA 116 116 116 ALA ALA A . n 
A 1 117 VAL 117 117 117 VAL VAL A . n 
A 1 118 LEU 118 118 118 LEU LEU A . n 
A 1 119 TYR 119 119 119 TYR TYR A . n 
A 1 120 LEU 120 120 120 LEU LEU A . n 
A 1 121 GLU 121 121 121 GLU GLU A . n 
A 1 122 ARG 122 122 122 ARG ARG A . n 
A 1 123 ALA 123 123 123 ALA ALA A . n 
A 1 124 GLY 124 124 124 GLY GLY A . n 
A 1 125 GLN 125 125 125 GLN GLN A . n 
A 1 126 LEU 126 126 126 LEU LEU A . n 
A 1 127 SER 127 127 127 SER SER A . n 
A 1 128 VAL 128 128 128 VAL VAL A . n 
A 1 129 LYS 129 129 129 LYS LYS A . n 
A 1 130 LEU 130 130 130 LEU LEU A . n 
A 1 131 TYR 131 131 131 TYR TYR A . n 
A 1 132 ALA 132 132 132 ALA ALA A . n 
A 1 133 ARG 133 133 133 ARG ARG A . n 
A 1 134 SER 134 134 134 SER SER A . n 
A 1 135 LEU 135 135 135 LEU LEU A . n 
A 1 136 PRO 136 136 136 PRO PRO A . n 
A 1 137 VAL 137 137 137 VAL VAL A . n 
A 1 138 SER 138 138 138 SER SER A . n 
A 1 139 ASP 139 139 139 ASP ASP A . n 
A 1 140 SER 140 140 140 SER SER A . n 
A 1 141 VAL 141 141 141 VAL VAL A . n 
A 1 142 LEU 142 142 142 LEU LEU A . n 
A 1 143 SER 143 143 143 SER SER A . n 
A 1 144 GLY 144 144 144 GLY GLY A . n 
A 1 145 PHE 145 145 145 PHE PHE A . n 
A 1 146 GLU 146 146 146 GLU GLU A . n 
A 1 147 GLN 147 147 147 GLN GLN A . n 
A 1 148 ARG 148 148 148 ARG ARG A . n 
A 1 149 VAL 149 149 149 VAL VAL A . n 
A 1 150 GLN 150 150 150 GLN GLN A . n 
A 1 151 GLU 151 151 151 GLU GLU A . n 
A 1 152 ALA 152 152 152 ALA ALA A . n 
A 1 153 HIS 153 153 153 HIS HIS A . n 
A 1 154 LEU 154 154 154 LEU LEU A . n 
A 1 155 THR 155 155 155 THR THR A . n 
A 1 156 GLU 156 156 156 GLU GLU A . n 
A 1 157 ASP 157 157 157 ASP ASP A . n 
A 1 158 GLN 158 158 158 GLN GLN A . n 
A 1 159 ILE 159 159 159 ILE ILE A . n 
A 1 160 PHE 160 160 160 PHE PHE A . n 
A 1 161 TYR 161 161 161 TYR TYR A . n 
A 1 162 PHE 162 162 162 PHE PHE A . n 
A 1 163 PRO 163 163 163 PRO PRO A . n 
A 1 164 LYS 164 164 164 LYS LYS A . n 
A 1 165 TYR 165 165 165 TYR TYR A . n 
A 1 166 GLY 166 166 166 GLY GLY A . n 
A 1 167 PHE 167 167 167 PHE PHE A . n 
A 1 168 CYS 168 168 168 CYS CYS A . n 
A 1 169 GLU 169 169 169 GLU GLU A . n 
A 1 170 ALA 170 170 170 ALA ALA A . n 
A 1 171 ALA 171 171 171 ALA ALA A . n 
A 1 172 ASP 172 172 172 ASP ASP A . n 
A 1 173 GLN 173 173 173 GLN GLN A . n 
A 1 174 PHE 174 174 174 PHE PHE A . n 
A 1 175 HIS 175 175 175 HIS HIS A . n 
A 1 176 VAL 176 176 176 VAL VAL A . n 
A 1 177 LEU 177 177 177 LEU LEU A . n 
A 1 178 ASP 178 178 178 ASP ASP A . n 
A 1 179 GLU 179 179 179 GLU GLU A . n 
A 1 180 VAL 180 180 180 VAL VAL A . n 
A 1 181 ARG 181 181 ?   ?   ?   A . n 
A 1 182 ARG 182 182 ?   ?   ?   A . n 
# 
loop_
_pdbx_nonpoly_scheme.asym_id 
_pdbx_nonpoly_scheme.entity_id 
_pdbx_nonpoly_scheme.mon_id 
_pdbx_nonpoly_scheme.ndb_seq_num 
_pdbx_nonpoly_scheme.pdb_seq_num 
_pdbx_nonpoly_scheme.auth_seq_num 
_pdbx_nonpoly_scheme.pdb_mon_id 
_pdbx_nonpoly_scheme.auth_mon_id 
_pdbx_nonpoly_scheme.pdb_strand_id 
_pdbx_nonpoly_scheme.pdb_ins_code 
B 2 CIT 1   200 200 CIT CIT A . 
C 3 HOH 1   300 300 HOH WAT A . 
C 3 HOH 2   301 301 HOH WAT A . 
C 3 HOH 3   302 302 HOH WAT A . 
C 3 HOH 4   303 303 HOH WAT A . 
C 3 HOH 5   304 304 HOH WAT A . 
C 3 HOH 6   305 305 HOH WAT A . 
C 3 HOH 7   306 306 HOH WAT A . 
C 3 HOH 8   307 307 HOH WAT A . 
C 3 HOH 9   308 308 HOH WAT A . 
C 3 HOH 10  309 309 HOH WAT A . 
C 3 HOH 11  310 310 HOH WAT A . 
C 3 HOH 12  311 311 HOH WAT A . 
C 3 HOH 13  312 312 HOH WAT A . 
C 3 HOH 14  313 313 HOH WAT A . 
C 3 HOH 15  314 314 HOH WAT A . 
C 3 HOH 16  315 315 HOH WAT A . 
C 3 HOH 17  316 316 HOH WAT A . 
C 3 HOH 18  317 317 HOH WAT A . 
C 3 HOH 19  318 318 HOH WAT A . 
C 3 HOH 20  319 319 HOH WAT A . 
C 3 HOH 21  320 320 HOH WAT A . 
C 3 HOH 22  321 321 HOH WAT A . 
C 3 HOH 23  322 322 HOH WAT A . 
C 3 HOH 24  323 323 HOH WAT A . 
C 3 HOH 25  324 324 HOH WAT A . 
C 3 HOH 26  325 325 HOH WAT A . 
C 3 HOH 27  326 326 HOH WAT A . 
C 3 HOH 28  327 327 HOH WAT A . 
C 3 HOH 29  328 328 HOH WAT A . 
C 3 HOH 30  329 329 HOH WAT A . 
C 3 HOH 31  330 330 HOH WAT A . 
C 3 HOH 32  331 331 HOH WAT A . 
C 3 HOH 33  332 332 HOH WAT A . 
C 3 HOH 34  333 333 HOH WAT A . 
C 3 HOH 35  334 334 HOH WAT A . 
C 3 HOH 36  335 335 HOH WAT A . 
C 3 HOH 37  336 336 HOH WAT A . 
C 3 HOH 38  337 337 HOH WAT A . 
C 3 HOH 39  338 338 HOH WAT A . 
C 3 HOH 40  339 339 HOH WAT A . 
C 3 HOH 41  340 340 HOH WAT A . 
C 3 HOH 42  341 341 HOH WAT A . 
C 3 HOH 43  342 342 HOH WAT A . 
C 3 HOH 44  343 343 HOH WAT A . 
C 3 HOH 45  344 344 HOH WAT A . 
C 3 HOH 46  345 345 HOH WAT A . 
C 3 HOH 47  346 346 HOH WAT A . 
C 3 HOH 48  347 347 HOH WAT A . 
C 3 HOH 49  348 348 HOH WAT A . 
C 3 HOH 50  349 349 HOH WAT A . 
C 3 HOH 51  350 350 HOH WAT A . 
C 3 HOH 52  351 351 HOH WAT A . 
C 3 HOH 53  352 352 HOH WAT A . 
C 3 HOH 54  353 353 HOH WAT A . 
C 3 HOH 55  354 354 HOH WAT A . 
C 3 HOH 56  355 355 HOH WAT A . 
C 3 HOH 57  356 356 HOH WAT A . 
C 3 HOH 58  357 357 HOH WAT A . 
C 3 HOH 59  358 358 HOH WAT A . 
C 3 HOH 60  359 359 HOH WAT A . 
C 3 HOH 61  360 360 HOH WAT A . 
C 3 HOH 62  361 361 HOH WAT A . 
C 3 HOH 63  362 362 HOH WAT A . 
C 3 HOH 64  363 363 HOH WAT A . 
C 3 HOH 65  364 364 HOH WAT A . 
C 3 HOH 66  365 365 HOH WAT A . 
C 3 HOH 67  366 366 HOH WAT A . 
C 3 HOH 68  367 367 HOH WAT A . 
C 3 HOH 69  368 368 HOH WAT A . 
C 3 HOH 70  369 369 HOH WAT A . 
C 3 HOH 71  370 370 HOH WAT A . 
C 3 HOH 72  371 371 HOH WAT A . 
C 3 HOH 73  372 372 HOH WAT A . 
C 3 HOH 74  373 373 HOH WAT A . 
C 3 HOH 75  374 374 HOH WAT A . 
C 3 HOH 76  375 375 HOH WAT A . 
C 3 HOH 77  376 376 HOH WAT A . 
C 3 HOH 78  377 377 HOH WAT A . 
C 3 HOH 79  378 378 HOH WAT A . 
C 3 HOH 80  379 379 HOH WAT A . 
C 3 HOH 81  380 380 HOH WAT A . 
C 3 HOH 82  381 381 HOH WAT A . 
C 3 HOH 83  382 382 HOH WAT A . 
C 3 HOH 84  383 383 HOH WAT A . 
C 3 HOH 85  384 384 HOH WAT A . 
C 3 HOH 86  385 385 HOH WAT A . 
C 3 HOH 87  386 386 HOH WAT A . 
C 3 HOH 88  387 387 HOH WAT A . 
C 3 HOH 89  388 388 HOH WAT A . 
C 3 HOH 90  389 389 HOH WAT A . 
C 3 HOH 91  390 390 HOH WAT A . 
C 3 HOH 92  391 391 HOH WAT A . 
C 3 HOH 93  392 392 HOH WAT A . 
C 3 HOH 94  393 393 HOH WAT A . 
C 3 HOH 95  394 394 HOH WAT A . 
C 3 HOH 96  395 395 HOH WAT A . 
C 3 HOH 97  396 396 HOH WAT A . 
C 3 HOH 98  397 397 HOH WAT A . 
C 3 HOH 99  398 398 HOH WAT A . 
C 3 HOH 100 399 399 HOH WAT A . 
C 3 HOH 101 400 400 HOH WAT A . 
C 3 HOH 102 401 401 HOH WAT A . 
C 3 HOH 103 402 402 HOH WAT A . 
C 3 HOH 104 403 403 HOH WAT A . 
C 3 HOH 105 404 404 HOH WAT A . 
C 3 HOH 106 405 405 HOH WAT A . 
C 3 HOH 107 406 406 HOH WAT A . 
C 3 HOH 108 407 407 HOH WAT A . 
C 3 HOH 109 408 408 HOH WAT A . 
C 3 HOH 110 409 409 HOH WAT A . 
C 3 HOH 111 410 410 HOH WAT A . 
C 3 HOH 112 411 411 HOH WAT A . 
C 3 HOH 113 412 412 HOH WAT A . 
C 3 HOH 114 413 413 HOH WAT A . 
C 3 HOH 115 414 414 HOH WAT A . 
C 3 HOH 116 415 415 HOH WAT A . 
C 3 HOH 117 416 416 HOH WAT A . 
C 3 HOH 118 417 417 HOH WAT A . 
C 3 HOH 119 418 418 HOH WAT A . 
C 3 HOH 120 419 419 HOH WAT A . 
C 3 HOH 121 420 420 HOH WAT A . 
C 3 HOH 122 421 421 HOH WAT A . 
C 3 HOH 123 422 422 HOH WAT A . 
C 3 HOH 124 423 423 HOH WAT A . 
C 3 HOH 125 424 424 HOH WAT A . 
C 3 HOH 126 425 425 HOH WAT A . 
C 3 HOH 127 426 426 HOH WAT A . 
C 3 HOH 128 427 427 HOH WAT A . 
C 3 HOH 129 428 428 HOH WAT A . 
C 3 HOH 130 429 429 HOH WAT A . 
C 3 HOH 131 430 430 HOH WAT A . 
C 3 HOH 132 431 431 HOH WAT A . 
C 3 HOH 133 432 432 HOH WAT A . 
C 3 HOH 134 433 433 HOH WAT A . 
C 3 HOH 135 434 434 HOH WAT A . 
C 3 HOH 136 435 435 HOH WAT A . 
C 3 HOH 137 436 436 HOH WAT A . 
C 3 HOH 138 437 437 HOH WAT A . 
C 3 HOH 139 438 438 HOH WAT A . 
C 3 HOH 140 439 439 HOH WAT A . 
C 3 HOH 141 440 440 HOH WAT A . 
C 3 HOH 142 441 441 HOH WAT A . 
C 3 HOH 143 442 442 HOH WAT A . 
C 3 HOH 144 443 443 HOH WAT A . 
C 3 HOH 145 444 444 HOH WAT A . 
C 3 HOH 146 445 445 HOH WAT A . 
C 3 HOH 147 446 446 HOH WAT A . 
C 3 HOH 148 447 447 HOH WAT A . 
C 3 HOH 149 448 448 HOH WAT A . 
C 3 HOH 150 449 449 HOH WAT A . 
C 3 HOH 151 450 450 HOH WAT A . 
C 3 HOH 152 451 451 HOH WAT A . 
C 3 HOH 153 452 452 HOH WAT A . 
C 3 HOH 154 453 453 HOH WAT A . 
C 3 HOH 155 454 454 HOH WAT A . 
C 3 HOH 156 455 455 HOH WAT A . 
C 3 HOH 157 456 456 HOH WAT A . 
C 3 HOH 158 457 457 HOH WAT A . 
C 3 HOH 159 458 458 HOH WAT A . 
C 3 HOH 160 459 459 HOH WAT A . 
C 3 HOH 161 460 460 HOH WAT A . 
C 3 HOH 162 461 461 HOH WAT A . 
C 3 HOH 163 462 462 HOH WAT A . 
C 3 HOH 164 463 463 HOH WAT A . 
C 3 HOH 165 464 464 HOH WAT A . 
C 3 HOH 166 465 465 HOH WAT A . 
C 3 HOH 167 466 466 HOH WAT A . 
C 3 HOH 168 467 467 HOH WAT A . 
C 3 HOH 169 468 468 HOH WAT A . 
C 3 HOH 170 469 469 HOH WAT A . 
C 3 HOH 171 470 470 HOH WAT A . 
C 3 HOH 172 471 471 HOH WAT A . 
C 3 HOH 173 472 472 HOH WAT A . 
C 3 HOH 174 473 473 HOH WAT A . 
C 3 HOH 175 474 474 HOH WAT A . 
C 3 HOH 176 475 475 HOH WAT A . 
C 3 HOH 177 476 476 HOH WAT A . 
C 3 HOH 178 477 477 HOH WAT A . 
C 3 HOH 179 478 478 HOH WAT A . 
C 3 HOH 180 479 479 HOH WAT A . 
C 3 HOH 181 480 480 HOH WAT A . 
C 3 HOH 182 481 481 HOH WAT A . 
C 3 HOH 183 482 482 HOH WAT A . 
C 3 HOH 184 483 483 HOH WAT A . 
C 3 HOH 185 484 484 HOH WAT A . 
C 3 HOH 186 485 485 HOH WAT A . 
# 
loop_
_software.name 
_software.classification 
_software.version 
_software.citation_id 
_software.pdbx_ordinal 
_software.date 
_software.type 
_software.location 
_software.language 
HKL-2000 'data collection' .   ? 1 ? ? ? ? 
HKL-2000 'data reduction'  .   ? 2 ? ? ? ? 
SOLVE    phasing           .   ? 3 ? ? ? ? 
RESOLVE  'model building'  .   ? 4 ? ? ? ? 
CNS      refinement        1.1 ? 5 ? ? ? ? 
HKL-2000 'data scaling'    .   ? 6 ? ? ? ? 
RESOLVE  phasing           .   ? 7 ? ? ? ? 
# 
_cell.entry_id           1LF7 
_cell.length_a           42.448 
_cell.length_b           58.993 
_cell.length_c           72.053 
_cell.angle_alpha        90.00 
_cell.angle_beta         90.00 
_cell.angle_gamma        90.00 
_cell.Z_PDB              4 
_cell.pdbx_unique_axis   ? 
# 
_symmetry.entry_id                         1LF7 
_symmetry.space_group_name_H-M             'P 21 21 21' 
_symmetry.pdbx_full_space_group_name_H-M   ? 
_symmetry.cell_setting                     ? 
_symmetry.Int_Tables_number                19 
# 
_exptl.entry_id          1LF7 
_exptl.method            'X-RAY DIFFRACTION' 
_exptl.crystals_number   1 
# 
_exptl_crystal.id                    1 
_exptl_crystal.density_meas          ? 
_exptl_crystal.density_percent_sol   44.61 
_exptl_crystal.density_Matthews      2.22 
_exptl_crystal.description           ? 
_exptl_crystal.preparation           ? 
# 
_exptl_crystal_grow.crystal_id      1 
_exptl_crystal_grow.method          'VAPOR DIFFUSION, HANGING DROP' 
_exptl_crystal_grow.temp            277 
_exptl_crystal_grow.temp_details    ? 
_exptl_crystal_grow.pH              4.0 
_exptl_crystal_grow.pdbx_details    'PEG 4000, sodium citrate, pH 4.0, VAPOR DIFFUSION, HANGING DROP, temperature 277K' 
_exptl_crystal_grow.pdbx_pH_range   ? 
# 
_diffrn.id                     1 
_diffrn.ambient_temp           94 
_diffrn.ambient_temp_details   ? 
_diffrn.crystal_id             1 
# 
_diffrn_detector.diffrn_id              1 
_diffrn_detector.detector               PIXEL 
_diffrn_detector.type                   'DECTRIS PILATUS3 X 6M' 
_diffrn_detector.pdbx_collection_date   1999-06-26 
_diffrn_detector.details                ? 
# 
_diffrn_radiation.diffrn_id                        1 
_diffrn_radiation.wavelength_id                    1 
_diffrn_radiation.pdbx_monochromatic_or_laue_m_l   M 
_diffrn_radiation.monochromator                    
;High resolution pass with 0.6 degree osc. 
Low resolution pass with 1.5 degree osc.
;
_diffrn_radiation.pdbx_diffrn_protocol             'SINGLE WAVELENGTH' 
_diffrn_radiation.pdbx_scattering_type             x-ray 
# 
_diffrn_radiation_wavelength.id           1 
_diffrn_radiation_wavelength.wavelength   1.0 
_diffrn_radiation_wavelength.wt           1.0 
# 
_diffrn_source.diffrn_id                   1 
_diffrn_source.source                      SYNCHROTRON 
_diffrn_source.type                        'APS BEAMLINE 19-ID' 
_diffrn_source.pdbx_synchrotron_site       APS 
_diffrn_source.pdbx_synchrotron_beamline   19-ID 
_diffrn_source.pdbx_wavelength             ? 
_diffrn_source.pdbx_wavelength_list        1.0 
# 
_reflns.entry_id                     1LF7 
_reflns.observed_criterion_sigma_I   1.5 
_reflns.observed_criterion_sigma_F   3 
_reflns.d_resolution_low             50 
_reflns.d_resolution_high            1.2 
_reflns.number_obs                   53030 
_reflns.number_all                   57166 
_reflns.percent_possible_obs         92.2 
_reflns.pdbx_Rmerge_I_obs            0.043 
_reflns.pdbx_Rsym_value              ? 
_reflns.pdbx_netI_over_sigmaI        ? 
_reflns.B_iso_Wilson_estimate        9.5 
_reflns.pdbx_redundancy              ? 
_reflns.R_free_details               ? 
_reflns.limit_h_max                  ? 
_reflns.limit_h_min                  ? 
_reflns.limit_k_max                  ? 
_reflns.limit_k_min                  ? 
_reflns.limit_l_max                  ? 
_reflns.limit_l_min                  ? 
_reflns.observed_criterion_F_max     ? 
_reflns.observed_criterion_F_min     ? 
_reflns.pdbx_diffrn_id               1 
_reflns.pdbx_ordinal                 1 
# 
_reflns_shell.d_res_high             1.20 
_reflns_shell.d_res_low              1.24 
_reflns_shell.percent_possible_all   63.3 
_reflns_shell.Rmerge_I_obs           ? 
_reflns_shell.pdbx_Rsym_value        ? 
_reflns_shell.meanI_over_sigI_obs    ? 
_reflns_shell.pdbx_redundancy        ? 
_reflns_shell.percent_possible_obs   ? 
_reflns_shell.number_unique_all      ? 
_reflns_shell.pdbx_diffrn_id         ? 
_reflns_shell.pdbx_ordinal           1 
# 
_refine.entry_id                                 1LF7 
_refine.ls_number_reflns_obs                     46632 
_refine.ls_number_reflns_all                     ? 
_refine.pdbx_ls_sigma_I                          ? 
_refine.pdbx_ls_sigma_F                          0.0 
_refine.pdbx_data_cutoff_high_absF               364398.04 
_refine.pdbx_data_cutoff_low_absF                0.000000 
_refine.ls_d_res_low                             36.03 
_refine.ls_d_res_high                            1.20 
_refine.ls_percent_reflns_obs                    81.2 
_refine.ls_R_factor_obs                          0.223 
_refine.ls_R_factor_all                          ? 
_refine.ls_R_factor_R_work                       0.223 
_refine.ls_R_factor_R_free                       0.229 
_refine.ls_R_factor_R_free_error                 0.003 
_refine.ls_R_factor_R_free_error_details         ? 
_refine.ls_percent_reflns_R_free                 10.0 
_refine.ls_number_reflns_R_free                  4673 
_refine.ls_number_parameters                     ? 
_refine.ls_number_restraints                     ? 
_refine.occupancy_min                            ? 
_refine.occupancy_max                            ? 
_refine.B_iso_mean                               14.8 
_refine.aniso_B[1][1]                            -0.31 
_refine.aniso_B[2][2]                            0.20 
_refine.aniso_B[3][3]                            0.11 
_refine.aniso_B[1][2]                            0.00 
_refine.aniso_B[1][3]                            0.00 
_refine.aniso_B[2][3]                            0.00 
_refine.solvent_model_details                    'FLAT MODEL' 
_refine.solvent_model_param_ksol                 0.371956 
_refine.solvent_model_param_bsol                 41.1352 
_refine.pdbx_ls_cross_valid_method               THROUGHOUT 
_refine.details                                  'The structure was refined also with Turbo Frodo.' 
_refine.pdbx_starting_model                      ? 
_refine.pdbx_method_to_determine_struct          MIRAS 
_refine.pdbx_isotropic_thermal_model             RESTRAINED 
_refine.pdbx_stereochemistry_target_values       'Engh & Huber' 
_refine.pdbx_stereochem_target_val_spec_case     ? 
_refine.pdbx_R_Free_selection_details            RANDOM 
_refine.pdbx_overall_ESU_R_Free                  ? 
_refine.overall_SU_B                             ? 
_refine.ls_redundancy_reflns_obs                 ? 
_refine.B_iso_min                                ? 
_refine.B_iso_max                                ? 
_refine.correlation_coeff_Fo_to_Fc               ? 
_refine.overall_SU_R_Cruickshank_DPI             ? 
_refine.overall_SU_R_free                        ? 
_refine.overall_SU_ML                            ? 
_refine.pdbx_overall_ESU_R                       ? 
_refine.pdbx_data_cutoff_high_rms_absF           ? 
_refine.correlation_coeff_Fo_to_Fc_free          ? 
_refine.pdbx_solvent_vdw_probe_radii             ? 
_refine.pdbx_solvent_ion_probe_radii             ? 
_refine.pdbx_solvent_shrinkage_radii             ? 
_refine.pdbx_refine_id                           'X-RAY DIFFRACTION' 
_refine.pdbx_diffrn_id                           1 
_refine.pdbx_TLS_residual_ADP_flag               ? 
_refine.pdbx_overall_phase_error                 ? 
_refine.pdbx_overall_SU_R_free_Cruickshank_DPI   ? 
_refine.pdbx_overall_SU_R_Blow_DPI               ? 
_refine.pdbx_overall_SU_R_free_Blow_DPI          ? 
# 
_refine_analyze.entry_id                        1LF7 
_refine_analyze.Luzzati_coordinate_error_obs    0.16 
_refine_analyze.Luzzati_sigma_a_obs             0.16 
_refine_analyze.Luzzati_d_res_low_obs           5.00 
_refine_analyze.Luzzati_coordinate_error_free   0.16 
_refine_analyze.Luzzati_sigma_a_free            0.15 
_refine_analyze.Luzzati_d_res_low_free          ? 
_refine_analyze.number_disordered_residues      ? 
_refine_analyze.occupancy_sum_hydrogen          ? 
_refine_analyze.occupancy_sum_non_hydrogen      ? 
_refine_analyze.pdbx_Luzzati_d_res_high_obs     ? 
_refine_analyze.pdbx_refine_id                  'X-RAY DIFFRACTION' 
# 
_refine_hist.pdbx_refine_id                   'X-RAY DIFFRACTION' 
_refine_hist.cycle_id                         LAST 
_refine_hist.pdbx_number_atoms_protein        1271 
_refine_hist.pdbx_number_atoms_nucleic_acid   0 
_refine_hist.pdbx_number_atoms_ligand         13 
_refine_hist.number_atoms_solvent             186 
_refine_hist.number_atoms_total               1470 
_refine_hist.d_res_high                       1.20 
_refine_hist.d_res_low                        36.03 
# 
loop_
_refine_ls_restr.type 
_refine_ls_restr.dev_ideal 
_refine_ls_restr.dev_ideal_target 
_refine_ls_restr.weight 
_refine_ls_restr.number 
_refine_ls_restr.pdbx_refine_id 
_refine_ls_restr.pdbx_restraint_function 
c_bond_d           0.004 ?    ? ? 'X-RAY DIFFRACTION' ? 
c_angle_deg        1.1   ?    ? ? 'X-RAY DIFFRACTION' ? 
c_dihedral_angle_d 26.3  ?    ? ? 'X-RAY DIFFRACTION' ? 
c_improper_angle_d 0.67  ?    ? ? 'X-RAY DIFFRACTION' ? 
c_mcbond_it        1.23  1.50 ? ? 'X-RAY DIFFRACTION' ? 
c_mcangle_it       1.82  2.00 ? ? 'X-RAY DIFFRACTION' ? 
c_scbond_it        1.87  2.00 ? ? 'X-RAY DIFFRACTION' ? 
c_scangle_it       2.73  2.50 ? ? 'X-RAY DIFFRACTION' ? 
# 
_refine_ls_shell.pdbx_total_number_of_bins_used   6 
_refine_ls_shell.d_res_high                       1.20 
_refine_ls_shell.d_res_low                        1.28 
_refine_ls_shell.number_reflns_R_work             3741 
_refine_ls_shell.R_factor_R_work                  0.321 
_refine_ls_shell.percent_reflns_obs               44.3 
_refine_ls_shell.R_factor_R_free                  0.308 
_refine_ls_shell.R_factor_R_free_error            0.015 
_refine_ls_shell.percent_reflns_R_free            10.4 
_refine_ls_shell.number_reflns_R_free             434 
_refine_ls_shell.number_reflns_obs                ? 
_refine_ls_shell.redundancy_reflns_obs            ? 
_refine_ls_shell.number_reflns_all                ? 
_refine_ls_shell.pdbx_refine_id                   'X-RAY DIFFRACTION' 
_refine_ls_shell.R_factor_all                     ? 
# 
loop_
_pdbx_xplor_file.serial_no 
_pdbx_xplor_file.param_file 
_pdbx_xplor_file.topol_file 
_pdbx_xplor_file.pdbx_refine_id 
1 PROTEIN_REP.PARAM PROTEIN.TOP 'X-RAY DIFFRACTION' 
2 WATER_REP.PARAM   WATER.TOP   'X-RAY DIFFRACTION' 
3 CITRATE.PARAM     CITRATE.TOP 'X-RAY DIFFRACTION' 
# 
_struct.entry_id                  1LF7 
_struct.title                     'Crystal Structure of Human Complement Protein C8gamma at 1.2 A Resolution' 
_struct.pdbx_model_details        ? 
_struct.pdbx_CASP_flag            ? 
_struct.pdbx_model_type_details   ? 
# 
_struct_keywords.entry_id        1LF7 
_struct_keywords.pdbx_keywords   'IMMUNE SYSTEM' 
_struct_keywords.text            'lipocalin, beta barrel, calyx, complement, MAC, IMMUNE SYSTEM' 
# 
loop_
_struct_asym.id 
_struct_asym.pdbx_blank_PDB_chainid_flag 
_struct_asym.pdbx_modified 
_struct_asym.entity_id 
_struct_asym.details 
A N N 1 ? 
B N N 2 ? 
C N N 3 ? 
# 
_struct_ref.id                         1 
_struct_ref.db_name                    UNP 
_struct_ref.db_code                    CO8G_HUMAN 
_struct_ref.entity_id                  1 
_struct_ref.pdbx_seq_one_letter_code   
;QKPQRPRRPASPISTIQPKANFDAQQFAGTWLLVAVGSACRFLQEQGHRAEATTLHVAPQGTAMAVSTFRKLDGICWQVR
QLYGDTGVLGRFLLQARGARGAVHVVVAETDYQSFAVLYLERAGQLSVKLYARSLPVSDSVLSGFEQRVQEAHLTEDQIF
YFPKYGFCEAADQFHVLDEVRR
;
_struct_ref.pdbx_align_begin           21 
_struct_ref.pdbx_db_accession          P07360 
_struct_ref.pdbx_db_isoform            ? 
# 
_struct_ref_seq.align_id                      1 
_struct_ref_seq.ref_id                        1 
_struct_ref_seq.pdbx_PDB_id_code              1LF7 
_struct_ref_seq.pdbx_strand_id                A 
_struct_ref_seq.seq_align_beg                 1 
_struct_ref_seq.pdbx_seq_align_beg_ins_code   ? 
_struct_ref_seq.seq_align_end                 182 
_struct_ref_seq.pdbx_seq_align_end_ins_code   ? 
_struct_ref_seq.pdbx_db_accession             P07360 
_struct_ref_seq.db_align_beg                  21 
_struct_ref_seq.pdbx_db_align_beg_ins_code    ? 
_struct_ref_seq.db_align_end                  202 
_struct_ref_seq.pdbx_db_align_end_ins_code    ? 
_struct_ref_seq.pdbx_auth_seq_align_beg       1 
_struct_ref_seq.pdbx_auth_seq_align_end       182 
# 
_struct_ref_seq_dif.align_id                     1 
_struct_ref_seq_dif.pdbx_pdb_id_code             1LF7 
_struct_ref_seq_dif.mon_id                       GLY 
_struct_ref_seq_dif.pdbx_pdb_strand_id           A 
_struct_ref_seq_dif.seq_num                      40 
_struct_ref_seq_dif.pdbx_pdb_ins_code            ? 
_struct_ref_seq_dif.pdbx_seq_db_name             UNP 
_struct_ref_seq_dif.pdbx_seq_db_accession_code   P07360 
_struct_ref_seq_dif.db_mon_id                    CYS 
_struct_ref_seq_dif.pdbx_seq_db_seq_num          60 
_struct_ref_seq_dif.details                      'engineered mutation' 
_struct_ref_seq_dif.pdbx_auth_seq_num            40 
_struct_ref_seq_dif.pdbx_ordinal                 1 
# 
_pdbx_struct_assembly.id                   1 
_pdbx_struct_assembly.details              author_defined_assembly 
_pdbx_struct_assembly.method_details       ? 
_pdbx_struct_assembly.oligomeric_details   monomeric 
_pdbx_struct_assembly.oligomeric_count     1 
# 
_pdbx_struct_assembly_gen.assembly_id       1 
_pdbx_struct_assembly_gen.oper_expression   1 
_pdbx_struct_assembly_gen.asym_id_list      A,B,C 
# 
_pdbx_struct_oper_list.id                   1 
_pdbx_struct_oper_list.type                 'identity operation' 
_pdbx_struct_oper_list.name                 1_555 
_pdbx_struct_oper_list.symmetry_operation   x,y,z 
_pdbx_struct_oper_list.matrix[1][1]         1.0000000000 
_pdbx_struct_oper_list.matrix[1][2]         0.0000000000 
_pdbx_struct_oper_list.matrix[1][3]         0.0000000000 
_pdbx_struct_oper_list.vector[1]            0.0000000000 
_pdbx_struct_oper_list.matrix[2][1]         0.0000000000 
_pdbx_struct_oper_list.matrix[2][2]         1.0000000000 
_pdbx_struct_oper_list.matrix[2][3]         0.0000000000 
_pdbx_struct_oper_list.vector[2]            0.0000000000 
_pdbx_struct_oper_list.matrix[3][1]         0.0000000000 
_pdbx_struct_oper_list.matrix[3][2]         0.0000000000 
_pdbx_struct_oper_list.matrix[3][3]         1.0000000000 
_pdbx_struct_oper_list.vector[3]            0.0000000000 
# 
loop_
_struct_conf.conf_type_id 
_struct_conf.id 
_struct_conf.pdbx_PDB_helix_id 
_struct_conf.beg_label_comp_id 
_struct_conf.beg_label_asym_id 
_struct_conf.beg_label_seq_id 
_struct_conf.pdbx_beg_PDB_ins_code 
_struct_conf.end_label_comp_id 
_struct_conf.end_label_asym_id 
_struct_conf.end_label_seq_id 
_struct_conf.pdbx_end_PDB_ins_code 
_struct_conf.beg_auth_comp_id 
_struct_conf.beg_auth_asym_id 
_struct_conf.beg_auth_seq_id 
_struct_conf.end_auth_comp_id 
_struct_conf.end_auth_asym_id 
_struct_conf.end_auth_seq_id 
_struct_conf.pdbx_PDB_helix_class 
_struct_conf.details 
_struct_conf.pdbx_PDB_helix_length 
HELX_P HELX_P1 1 SER A 11  ? ILE A 16  ? SER A 11  ILE A 16  5 ? 6  
HELX_P HELX_P2 2 ASP A 23  ? ALA A 28  ? ASP A 23  ALA A 28  1 ? 6  
HELX_P HELX_P3 3 SER A 138 ? ALA A 152 ? SER A 138 ALA A 152 1 ? 15 
HELX_P HELX_P4 4 THR A 155 ? ASP A 157 ? THR A 155 ASP A 157 5 ? 3  
HELX_P HELX_P5 5 ASP A 172 ? PHE A 174 ? ASP A 172 PHE A 174 5 ? 3  
# 
_struct_conf_type.id          HELX_P 
_struct_conf_type.criteria    ? 
_struct_conf_type.reference   ? 
# 
_struct_conn.id                            disulf1 
_struct_conn.conn_type_id                  disulf 
_struct_conn.pdbx_leaving_atom_flag        ? 
_struct_conn.pdbx_PDB_id                   ? 
_struct_conn.ptnr1_label_asym_id           A 
_struct_conn.ptnr1_label_comp_id           CYS 
_struct_conn.ptnr1_label_seq_id            76 
_struct_conn.ptnr1_label_atom_id           SG 
_struct_conn.pdbx_ptnr1_label_alt_id       ? 
_struct_conn.pdbx_ptnr1_PDB_ins_code       ? 
_struct_conn.pdbx_ptnr1_standard_comp_id   ? 
_struct_conn.ptnr1_symmetry                1_555 
_struct_conn.ptnr2_label_asym_id           A 
_struct_conn.ptnr2_label_comp_id           CYS 
_struct_conn.ptnr2_label_seq_id            168 
_struct_conn.ptnr2_label_atom_id           SG 
_struct_conn.pdbx_ptnr2_label_alt_id       ? 
_struct_conn.pdbx_ptnr2_PDB_ins_code       ? 
_struct_conn.ptnr1_auth_asym_id            A 
_struct_conn.ptnr1_auth_comp_id            CYS 
_struct_conn.ptnr1_auth_seq_id             76 
_struct_conn.ptnr2_auth_asym_id            A 
_struct_conn.ptnr2_auth_comp_id            CYS 
_struct_conn.ptnr2_auth_seq_id             168 
_struct_conn.ptnr2_symmetry                1_555 
_struct_conn.pdbx_ptnr3_label_atom_id      ? 
_struct_conn.pdbx_ptnr3_label_seq_id       ? 
_struct_conn.pdbx_ptnr3_label_comp_id      ? 
_struct_conn.pdbx_ptnr3_label_asym_id      ? 
_struct_conn.pdbx_ptnr3_label_alt_id       ? 
_struct_conn.pdbx_ptnr3_PDB_ins_code       ? 
_struct_conn.details                       ? 
_struct_conn.pdbx_dist_value               2.037 
_struct_conn.pdbx_value_order              ? 
_struct_conn.pdbx_role                     ? 
# 
_struct_conn_type.id          disulf 
_struct_conn_type.criteria    ? 
_struct_conn_type.reference   ? 
# 
_pdbx_modification_feature.ordinal                            1 
_pdbx_modification_feature.label_comp_id                      CYS 
_pdbx_modification_feature.label_asym_id                      A 
_pdbx_modification_feature.label_seq_id                       76 
_pdbx_modification_feature.label_alt_id                       ? 
_pdbx_modification_feature.modified_residue_label_comp_id     CYS 
_pdbx_modification_feature.modified_residue_label_asym_id     A 
_pdbx_modification_feature.modified_residue_label_seq_id      168 
_pdbx_modification_feature.modified_residue_label_alt_id      ? 
_pdbx_modification_feature.auth_comp_id                       CYS 
_pdbx_modification_feature.auth_asym_id                       A 
_pdbx_modification_feature.auth_seq_id                        76 
_pdbx_modification_feature.PDB_ins_code                       ? 
_pdbx_modification_feature.symmetry                           1_555 
_pdbx_modification_feature.modified_residue_auth_comp_id      CYS 
_pdbx_modification_feature.modified_residue_auth_asym_id      A 
_pdbx_modification_feature.modified_residue_auth_seq_id       168 
_pdbx_modification_feature.modified_residue_PDB_ins_code      ? 
_pdbx_modification_feature.modified_residue_symmetry          1_555 
_pdbx_modification_feature.comp_id_linking_atom               SG 
_pdbx_modification_feature.modified_residue_id_linking_atom   SG 
_pdbx_modification_feature.modified_residue_id                . 
_pdbx_modification_feature.ref_pcm_id                         . 
_pdbx_modification_feature.ref_comp_id                        . 
_pdbx_modification_feature.type                               None 
_pdbx_modification_feature.category                           'Disulfide bridge' 
# 
_struct_mon_prot_cis.pdbx_id                1 
_struct_mon_prot_cis.label_comp_id          LEU 
_struct_mon_prot_cis.label_seq_id           135 
_struct_mon_prot_cis.label_asym_id          A 
_struct_mon_prot_cis.label_alt_id           . 
_struct_mon_prot_cis.pdbx_PDB_ins_code      ? 
_struct_mon_prot_cis.auth_comp_id           LEU 
_struct_mon_prot_cis.auth_seq_id            135 
_struct_mon_prot_cis.auth_asym_id           A 
_struct_mon_prot_cis.pdbx_label_comp_id_2   PRO 
_struct_mon_prot_cis.pdbx_label_seq_id_2    136 
_struct_mon_prot_cis.pdbx_label_asym_id_2   A 
_struct_mon_prot_cis.pdbx_PDB_ins_code_2    ? 
_struct_mon_prot_cis.pdbx_auth_comp_id_2    PRO 
_struct_mon_prot_cis.pdbx_auth_seq_id_2     136 
_struct_mon_prot_cis.pdbx_auth_asym_id_2    A 
_struct_mon_prot_cis.pdbx_PDB_model_num     1 
_struct_mon_prot_cis.pdbx_omega_angle       0.38 
# 
_struct_sheet.id               A 
_struct_sheet.type             ? 
_struct_sheet.number_strands   14 
_struct_sheet.details          ? 
# 
loop_
_struct_sheet_order.sheet_id 
_struct_sheet_order.range_id_1 
_struct_sheet_order.range_id_2 
_struct_sheet_order.offset 
_struct_sheet_order.sense 
A 1  2  ? anti-parallel 
A 2  3  ? anti-parallel 
A 3  4  ? anti-parallel 
A 4  5  ? anti-parallel 
A 5  6  ? anti-parallel 
A 6  7  ? anti-parallel 
A 7  8  ? anti-parallel 
A 8  9  ? anti-parallel 
A 9  10 ? anti-parallel 
A 10 11 ? anti-parallel 
A 11 12 ? anti-parallel 
A 12 13 ? anti-parallel 
A 13 14 ? parallel      
# 
loop_
_struct_sheet_range.sheet_id 
_struct_sheet_range.id 
_struct_sheet_range.beg_label_comp_id 
_struct_sheet_range.beg_label_asym_id 
_struct_sheet_range.beg_label_seq_id 
_struct_sheet_range.pdbx_beg_PDB_ins_code 
_struct_sheet_range.end_label_comp_id 
_struct_sheet_range.end_label_asym_id 
_struct_sheet_range.end_label_seq_id 
_struct_sheet_range.pdbx_end_PDB_ins_code 
_struct_sheet_range.beg_auth_comp_id 
_struct_sheet_range.beg_auth_asym_id 
_struct_sheet_range.beg_auth_seq_id 
_struct_sheet_range.end_auth_comp_id 
_struct_sheet_range.end_auth_asym_id 
_struct_sheet_range.end_auth_seq_id 
A 1  ILE A 159 ? TYR A 161 ? ILE A 159 TYR A 161 
A 2  GLY A 29  ? GLY A 37  ? GLY A 29  GLY A 37  
A 3  THR A 53  ? GLN A 60  ? THR A 53  GLN A 60  
A 4  ALA A 63  ? LEU A 72  ? ALA A 63  LEU A 72  
A 5  ILE A 75  ? ASP A 85  ? ILE A 75  ASP A 85  
A 6  ARG A 91  ? LEU A 94  ? ARG A 91  LEU A 94  
A 7  VAL A 103 ? THR A 110 ? VAL A 103 THR A 110 
A 8  PHE A 115 ? ARG A 122 ? PHE A 115 ARG A 122 
A 9  GLN A 125 ? ALA A 132 ? GLN A 125 ALA A 132 
A 10 GLY A 29  ? GLY A 37  ? GLY A 29  GLY A 37  
A 11 THR A 53  ? GLN A 60  ? THR A 53  GLN A 60  
A 12 ALA A 63  ? LEU A 72  ? ALA A 63  LEU A 72  
A 13 ILE A 75  ? ASP A 85  ? ILE A 75  ASP A 85  
A 14 VAL A 176 ? ASP A 178 ? VAL A 176 ASP A 178 
# 
loop_
_pdbx_struct_sheet_hbond.sheet_id 
_pdbx_struct_sheet_hbond.range_id_1 
_pdbx_struct_sheet_hbond.range_id_2 
_pdbx_struct_sheet_hbond.range_1_label_atom_id 
_pdbx_struct_sheet_hbond.range_1_label_comp_id 
_pdbx_struct_sheet_hbond.range_1_label_asym_id 
_pdbx_struct_sheet_hbond.range_1_label_seq_id 
_pdbx_struct_sheet_hbond.range_1_PDB_ins_code 
_pdbx_struct_sheet_hbond.range_1_auth_atom_id 
_pdbx_struct_sheet_hbond.range_1_auth_comp_id 
_pdbx_struct_sheet_hbond.range_1_auth_asym_id 
_pdbx_struct_sheet_hbond.range_1_auth_seq_id 
_pdbx_struct_sheet_hbond.range_2_label_atom_id 
_pdbx_struct_sheet_hbond.range_2_label_comp_id 
_pdbx_struct_sheet_hbond.range_2_label_asym_id 
_pdbx_struct_sheet_hbond.range_2_label_seq_id 
_pdbx_struct_sheet_hbond.range_2_PDB_ins_code 
_pdbx_struct_sheet_hbond.range_2_auth_atom_id 
_pdbx_struct_sheet_hbond.range_2_auth_comp_id 
_pdbx_struct_sheet_hbond.range_2_auth_asym_id 
_pdbx_struct_sheet_hbond.range_2_auth_seq_id 
A 1  2  N PHE A 160 ? N PHE A 160 O VAL A 36  ? O VAL A 36  
A 2  3  N LEU A 33  ? N LEU A 33  O THR A 53  ? O THR A 53  
A 3  4  N GLN A 60  ? N GLN A 60  O ALA A 63  ? O ALA A 63  
A 4  5  N LEU A 72  ? N LEU A 72  O ILE A 75  ? O ILE A 75  
A 5  6  N GLY A 84  ? N GLY A 84  O LEU A 93  ? O LEU A 93  
A 6  7  N LEU A 94  ? N LEU A 94  O VAL A 103 ? O VAL A 103 
A 7  8  O GLU A 109 ? O GLU A 109 N VAL A 117 ? N VAL A 117 
A 8  9  O ARG A 122 ? O ARG A 122 N GLN A 125 ? N GLN A 125 
A 9  10 O ALA A 132 ? O ALA A 132 N LEU A 32  ? N LEU A 32  
A 10 11 N LEU A 33  ? N LEU A 33  O THR A 53  ? O THR A 53  
A 11 12 N GLN A 60  ? N GLN A 60  O ALA A 63  ? O ALA A 63  
A 12 13 N LEU A 72  ? N LEU A 72  O ILE A 75  ? O ILE A 75  
A 13 14 N ARG A 80  ? N ARG A 80  O LEU A 177 ? O LEU A 177 
# 
_struct_site.id                   AC1 
_struct_site.pdbx_evidence_code   Software 
_struct_site.pdbx_auth_asym_id    A 
_struct_site.pdbx_auth_comp_id    CIT 
_struct_site.pdbx_auth_seq_id     200 
_struct_site.pdbx_auth_ins_code   ? 
_struct_site.pdbx_num_residues    8 
_struct_site.details              'BINDING SITE FOR RESIDUE CIT A 200' 
# 
loop_
_struct_site_gen.id 
_struct_site_gen.site_id 
_struct_site_gen.pdbx_num_res 
_struct_site_gen.label_comp_id 
_struct_site_gen.label_asym_id 
_struct_site_gen.label_seq_id 
_struct_site_gen.pdbx_auth_ins_code 
_struct_site_gen.auth_comp_id 
_struct_site_gen.auth_asym_id 
_struct_site_gen.auth_seq_id 
_struct_site_gen.label_atom_id 
_struct_site_gen.label_alt_id 
_struct_site_gen.symmetry 
_struct_site_gen.details 
1 AC1 8 LEU A 33  ? LEU A 33  . ? 1_555 ? 
2 AC1 8 ARG A 70  ? ARG A 70  . ? 1_555 ? 
3 AC1 8 ARG A 122 ? ARG A 122 . ? 1_555 ? 
4 AC1 8 LYS A 129 ? LYS A 129 . ? 1_555 ? 
5 AC1 8 PHE A 162 ? PHE A 162 . ? 1_555 ? 
6 AC1 8 HOH C .   ? HOH A 386 . ? 1_555 ? 
7 AC1 8 HOH C .   ? HOH A 390 . ? 1_555 ? 
8 AC1 8 HOH C .   ? HOH A 468 . ? 1_555 ? 
# 
_pdbx_entry_details.entry_id                   1LF7 
_pdbx_entry_details.compound_details           ? 
_pdbx_entry_details.source_details             ? 
_pdbx_entry_details.nonpolymer_details         ? 
_pdbx_entry_details.sequence_details           ? 
_pdbx_entry_details.has_ligand_of_interest     ? 
_pdbx_entry_details.has_protein_modification   Y 
# 
loop_
_pdbx_validate_torsion.id 
_pdbx_validate_torsion.PDB_model_num 
_pdbx_validate_torsion.auth_comp_id 
_pdbx_validate_torsion.auth_asym_id 
_pdbx_validate_torsion.auth_seq_id 
_pdbx_validate_torsion.PDB_ins_code 
_pdbx_validate_torsion.label_alt_id 
_pdbx_validate_torsion.phi 
_pdbx_validate_torsion.psi 
1 1 ARG A 97  ? ? -178.12 135.84 
2 1 ALA A 99  ? ? -84.23  -97.63 
3 1 THR A 110 ? ? -170.27 148.06 
4 1 TYR A 112 ? ? 67.18   -32.24 
5 1 SER A 114 ? ? -142.27 -35.71 
6 1 HIS A 153 ? ? 70.36   30.44  
7 1 GLU A 169 ? ? -149.44 38.82  
# 
loop_
_pdbx_unobs_or_zero_occ_residues.id 
_pdbx_unobs_or_zero_occ_residues.PDB_model_num 
_pdbx_unobs_or_zero_occ_residues.polymer_flag 
_pdbx_unobs_or_zero_occ_residues.occupancy_flag 
_pdbx_unobs_or_zero_occ_residues.auth_asym_id 
_pdbx_unobs_or_zero_occ_residues.auth_comp_id 
_pdbx_unobs_or_zero_occ_residues.auth_seq_id 
_pdbx_unobs_or_zero_occ_residues.PDB_ins_code 
_pdbx_unobs_or_zero_occ_residues.label_asym_id 
_pdbx_unobs_or_zero_occ_residues.label_comp_id 
_pdbx_unobs_or_zero_occ_residues.label_seq_id 
1  1 Y 1 A GLN 1   ? A GLN 1   
2  1 Y 1 A LYS 2   ? A LYS 2   
3  1 Y 1 A PRO 3   ? A PRO 3   
4  1 Y 1 A GLN 4   ? A GLN 4   
5  1 Y 1 A ARG 5   ? A ARG 5   
6  1 Y 1 A PRO 6   ? A PRO 6   
7  1 Y 1 A ARG 7   ? A ARG 7   
8  1 Y 1 A ARG 8   ? A ARG 8   
9  1 Y 1 A PRO 9   ? A PRO 9   
10 1 Y 1 A PHE 42  ? A PHE 42  
11 1 Y 1 A LEU 43  ? A LEU 43  
12 1 Y 1 A GLN 44  ? A GLN 44  
13 1 Y 1 A GLU 45  ? A GLU 45  
14 1 Y 1 A GLN 46  ? A GLN 46  
15 1 Y 1 A GLY 47  ? A GLY 47  
16 1 Y 1 A HIS 48  ? A HIS 48  
17 1 Y 1 A ARG 181 ? A ARG 181 
18 1 Y 1 A ARG 182 ? A ARG 182 
# 
loop_
_chem_comp_atom.comp_id 
_chem_comp_atom.atom_id 
_chem_comp_atom.type_symbol 
_chem_comp_atom.pdbx_aromatic_flag 
_chem_comp_atom.pdbx_stereo_config 
_chem_comp_atom.pdbx_ordinal 
ALA N    N N N 1   
ALA CA   C N S 2   
ALA C    C N N 3   
ALA O    O N N 4   
ALA CB   C N N 5   
ALA OXT  O N N 6   
ALA H    H N N 7   
ALA H2   H N N 8   
ALA HA   H N N 9   
ALA HB1  H N N 10  
ALA HB2  H N N 11  
ALA HB3  H N N 12  
ALA HXT  H N N 13  
ARG N    N N N 14  
ARG CA   C N S 15  
ARG C    C N N 16  
ARG O    O N N 17  
ARG CB   C N N 18  
ARG CG   C N N 19  
ARG CD   C N N 20  
ARG NE   N N N 21  
ARG CZ   C N N 22  
ARG NH1  N N N 23  
ARG NH2  N N N 24  
ARG OXT  O N N 25  
ARG H    H N N 26  
ARG H2   H N N 27  
ARG HA   H N N 28  
ARG HB2  H N N 29  
ARG HB3  H N N 30  
ARG HG2  H N N 31  
ARG HG3  H N N 32  
ARG HD2  H N N 33  
ARG HD3  H N N 34  
ARG HE   H N N 35  
ARG HH11 H N N 36  
ARG HH12 H N N 37  
ARG HH21 H N N 38  
ARG HH22 H N N 39  
ARG HXT  H N N 40  
ASN N    N N N 41  
ASN CA   C N S 42  
ASN C    C N N 43  
ASN O    O N N 44  
ASN CB   C N N 45  
ASN CG   C N N 46  
ASN OD1  O N N 47  
ASN ND2  N N N 48  
ASN OXT  O N N 49  
ASN H    H N N 50  
ASN H2   H N N 51  
ASN HA   H N N 52  
ASN HB2  H N N 53  
ASN HB3  H N N 54  
ASN HD21 H N N 55  
ASN HD22 H N N 56  
ASN HXT  H N N 57  
ASP N    N N N 58  
ASP CA   C N S 59  
ASP C    C N N 60  
ASP O    O N N 61  
ASP CB   C N N 62  
ASP CG   C N N 63  
ASP OD1  O N N 64  
ASP OD2  O N N 65  
ASP OXT  O N N 66  
ASP H    H N N 67  
ASP H2   H N N 68  
ASP HA   H N N 69  
ASP HB2  H N N 70  
ASP HB3  H N N 71  
ASP HD2  H N N 72  
ASP HXT  H N N 73  
CIT C1   C N N 74  
CIT O1   O N N 75  
CIT O2   O N N 76  
CIT C2   C N N 77  
CIT C3   C N N 78  
CIT O7   O N N 79  
CIT C4   C N N 80  
CIT C5   C N N 81  
CIT O3   O N N 82  
CIT O4   O N N 83  
CIT C6   C N N 84  
CIT O5   O N N 85  
CIT O6   O N N 86  
CIT HO2  H N N 87  
CIT H21  H N N 88  
CIT H22  H N N 89  
CIT HO7  H N N 90  
CIT H41  H N N 91  
CIT H42  H N N 92  
CIT HO4  H N N 93  
CIT HO6  H N N 94  
CYS N    N N N 95  
CYS CA   C N R 96  
CYS C    C N N 97  
CYS O    O N N 98  
CYS CB   C N N 99  
CYS SG   S N N 100 
CYS OXT  O N N 101 
CYS H    H N N 102 
CYS H2   H N N 103 
CYS HA   H N N 104 
CYS HB2  H N N 105 
CYS HB3  H N N 106 
CYS HG   H N N 107 
CYS HXT  H N N 108 
GLN N    N N N 109 
GLN CA   C N S 110 
GLN C    C N N 111 
GLN O    O N N 112 
GLN CB   C N N 113 
GLN CG   C N N 114 
GLN CD   C N N 115 
GLN OE1  O N N 116 
GLN NE2  N N N 117 
GLN OXT  O N N 118 
GLN H    H N N 119 
GLN H2   H N N 120 
GLN HA   H N N 121 
GLN HB2  H N N 122 
GLN HB3  H N N 123 
GLN HG2  H N N 124 
GLN HG3  H N N 125 
GLN HE21 H N N 126 
GLN HE22 H N N 127 
GLN HXT  H N N 128 
GLU N    N N N 129 
GLU CA   C N S 130 
GLU C    C N N 131 
GLU O    O N N 132 
GLU CB   C N N 133 
GLU CG   C N N 134 
GLU CD   C N N 135 
GLU OE1  O N N 136 
GLU OE2  O N N 137 
GLU OXT  O N N 138 
GLU H    H N N 139 
GLU H2   H N N 140 
GLU HA   H N N 141 
GLU HB2  H N N 142 
GLU HB3  H N N 143 
GLU HG2  H N N 144 
GLU HG3  H N N 145 
GLU HE2  H N N 146 
GLU HXT  H N N 147 
GLY N    N N N 148 
GLY CA   C N N 149 
GLY C    C N N 150 
GLY O    O N N 151 
GLY OXT  O N N 152 
GLY H    H N N 153 
GLY H2   H N N 154 
GLY HA2  H N N 155 
GLY HA3  H N N 156 
GLY HXT  H N N 157 
HIS N    N N N 158 
HIS CA   C N S 159 
HIS C    C N N 160 
HIS O    O N N 161 
HIS CB   C N N 162 
HIS CG   C Y N 163 
HIS ND1  N Y N 164 
HIS CD2  C Y N 165 
HIS CE1  C Y N 166 
HIS NE2  N Y N 167 
HIS OXT  O N N 168 
HIS H    H N N 169 
HIS H2   H N N 170 
HIS HA   H N N 171 
HIS HB2  H N N 172 
HIS HB3  H N N 173 
HIS HD1  H N N 174 
HIS HD2  H N N 175 
HIS HE1  H N N 176 
HIS HE2  H N N 177 
HIS HXT  H N N 178 
HOH O    O N N 179 
HOH H1   H N N 180 
HOH H2   H N N 181 
ILE N    N N N 182 
ILE CA   C N S 183 
ILE C    C N N 184 
ILE O    O N N 185 
ILE CB   C N S 186 
ILE CG1  C N N 187 
ILE CG2  C N N 188 
ILE CD1  C N N 189 
ILE OXT  O N N 190 
ILE H    H N N 191 
ILE H2   H N N 192 
ILE HA   H N N 193 
ILE HB   H N N 194 
ILE HG12 H N N 195 
ILE HG13 H N N 196 
ILE HG21 H N N 197 
ILE HG22 H N N 198 
ILE HG23 H N N 199 
ILE HD11 H N N 200 
ILE HD12 H N N 201 
ILE HD13 H N N 202 
ILE HXT  H N N 203 
LEU N    N N N 204 
LEU CA   C N S 205 
LEU C    C N N 206 
LEU O    O N N 207 
LEU CB   C N N 208 
LEU CG   C N N 209 
LEU CD1  C N N 210 
LEU CD2  C N N 211 
LEU OXT  O N N 212 
LEU H    H N N 213 
LEU H2   H N N 214 
LEU HA   H N N 215 
LEU HB2  H N N 216 
LEU HB3  H N N 217 
LEU HG   H N N 218 
LEU HD11 H N N 219 
LEU HD12 H N N 220 
LEU HD13 H N N 221 
LEU HD21 H N N 222 
LEU HD22 H N N 223 
LEU HD23 H N N 224 
LEU HXT  H N N 225 
LYS N    N N N 226 
LYS CA   C N S 227 
LYS C    C N N 228 
LYS O    O N N 229 
LYS CB   C N N 230 
LYS CG   C N N 231 
LYS CD   C N N 232 
LYS CE   C N N 233 
LYS NZ   N N N 234 
LYS OXT  O N N 235 
LYS H    H N N 236 
LYS H2   H N N 237 
LYS HA   H N N 238 
LYS HB2  H N N 239 
LYS HB3  H N N 240 
LYS HG2  H N N 241 
LYS HG3  H N N 242 
LYS HD2  H N N 243 
LYS HD3  H N N 244 
LYS HE2  H N N 245 
LYS HE3  H N N 246 
LYS HZ1  H N N 247 
LYS HZ2  H N N 248 
LYS HZ3  H N N 249 
LYS HXT  H N N 250 
MET N    N N N 251 
MET CA   C N S 252 
MET C    C N N 253 
MET O    O N N 254 
MET CB   C N N 255 
MET CG   C N N 256 
MET SD   S N N 257 
MET CE   C N N 258 
MET OXT  O N N 259 
MET H    H N N 260 
MET H2   H N N 261 
MET HA   H N N 262 
MET HB2  H N N 263 
MET HB3  H N N 264 
MET HG2  H N N 265 
MET HG3  H N N 266 
MET HE1  H N N 267 
MET HE2  H N N 268 
MET HE3  H N N 269 
MET HXT  H N N 270 
PHE N    N N N 271 
PHE CA   C N S 272 
PHE C    C N N 273 
PHE O    O N N 274 
PHE CB   C N N 275 
PHE CG   C Y N 276 
PHE CD1  C Y N 277 
PHE CD2  C Y N 278 
PHE CE1  C Y N 279 
PHE CE2  C Y N 280 
PHE CZ   C Y N 281 
PHE OXT  O N N 282 
PHE H    H N N 283 
PHE H2   H N N 284 
PHE HA   H N N 285 
PHE HB2  H N N 286 
PHE HB3  H N N 287 
PHE HD1  H N N 288 
PHE HD2  H N N 289 
PHE HE1  H N N 290 
PHE HE2  H N N 291 
PHE HZ   H N N 292 
PHE HXT  H N N 293 
PRO N    N N N 294 
PRO CA   C N S 295 
PRO C    C N N 296 
PRO O    O N N 297 
PRO CB   C N N 298 
PRO CG   C N N 299 
PRO CD   C N N 300 
PRO OXT  O N N 301 
PRO H    H N N 302 
PRO HA   H N N 303 
PRO HB2  H N N 304 
PRO HB3  H N N 305 
PRO HG2  H N N 306 
PRO HG3  H N N 307 
PRO HD2  H N N 308 
PRO HD3  H N N 309 
PRO HXT  H N N 310 
SER N    N N N 311 
SER CA   C N S 312 
SER C    C N N 313 
SER O    O N N 314 
SER CB   C N N 315 
SER OG   O N N 316 
SER OXT  O N N 317 
SER H    H N N 318 
SER H2   H N N 319 
SER HA   H N N 320 
SER HB2  H N N 321 
SER HB3  H N N 322 
SER HG   H N N 323 
SER HXT  H N N 324 
THR N    N N N 325 
THR CA   C N S 326 
THR C    C N N 327 
THR O    O N N 328 
THR CB   C N R 329 
THR OG1  O N N 330 
THR CG2  C N N 331 
THR OXT  O N N 332 
THR H    H N N 333 
THR H2   H N N 334 
THR HA   H N N 335 
THR HB   H N N 336 
THR HG1  H N N 337 
THR HG21 H N N 338 
THR HG22 H N N 339 
THR HG23 H N N 340 
THR HXT  H N N 341 
TRP N    N N N 342 
TRP CA   C N S 343 
TRP C    C N N 344 
TRP O    O N N 345 
TRP CB   C N N 346 
TRP CG   C Y N 347 
TRP CD1  C Y N 348 
TRP CD2  C Y N 349 
TRP NE1  N Y N 350 
TRP CE2  C Y N 351 
TRP CE3  C Y N 352 
TRP CZ2  C Y N 353 
TRP CZ3  C Y N 354 
TRP CH2  C Y N 355 
TRP OXT  O N N 356 
TRP H    H N N 357 
TRP H2   H N N 358 
TRP HA   H N N 359 
TRP HB2  H N N 360 
TRP HB3  H N N 361 
TRP HD1  H N N 362 
TRP HE1  H N N 363 
TRP HE3  H N N 364 
TRP HZ2  H N N 365 
TRP HZ3  H N N 366 
TRP HH2  H N N 367 
TRP HXT  H N N 368 
TYR N    N N N 369 
TYR CA   C N S 370 
TYR C    C N N 371 
TYR O    O N N 372 
TYR CB   C N N 373 
TYR CG   C Y N 374 
TYR CD1  C Y N 375 
TYR CD2  C Y N 376 
TYR CE1  C Y N 377 
TYR CE2  C Y N 378 
TYR CZ   C Y N 379 
TYR OH   O N N 380 
TYR OXT  O N N 381 
TYR H    H N N 382 
TYR H2   H N N 383 
TYR HA   H N N 384 
TYR HB2  H N N 385 
TYR HB3  H N N 386 
TYR HD1  H N N 387 
TYR HD2  H N N 388 
TYR HE1  H N N 389 
TYR HE2  H N N 390 
TYR HH   H N N 391 
TYR HXT  H N N 392 
VAL N    N N N 393 
VAL CA   C N S 394 
VAL C    C N N 395 
VAL O    O N N 396 
VAL CB   C N N 397 
VAL CG1  C N N 398 
VAL CG2  C N N 399 
VAL OXT  O N N 400 
VAL H    H N N 401 
VAL H2   H N N 402 
VAL HA   H N N 403 
VAL HB   H N N 404 
VAL HG11 H N N 405 
VAL HG12 H N N 406 
VAL HG13 H N N 407 
VAL HG21 H N N 408 
VAL HG22 H N N 409 
VAL HG23 H N N 410 
VAL HXT  H N N 411 
# 
loop_
_chem_comp_bond.comp_id 
_chem_comp_bond.atom_id_1 
_chem_comp_bond.atom_id_2 
_chem_comp_bond.value_order 
_chem_comp_bond.pdbx_aromatic_flag 
_chem_comp_bond.pdbx_stereo_config 
_chem_comp_bond.pdbx_ordinal 
ALA N   CA   sing N N 1   
ALA N   H    sing N N 2   
ALA N   H2   sing N N 3   
ALA CA  C    sing N N 4   
ALA CA  CB   sing N N 5   
ALA CA  HA   sing N N 6   
ALA C   O    doub N N 7   
ALA C   OXT  sing N N 8   
ALA CB  HB1  sing N N 9   
ALA CB  HB2  sing N N 10  
ALA CB  HB3  sing N N 11  
ALA OXT HXT  sing N N 12  
ARG N   CA   sing N N 13  
ARG N   H    sing N N 14  
ARG N   H2   sing N N 15  
ARG CA  C    sing N N 16  
ARG CA  CB   sing N N 17  
ARG CA  HA   sing N N 18  
ARG C   O    doub N N 19  
ARG C   OXT  sing N N 20  
ARG CB  CG   sing N N 21  
ARG CB  HB2  sing N N 22  
ARG CB  HB3  sing N N 23  
ARG CG  CD   sing N N 24  
ARG CG  HG2  sing N N 25  
ARG CG  HG3  sing N N 26  
ARG CD  NE   sing N N 27  
ARG CD  HD2  sing N N 28  
ARG CD  HD3  sing N N 29  
ARG NE  CZ   sing N N 30  
ARG NE  HE   sing N N 31  
ARG CZ  NH1  sing N N 32  
ARG CZ  NH2  doub N N 33  
ARG NH1 HH11 sing N N 34  
ARG NH1 HH12 sing N N 35  
ARG NH2 HH21 sing N N 36  
ARG NH2 HH22 sing N N 37  
ARG OXT HXT  sing N N 38  
ASN N   CA   sing N N 39  
ASN N   H    sing N N 40  
ASN N   H2   sing N N 41  
ASN CA  C    sing N N 42  
ASN CA  CB   sing N N 43  
ASN CA  HA   sing N N 44  
ASN C   O    doub N N 45  
ASN C   OXT  sing N N 46  
ASN CB  CG   sing N N 47  
ASN CB  HB2  sing N N 48  
ASN CB  HB3  sing N N 49  
ASN CG  OD1  doub N N 50  
ASN CG  ND2  sing N N 51  
ASN ND2 HD21 sing N N 52  
ASN ND2 HD22 sing N N 53  
ASN OXT HXT  sing N N 54  
ASP N   CA   sing N N 55  
ASP N   H    sing N N 56  
ASP N   H2   sing N N 57  
ASP CA  C    sing N N 58  
ASP CA  CB   sing N N 59  
ASP CA  HA   sing N N 60  
ASP C   O    doub N N 61  
ASP C   OXT  sing N N 62  
ASP CB  CG   sing N N 63  
ASP CB  HB2  sing N N 64  
ASP CB  HB3  sing N N 65  
ASP CG  OD1  doub N N 66  
ASP CG  OD2  sing N N 67  
ASP OD2 HD2  sing N N 68  
ASP OXT HXT  sing N N 69  
CIT C1  O1   doub N N 70  
CIT C1  O2   sing N N 71  
CIT C1  C2   sing N N 72  
CIT O2  HO2  sing N N 73  
CIT C2  C3   sing N N 74  
CIT C2  H21  sing N N 75  
CIT C2  H22  sing N N 76  
CIT C3  O7   sing N N 77  
CIT C3  C4   sing N N 78  
CIT C3  C6   sing N N 79  
CIT O7  HO7  sing N N 80  
CIT C4  C5   sing N N 81  
CIT C4  H41  sing N N 82  
CIT C4  H42  sing N N 83  
CIT C5  O3   doub N N 84  
CIT C5  O4   sing N N 85  
CIT O4  HO4  sing N N 86  
CIT C6  O5   doub N N 87  
CIT C6  O6   sing N N 88  
CIT O6  HO6  sing N N 89  
CYS N   CA   sing N N 90  
CYS N   H    sing N N 91  
CYS N   H2   sing N N 92  
CYS CA  C    sing N N 93  
CYS CA  CB   sing N N 94  
CYS CA  HA   sing N N 95  
CYS C   O    doub N N 96  
CYS C   OXT  sing N N 97  
CYS CB  SG   sing N N 98  
CYS CB  HB2  sing N N 99  
CYS CB  HB3  sing N N 100 
CYS SG  HG   sing N N 101 
CYS OXT HXT  sing N N 102 
GLN N   CA   sing N N 103 
GLN N   H    sing N N 104 
GLN N   H2   sing N N 105 
GLN CA  C    sing N N 106 
GLN CA  CB   sing N N 107 
GLN CA  HA   sing N N 108 
GLN C   O    doub N N 109 
GLN C   OXT  sing N N 110 
GLN CB  CG   sing N N 111 
GLN CB  HB2  sing N N 112 
GLN CB  HB3  sing N N 113 
GLN CG  CD   sing N N 114 
GLN CG  HG2  sing N N 115 
GLN CG  HG3  sing N N 116 
GLN CD  OE1  doub N N 117 
GLN CD  NE2  sing N N 118 
GLN NE2 HE21 sing N N 119 
GLN NE2 HE22 sing N N 120 
GLN OXT HXT  sing N N 121 
GLU N   CA   sing N N 122 
GLU N   H    sing N N 123 
GLU N   H2   sing N N 124 
GLU CA  C    sing N N 125 
GLU CA  CB   sing N N 126 
GLU CA  HA   sing N N 127 
GLU C   O    doub N N 128 
GLU C   OXT  sing N N 129 
GLU CB  CG   sing N N 130 
GLU CB  HB2  sing N N 131 
GLU CB  HB3  sing N N 132 
GLU CG  CD   sing N N 133 
GLU CG  HG2  sing N N 134 
GLU CG  HG3  sing N N 135 
GLU CD  OE1  doub N N 136 
GLU CD  OE2  sing N N 137 
GLU OE2 HE2  sing N N 138 
GLU OXT HXT  sing N N 139 
GLY N   CA   sing N N 140 
GLY N   H    sing N N 141 
GLY N   H2   sing N N 142 
GLY CA  C    sing N N 143 
GLY CA  HA2  sing N N 144 
GLY CA  HA3  sing N N 145 
GLY C   O    doub N N 146 
GLY C   OXT  sing N N 147 
GLY OXT HXT  sing N N 148 
HIS N   CA   sing N N 149 
HIS N   H    sing N N 150 
HIS N   H2   sing N N 151 
HIS CA  C    sing N N 152 
HIS CA  CB   sing N N 153 
HIS CA  HA   sing N N 154 
HIS C   O    doub N N 155 
HIS C   OXT  sing N N 156 
HIS CB  CG   sing N N 157 
HIS CB  HB2  sing N N 158 
HIS CB  HB3  sing N N 159 
HIS CG  ND1  sing Y N 160 
HIS CG  CD2  doub Y N 161 
HIS ND1 CE1  doub Y N 162 
HIS ND1 HD1  sing N N 163 
HIS CD2 NE2  sing Y N 164 
HIS CD2 HD2  sing N N 165 
HIS CE1 NE2  sing Y N 166 
HIS CE1 HE1  sing N N 167 
HIS NE2 HE2  sing N N 168 
HIS OXT HXT  sing N N 169 
HOH O   H1   sing N N 170 
HOH O   H2   sing N N 171 
ILE N   CA   sing N N 172 
ILE N   H    sing N N 173 
ILE N   H2   sing N N 174 
ILE CA  C    sing N N 175 
ILE CA  CB   sing N N 176 
ILE CA  HA   sing N N 177 
ILE C   O    doub N N 178 
ILE C   OXT  sing N N 179 
ILE CB  CG1  sing N N 180 
ILE CB  CG2  sing N N 181 
ILE CB  HB   sing N N 182 
ILE CG1 CD1  sing N N 183 
ILE CG1 HG12 sing N N 184 
ILE CG1 HG13 sing N N 185 
ILE CG2 HG21 sing N N 186 
ILE CG2 HG22 sing N N 187 
ILE CG2 HG23 sing N N 188 
ILE CD1 HD11 sing N N 189 
ILE CD1 HD12 sing N N 190 
ILE CD1 HD13 sing N N 191 
ILE OXT HXT  sing N N 192 
LEU N   CA   sing N N 193 
LEU N   H    sing N N 194 
LEU N   H2   sing N N 195 
LEU CA  C    sing N N 196 
LEU CA  CB   sing N N 197 
LEU CA  HA   sing N N 198 
LEU C   O    doub N N 199 
LEU C   OXT  sing N N 200 
LEU CB  CG   sing N N 201 
LEU CB  HB2  sing N N 202 
LEU CB  HB3  sing N N 203 
LEU CG  CD1  sing N N 204 
LEU CG  CD2  sing N N 205 
LEU CG  HG   sing N N 206 
LEU CD1 HD11 sing N N 207 
LEU CD1 HD12 sing N N 208 
LEU CD1 HD13 sing N N 209 
LEU CD2 HD21 sing N N 210 
LEU CD2 HD22 sing N N 211 
LEU CD2 HD23 sing N N 212 
LEU OXT HXT  sing N N 213 
LYS N   CA   sing N N 214 
LYS N   H    sing N N 215 
LYS N   H2   sing N N 216 
LYS CA  C    sing N N 217 
LYS CA  CB   sing N N 218 
LYS CA  HA   sing N N 219 
LYS C   O    doub N N 220 
LYS C   OXT  sing N N 221 
LYS CB  CG   sing N N 222 
LYS CB  HB2  sing N N 223 
LYS CB  HB3  sing N N 224 
LYS CG  CD   sing N N 225 
LYS CG  HG2  sing N N 226 
LYS CG  HG3  sing N N 227 
LYS CD  CE   sing N N 228 
LYS CD  HD2  sing N N 229 
LYS CD  HD3  sing N N 230 
LYS CE  NZ   sing N N 231 
LYS CE  HE2  sing N N 232 
LYS CE  HE3  sing N N 233 
LYS NZ  HZ1  sing N N 234 
LYS NZ  HZ2  sing N N 235 
LYS NZ  HZ3  sing N N 236 
LYS OXT HXT  sing N N 237 
MET N   CA   sing N N 238 
MET N   H    sing N N 239 
MET N   H2   sing N N 240 
MET CA  C    sing N N 241 
MET CA  CB   sing N N 242 
MET CA  HA   sing N N 243 
MET C   O    doub N N 244 
MET C   OXT  sing N N 245 
MET CB  CG   sing N N 246 
MET CB  HB2  sing N N 247 
MET CB  HB3  sing N N 248 
MET CG  SD   sing N N 249 
MET CG  HG2  sing N N 250 
MET CG  HG3  sing N N 251 
MET SD  CE   sing N N 252 
MET CE  HE1  sing N N 253 
MET CE  HE2  sing N N 254 
MET CE  HE3  sing N N 255 
MET OXT HXT  sing N N 256 
PHE N   CA   sing N N 257 
PHE N   H    sing N N 258 
PHE N   H2   sing N N 259 
PHE CA  C    sing N N 260 
PHE CA  CB   sing N N 261 
PHE CA  HA   sing N N 262 
PHE C   O    doub N N 263 
PHE C   OXT  sing N N 264 
PHE CB  CG   sing N N 265 
PHE CB  HB2  sing N N 266 
PHE CB  HB3  sing N N 267 
PHE CG  CD1  doub Y N 268 
PHE CG  CD2  sing Y N 269 
PHE CD1 CE1  sing Y N 270 
PHE CD1 HD1  sing N N 271 
PHE CD2 CE2  doub Y N 272 
PHE CD2 HD2  sing N N 273 
PHE CE1 CZ   doub Y N 274 
PHE CE1 HE1  sing N N 275 
PHE CE2 CZ   sing Y N 276 
PHE CE2 HE2  sing N N 277 
PHE CZ  HZ   sing N N 278 
PHE OXT HXT  sing N N 279 
PRO N   CA   sing N N 280 
PRO N   CD   sing N N 281 
PRO N   H    sing N N 282 
PRO CA  C    sing N N 283 
PRO CA  CB   sing N N 284 
PRO CA  HA   sing N N 285 
PRO C   O    doub N N 286 
PRO C   OXT  sing N N 287 
PRO CB  CG   sing N N 288 
PRO CB  HB2  sing N N 289 
PRO CB  HB3  sing N N 290 
PRO CG  CD   sing N N 291 
PRO CG  HG2  sing N N 292 
PRO CG  HG3  sing N N 293 
PRO CD  HD2  sing N N 294 
PRO CD  HD3  sing N N 295 
PRO OXT HXT  sing N N 296 
SER N   CA   sing N N 297 
SER N   H    sing N N 298 
SER N   H2   sing N N 299 
SER CA  C    sing N N 300 
SER CA  CB   sing N N 301 
SER CA  HA   sing N N 302 
SER C   O    doub N N 303 
SER C   OXT  sing N N 304 
SER CB  OG   sing N N 305 
SER CB  HB2  sing N N 306 
SER CB  HB3  sing N N 307 
SER OG  HG   sing N N 308 
SER OXT HXT  sing N N 309 
THR N   CA   sing N N 310 
THR N   H    sing N N 311 
THR N   H2   sing N N 312 
THR CA  C    sing N N 313 
THR CA  CB   sing N N 314 
THR CA  HA   sing N N 315 
THR C   O    doub N N 316 
THR C   OXT  sing N N 317 
THR CB  OG1  sing N N 318 
THR CB  CG2  sing N N 319 
THR CB  HB   sing N N 320 
THR OG1 HG1  sing N N 321 
THR CG2 HG21 sing N N 322 
THR CG2 HG22 sing N N 323 
THR CG2 HG23 sing N N 324 
THR OXT HXT  sing N N 325 
TRP N   CA   sing N N 326 
TRP N   H    sing N N 327 
TRP N   H2   sing N N 328 
TRP CA  C    sing N N 329 
TRP CA  CB   sing N N 330 
TRP CA  HA   sing N N 331 
TRP C   O    doub N N 332 
TRP C   OXT  sing N N 333 
TRP CB  CG   sing N N 334 
TRP CB  HB2  sing N N 335 
TRP CB  HB3  sing N N 336 
TRP CG  CD1  doub Y N 337 
TRP CG  CD2  sing Y N 338 
TRP CD1 NE1  sing Y N 339 
TRP CD1 HD1  sing N N 340 
TRP CD2 CE2  doub Y N 341 
TRP CD2 CE3  sing Y N 342 
TRP NE1 CE2  sing Y N 343 
TRP NE1 HE1  sing N N 344 
TRP CE2 CZ2  sing Y N 345 
TRP CE3 CZ3  doub Y N 346 
TRP CE3 HE3  sing N N 347 
TRP CZ2 CH2  doub Y N 348 
TRP CZ2 HZ2  sing N N 349 
TRP CZ3 CH2  sing Y N 350 
TRP CZ3 HZ3  sing N N 351 
TRP CH2 HH2  sing N N 352 
TRP OXT HXT  sing N N 353 
TYR N   CA   sing N N 354 
TYR N   H    sing N N 355 
TYR N   H2   sing N N 356 
TYR CA  C    sing N N 357 
TYR CA  CB   sing N N 358 
TYR CA  HA   sing N N 359 
TYR C   O    doub N N 360 
TYR C   OXT  sing N N 361 
TYR CB  CG   sing N N 362 
TYR CB  HB2  sing N N 363 
TYR CB  HB3  sing N N 364 
TYR CG  CD1  doub Y N 365 
TYR CG  CD2  sing Y N 366 
TYR CD1 CE1  sing Y N 367 
TYR CD1 HD1  sing N N 368 
TYR CD2 CE2  doub Y N 369 
TYR CD2 HD2  sing N N 370 
TYR CE1 CZ   doub Y N 371 
TYR CE1 HE1  sing N N 372 
TYR CE2 CZ   sing Y N 373 
TYR CE2 HE2  sing N N 374 
TYR CZ  OH   sing N N 375 
TYR OH  HH   sing N N 376 
TYR OXT HXT  sing N N 377 
VAL N   CA   sing N N 378 
VAL N   H    sing N N 379 
VAL N   H2   sing N N 380 
VAL CA  C    sing N N 381 
VAL CA  CB   sing N N 382 
VAL CA  HA   sing N N 383 
VAL C   O    doub N N 384 
VAL C   OXT  sing N N 385 
VAL CB  CG1  sing N N 386 
VAL CB  CG2  sing N N 387 
VAL CB  HB   sing N N 388 
VAL CG1 HG11 sing N N 389 
VAL CG1 HG12 sing N N 390 
VAL CG1 HG13 sing N N 391 
VAL CG2 HG21 sing N N 392 
VAL CG2 HG22 sing N N 393 
VAL CG2 HG23 sing N N 394 
VAL OXT HXT  sing N N 395 
# 
_atom_sites.entry_id                    1LF7 
_atom_sites.fract_transf_matrix[1][1]   0.00383562 
_atom_sites.fract_transf_matrix[1][2]   -0.01110475 
_atom_sites.fract_transf_matrix[1][3]   0.02041940 
_atom_sites.fract_transf_matrix[2][1]   0.01451098 
_atom_sites.fract_transf_matrix[2][2]   -0.00626006 
_atom_sites.fract_transf_matrix[2][3]   -0.00613021 
_atom_sites.fract_transf_matrix[3][1]   0.00680866 
_atom_sites.fract_transf_matrix[3][2]   0.01111548 
_atom_sites.fract_transf_matrix[3][3]   0.00476602 
_atom_sites.fract_transf_vector[1]      0.492144 
_atom_sites.fract_transf_vector[2]      0.556241 
_atom_sites.fract_transf_vector[3]      0.336270 
# 
loop_
_atom_type.symbol 
C 
N 
O 
S 
# 
loop_
_atom_site.group_PDB 
_atom_site.id 
_atom_site.type_symbol 
_atom_site.label_atom_id 
_atom_site.label_alt_id 
_atom_site.label_comp_id 
_atom_site.label_asym_id 
_atom_site.label_entity_id 
_atom_site.label_seq_id 
_atom_site.pdbx_PDB_ins_code 
_atom_site.Cartn_x 
_atom_site.Cartn_y 
_atom_site.Cartn_z 
_atom_site.occupancy 
_atom_site.B_iso_or_equiv 
_atom_site.pdbx_formal_charge 
_atom_site.auth_seq_id 
_atom_site.auth_comp_id 
_atom_site.auth_asym_id 
_atom_site.auth_atom_id 
_atom_site.pdbx_PDB_model_num 
ATOM   1    N N   . ALA A 1 10  ? -17.040 14.526  -2.153  1.00 28.16 ? 10  ALA A N   1 
ATOM   2    C CA  . ALA A 1 10  ? -16.679 14.983  -0.781  1.00 27.80 ? 10  ALA A CA  1 
ATOM   3    C C   . ALA A 1 10  ? -15.216 14.672  -0.478  1.00 27.09 ? 10  ALA A C   1 
ATOM   4    O O   . ALA A 1 10  ? -14.336 15.496  -0.728  1.00 27.79 ? 10  ALA A O   1 
ATOM   5    C CB  . ALA A 1 10  ? -17.584 14.310  0.248   1.00 28.58 ? 10  ALA A CB  1 
ATOM   6    N N   . SER A 1 11  ? -14.963 13.481  0.059   1.00 25.84 ? 11  SER A N   1 
ATOM   7    C CA  . SER A 1 11  ? -13.602 13.071  0.394   1.00 24.02 ? 11  SER A CA  1 
ATOM   8    C C   . SER A 1 11  ? -12.727 13.029  -0.856  1.00 22.21 ? 11  SER A C   1 
ATOM   9    O O   . SER A 1 11  ? -13.202 12.732  -1.951  1.00 22.33 ? 11  SER A O   1 
ATOM   10   C CB  . SER A 1 11  ? -13.610 11.692  1.060   1.00 24.15 ? 11  SER A CB  1 
ATOM   11   O OG  . SER A 1 11  ? -14.050 10.691  0.160   1.00 24.28 ? 11  SER A OG  1 
ATOM   12   N N   . PRO A 1 12  ? -11.431 13.334  -0.704  1.00 21.49 ? 12  PRO A N   1 
ATOM   13   C CA  . PRO A 1 12  ? -10.491 13.330  -1.830  1.00 20.34 ? 12  PRO A CA  1 
ATOM   14   C C   . PRO A 1 12  ? -10.391 11.981  -2.542  1.00 19.70 ? 12  PRO A C   1 
ATOM   15   O O   . PRO A 1 12  ? -10.282 11.923  -3.765  1.00 19.94 ? 12  PRO A O   1 
ATOM   16   C CB  . PRO A 1 12  ? -9.171  13.730  -1.174  1.00 21.55 ? 12  PRO A CB  1 
ATOM   17   C CG  . PRO A 1 12  ? -9.612  14.610  -0.043  1.00 22.11 ? 12  PRO A CG  1 
ATOM   18   C CD  . PRO A 1 12  ? -10.779 13.836  0.518   1.00 21.67 ? 12  PRO A CD  1 
ATOM   19   N N   . ILE A 1 13  ? -10.440 10.898  -1.775  1.00 18.64 ? 13  ILE A N   1 
ATOM   20   C CA  . ILE A 1 13  ? -10.325 9.567   -2.356  1.00 18.64 ? 13  ILE A CA  1 
ATOM   21   C C   . ILE A 1 13  ? -11.607 9.082   -3.026  1.00 18.84 ? 13  ILE A C   1 
ATOM   22   O O   . ILE A 1 13  ? -11.573 8.171   -3.852  1.00 18.30 ? 13  ILE A O   1 
ATOM   23   C CB  . ILE A 1 13  ? -9.896  8.536   -1.290  1.00 18.33 ? 13  ILE A CB  1 
ATOM   24   C CG1 . ILE A 1 13  ? -9.380  7.268   -1.974  1.00 17.10 ? 13  ILE A CG1 1 
ATOM   25   C CG2 . ILE A 1 13  ? -11.073 8.204   -0.380  1.00 18.48 ? 13  ILE A CG2 1 
ATOM   26   C CD1 . ILE A 1 13  ? -8.716  6.288   -1.028  1.00 15.03 ? 13  ILE A CD1 1 
ATOM   27   N N   . SER A 1 14  ? -12.736 9.692   -2.682  1.00 18.75 ? 14  SER A N   1 
ATOM   28   C CA  . SER A 1 14  ? -14.011 9.287   -3.261  1.00 19.51 ? 14  SER A CA  1 
ATOM   29   C C   . SER A 1 14  ? -14.025 9.429   -4.782  1.00 19.24 ? 14  SER A C   1 
ATOM   30   O O   . SER A 1 14  ? -14.748 8.706   -5.468  1.00 19.67 ? 14  SER A O   1 
ATOM   31   C CB  . SER A 1 14  ? -15.158 10.108  -2.664  1.00 20.10 ? 14  SER A CB  1 
ATOM   32   O OG  . SER A 1 14  ? -15.111 11.451  -3.111  1.00 21.62 ? 14  SER A OG  1 
ATOM   33   N N   . THR A 1 15  ? -13.223 10.352  -5.306  1.00 19.52 ? 15  THR A N   1 
ATOM   34   C CA  . THR A 1 15  ? -13.170 10.582  -6.746  1.00 20.33 ? 15  THR A CA  1 
ATOM   35   C C   . THR A 1 15  ? -12.022 9.869   -7.452  1.00 20.03 ? 15  THR A C   1 
ATOM   36   O O   . THR A 1 15  ? -11.840 10.019  -8.661  1.00 20.62 ? 15  THR A O   1 
ATOM   37   C CB  . THR A 1 15  ? -13.093 12.090  -7.068  1.00 21.25 ? 15  THR A CB  1 
ATOM   38   O OG1 . THR A 1 15  ? -11.986 12.680  -6.374  1.00 22.44 ? 15  THR A OG1 1 
ATOM   39   C CG2 . THR A 1 15  ? -14.382 12.782  -6.652  1.00 22.86 ? 15  THR A CG2 1 
ATOM   40   N N   . ILE A 1 16  ? -11.243 9.096   -6.701  1.00 18.85 ? 16  ILE A N   1 
ATOM   41   C CA  . ILE A 1 16  ? -10.138 8.350   -7.293  1.00 18.45 ? 16  ILE A CA  1 
ATOM   42   C C   . ILE A 1 16  ? -10.729 7.108   -7.955  1.00 16.48 ? 16  ILE A C   1 
ATOM   43   O O   . ILE A 1 16  ? -11.440 6.336   -7.313  1.00 18.10 ? 16  ILE A O   1 
ATOM   44   C CB  . ILE A 1 16  ? -9.113  7.906   -6.226  1.00 19.11 ? 16  ILE A CB  1 
ATOM   45   C CG1 . ILE A 1 16  ? -8.492  9.133   -5.553  1.00 19.90 ? 16  ILE A CG1 1 
ATOM   46   C CG2 . ILE A 1 16  ? -8.026  7.054   -6.868  1.00 19.84 ? 16  ILE A CG2 1 
ATOM   47   C CD1 . ILE A 1 16  ? -7.713  10.024  -6.496  1.00 19.73 ? 16  ILE A CD1 1 
ATOM   48   N N   . GLN A 1 17  ? -10.435 6.921   -9.236  1.00 15.92 ? 17  GLN A N   1 
ATOM   49   C CA  . GLN A 1 17  ? -10.953 5.778   -9.980  1.00 16.06 ? 17  GLN A CA  1 
ATOM   50   C C   . GLN A 1 17  ? -10.218 4.471   -9.691  1.00 13.21 ? 17  GLN A C   1 
ATOM   51   O O   . GLN A 1 17  ? -8.999  4.387   -9.821  1.00 13.86 ? 17  GLN A O   1 
ATOM   52   C CB  . GLN A 1 17  ? -10.899 6.065   -11.483 1.00 18.57 ? 17  GLN A CB  1 
ATOM   53   C CG  . GLN A 1 17  ? -11.910 7.094   -11.964 1.00 23.19 ? 17  GLN A CG  1 
ATOM   54   C CD  . GLN A 1 17  ? -13.346 6.619   -11.821 1.00 25.88 ? 17  GLN A CD  1 
ATOM   55   O OE1 . GLN A 1 17  ? -13.844 6.420   -10.711 1.00 27.61 ? 17  GLN A OE1 1 
ATOM   56   N NE2 . GLN A 1 17  ? -14.019 6.429   -12.950 1.00 28.14 ? 17  GLN A NE2 1 
ATOM   57   N N   . PRO A 1 18  ? -10.961 3.429   -9.292  1.00 11.99 ? 18  PRO A N   1 
ATOM   58   C CA  . PRO A 1 18  ? -10.345 2.134   -8.996  1.00 10.58 ? 18  PRO A CA  1 
ATOM   59   C C   . PRO A 1 18  ? -10.067 1.339   -10.270 1.00 11.31 ? 18  PRO A C   1 
ATOM   60   O O   . PRO A 1 18  ? -10.659 1.599   -11.317 1.00 12.59 ? 18  PRO A O   1 
ATOM   61   C CB  . PRO A 1 18  ? -11.386 1.457   -8.113  1.00 11.38 ? 18  PRO A CB  1 
ATOM   62   C CG  . PRO A 1 18  ? -12.666 1.955   -8.695  1.00 14.95 ? 18  PRO A CG  1 
ATOM   63   C CD  . PRO A 1 18  ? -12.389 3.429   -8.922  1.00 13.39 ? 18  PRO A CD  1 
ATOM   64   N N   . LYS A 1 19  ? -9.149  0.385   -10.168 1.00 9.29  ? 19  LYS A N   1 
ATOM   65   C CA  . LYS A 1 19  ? -8.788  -0.495  -11.279 1.00 10.52 ? 19  LYS A CA  1 
ATOM   66   C C   . LYS A 1 19  ? -10.059 -1.191  -11.772 1.00 9.80  ? 19  LYS A C   1 
ATOM   67   O O   . LYS A 1 19  ? -10.762 -1.820  -10.989 1.00 10.18 ? 19  LYS A O   1 
ATOM   68   C CB  . LYS A 1 19  ? -7.784  -1.544  -10.784 1.00 9.57  ? 19  LYS A CB  1 
ATOM   69   C CG  . LYS A 1 19  ? -7.483  -2.675  -11.754 1.00 9.83  ? 19  LYS A CG  1 
ATOM   70   C CD  . LYS A 1 19  ? -6.689  -2.188  -12.945 1.00 10.70 ? 19  LYS A CD  1 
ATOM   71   C CE  . LYS A 1 19  ? -6.220  -3.364  -13.786 1.00 10.72 ? 19  LYS A CE  1 
ATOM   72   N NZ  . LYS A 1 19  ? -5.433  -2.917  -14.966 1.00 11.89 ? 19  LYS A NZ  1 
ATOM   73   N N   . ALA A 1 20  ? -10.348 -1.088  -13.066 1.00 10.74 ? 20  ALA A N   1 
ATOM   74   C CA  . ALA A 1 20  ? -11.540 -1.722  -13.617 1.00 10.57 ? 20  ALA A CA  1 
ATOM   75   C C   . ALA A 1 20  ? -11.472 -3.230  -13.423 1.00 10.68 ? 20  ALA A C   1 
ATOM   76   O O   . ALA A 1 20  ? -10.451 -3.852  -13.712 1.00 10.93 ? 20  ALA A O   1 
ATOM   77   C CB  . ALA A 1 20  ? -11.673 -1.396  -15.094 1.00 12.20 ? 20  ALA A CB  1 
ATOM   78   N N   . ASN A 1 21  ? -12.560 -3.801  -12.918 1.00 11.26 ? 21  ASN A N   1 
ATOM   79   C CA  . ASN A 1 21  ? -12.651 -5.234  -12.680 1.00 11.17 ? 21  ASN A CA  1 
ATOM   80   C C   . ASN A 1 21  ? -11.487 -5.764  -11.858 1.00 11.18 ? 21  ASN A C   1 
ATOM   81   O O   . ASN A 1 21  ? -10.973 -6.850  -12.125 1.00 12.88 ? 21  ASN A O   1 
ATOM   82   C CB  . ASN A 1 21  ? -12.740 -5.975  -14.015 1.00 12.11 ? 21  ASN A CB  1 
ATOM   83   C CG  . ASN A 1 21  ? -13.980 -5.596  -14.789 1.00 12.73 ? 21  ASN A CG  1 
ATOM   84   O OD1 . ASN A 1 21  ? -15.094 -5.768  -14.304 1.00 14.02 ? 21  ASN A OD1 1 
ATOM   85   N ND2 . ASN A 1 21  ? -13.793 -5.057  -15.986 1.00 14.85 ? 21  ASN A ND2 1 
ATOM   86   N N   . PHE A 1 22  ? -11.087 -4.993  -10.851 1.00 10.64 ? 22  PHE A N   1 
ATOM   87   C CA  . PHE A 1 22  ? -9.981  -5.385  -9.986  1.00 9.79  ? 22  PHE A CA  1 
ATOM   88   C C   . PHE A 1 22  ? -10.110 -6.845  -9.555  1.00 9.93  ? 22  PHE A C   1 
ATOM   89   O O   . PHE A 1 22  ? -11.145 -7.265  -9.028  1.00 10.91 ? 22  PHE A O   1 
ATOM   90   C CB  . PHE A 1 22  ? -9.914  -4.480  -8.757  1.00 9.52  ? 22  PHE A CB  1 
ATOM   91   C CG  . PHE A 1 22  ? -8.885  -4.911  -7.762  1.00 8.23  ? 22  PHE A CG  1 
ATOM   92   C CD1 . PHE A 1 22  ? -9.254  -5.622  -6.623  1.00 8.61  ? 22  PHE A CD1 1 
ATOM   93   C CD2 . PHE A 1 22  ? -7.536  -4.661  -7.992  1.00 7.76  ? 22  PHE A CD2 1 
ATOM   94   C CE1 . PHE A 1 22  ? -8.296  -6.082  -5.728  1.00 9.04  ? 22  PHE A CE1 1 
ATOM   95   C CE2 . PHE A 1 22  ? -6.570  -5.118  -7.102  1.00 7.27  ? 22  PHE A CE2 1 
ATOM   96   C CZ  . PHE A 1 22  ? -6.949  -5.829  -5.967  1.00 7.93  ? 22  PHE A CZ  1 
ATOM   97   N N   . ASP A 1 23  ? -9.037  -7.599  -9.764  1.00 10.52 ? 23  ASP A N   1 
ATOM   98   C CA  . ASP A 1 23  ? -9.000  -9.024  -9.450  1.00 11.98 ? 23  ASP A CA  1 
ATOM   99   C C   . ASP A 1 23  ? -8.042  -9.330  -8.301  1.00 9.96  ? 23  ASP A C   1 
ATOM   100  O O   . ASP A 1 23  ? -6.824  -9.345  -8.485  1.00 10.78 ? 23  ASP A O   1 
ATOM   101  C CB  . ASP A 1 23  ? -8.579  -9.790  -10.706 1.00 14.00 ? 23  ASP A CB  1 
ATOM   102  C CG  . ASP A 1 23  ? -8.649  -11.292 -10.533 1.00 15.19 ? 23  ASP A CG  1 
ATOM   103  O OD1 . ASP A 1 23  ? -8.458  -12.002 -11.543 1.00 19.40 ? 23  ASP A OD1 1 
ATOM   104  O OD2 . ASP A 1 23  ? -8.889  -11.760 -9.401  1.00 17.10 ? 23  ASP A OD2 1 
ATOM   105  N N   . ALA A 1 24  ? -8.595  -9.591  -7.122  1.00 10.78 ? 24  ALA A N   1 
ATOM   106  C CA  . ALA A 1 24  ? -7.777  -9.885  -5.952  1.00 11.86 ? 24  ALA A CA  1 
ATOM   107  C C   . ALA A 1 24  ? -6.908  -11.125 -6.140  1.00 12.30 ? 24  ALA A C   1 
ATOM   108  O O   . ALA A 1 24  ? -5.831  -11.231 -5.552  1.00 12.70 ? 24  ALA A O   1 
ATOM   109  C CB  . ALA A 1 24  ? -8.664  -10.051 -4.724  1.00 12.99 ? 24  ALA A CB  1 
ATOM   110  N N   . GLN A 1 25  ? -7.372  -12.068 -6.954  1.00 11.64 ? 25  GLN A N   1 
ATOM   111  C CA  . GLN A 1 25  ? -6.604  -13.281 -7.191  1.00 13.98 ? 25  GLN A CA  1 
ATOM   112  C C   . GLN A 1 25  ? -5.304  -12.954 -7.918  1.00 13.05 ? 25  GLN A C   1 
ATOM   113  O O   . GLN A 1 25  ? -4.257  -13.517 -7.607  1.00 14.98 ? 25  GLN A O   1 
ATOM   114  C CB  . GLN A 1 25  ? -7.422  -14.287 -8.004  1.00 15.50 ? 25  GLN A CB  1 
ATOM   115  C CG  . GLN A 1 25  ? -6.720  -15.619 -8.196  1.00 21.11 ? 25  GLN A CG  1 
ATOM   116  C CD  . GLN A 1 25  ? -6.243  -16.211 -6.885  1.00 22.70 ? 25  GLN A CD  1 
ATOM   117  O OE1 . GLN A 1 25  ? -7.043  -16.503 -5.995  1.00 25.41 ? 25  GLN A OE1 1 
ATOM   118  N NE2 . GLN A 1 25  ? -4.932  -16.391 -6.758  1.00 24.27 ? 25  GLN A NE2 1 
ATOM   119  N N   . GLN A 1 26  ? -5.367  -12.043 -8.884  1.00 11.51 ? 26  GLN A N   1 
ATOM   120  C CA  . GLN A 1 26  ? -4.169  -11.658 -9.622  1.00 10.27 ? 26  GLN A CA  1 
ATOM   121  C C   . GLN A 1 26  ? -3.294  -10.723 -8.791  1.00 9.27  ? 26  GLN A C   1 
ATOM   122  O O   . GLN A 1 26  ? -2.085  -10.652 -8.995  1.00 10.43 ? 26  GLN A O   1 
ATOM   123  C CB  . GLN A 1 26  ? -4.538  -10.964 -10.933 1.00 10.73 ? 26  GLN A CB  1 
ATOM   124  C CG  . GLN A 1 26  ? -5.181  -11.865 -11.967 1.00 13.73 ? 26  GLN A CG  1 
ATOM   125  C CD  . GLN A 1 26  ? -5.401  -11.147 -13.283 1.00 16.28 ? 26  GLN A CD  1 
ATOM   126  O OE1 . GLN A 1 26  ? -4.448  -10.783 -13.972 1.00 17.12 ? 26  GLN A OE1 1 
ATOM   127  N NE2 . GLN A 1 26  ? -6.663  -10.933 -13.634 1.00 17.02 ? 26  GLN A NE2 1 
ATOM   128  N N   . PHE A 1 27  ? -3.908  -10.004 -7.857  1.00 9.51  ? 27  PHE A N   1 
ATOM   129  C CA  . PHE A 1 27  ? -3.172  -9.075  -7.009  1.00 8.32  ? 27  PHE A CA  1 
ATOM   130  C C   . PHE A 1 27  ? -2.481  -9.782  -5.846  1.00 8.61  ? 27  PHE A C   1 
ATOM   131  O O   . PHE A 1 27  ? -1.629  -9.200  -5.179  1.00 8.41  ? 27  PHE A O   1 
ATOM   132  C CB  . PHE A 1 27  ? -4.123  -8.002  -6.471  1.00 7.79  ? 27  PHE A CB  1 
ATOM   133  C CG  . PHE A 1 27  ? -3.425  -6.781  -5.931  1.00 6.93  ? 27  PHE A CG  1 
ATOM   134  C CD1 . PHE A 1 27  ? -3.312  -6.565  -4.561  1.00 7.51  ? 27  PHE A CD1 1 
ATOM   135  C CD2 . PHE A 1 27  ? -2.884  -5.845  -6.799  1.00 7.49  ? 27  PHE A CD2 1 
ATOM   136  C CE1 . PHE A 1 27  ? -2.668  -5.428  -4.073  1.00 9.01  ? 27  PHE A CE1 1 
ATOM   137  C CE2 . PHE A 1 27  ? -2.241  -4.712  -6.321  1.00 9.26  ? 27  PHE A CE2 1 
ATOM   138  C CZ  . PHE A 1 27  ? -2.134  -4.504  -4.959  1.00 9.46  ? 27  PHE A CZ  1 
ATOM   139  N N   . ALA A 1 28  ? -2.845  -11.041 -5.611  1.00 8.18  ? 28  ALA A N   1 
ATOM   140  C CA  . ALA A 1 28  ? -2.273  -11.818 -4.515  1.00 7.66  ? 28  ALA A CA  1 
ATOM   141  C C   . ALA A 1 28  ? -0.764  -11.993 -4.609  1.00 7.78  ? 28  ALA A C   1 
ATOM   142  O O   . ALA A 1 28  ? -0.167  -11.890 -5.682  1.00 8.94  ? 28  ALA A O   1 
ATOM   143  C CB  . ALA A 1 28  ? -2.946  -13.193 -4.443  1.00 10.21 ? 28  ALA A CB  1 
ATOM   144  N N   . GLY A 1 29  ? -0.150  -12.260 -3.464  1.00 7.39  ? 29  GLY A N   1 
ATOM   145  C CA  . GLY A 1 29  ? 1.279   -12.477 -3.450  1.00 7.61  ? 29  GLY A CA  1 
ATOM   146  C C   . GLY A 1 29  ? 2.090   -11.392 -2.785  1.00 7.76  ? 29  GLY A C   1 
ATOM   147  O O   . GLY A 1 29  ? 1.589   -10.613 -1.976  1.00 8.42  ? 29  GLY A O   1 
ATOM   148  N N   . THR A 1 30  ? 3.360   -11.343 -3.161  1.00 7.84  ? 30  THR A N   1 
ATOM   149  C CA  . THR A 1 30  ? 4.305   -10.400 -2.592  1.00 7.34  ? 30  THR A CA  1 
ATOM   150  C C   . THR A 1 30  ? 4.463   -9.104  -3.369  1.00 6.80  ? 30  THR A C   1 
ATOM   151  O O   . THR A 1 30  ? 4.593   -9.110  -4.595  1.00 7.13  ? 30  THR A O   1 
ATOM   152  C CB  . THR A 1 30  ? 5.686   -11.069 -2.450  1.00 8.85  ? 30  THR A CB  1 
ATOM   153  O OG1 . THR A 1 30  ? 5.573   -12.190 -1.565  1.00 10.13 ? 30  THR A OG1 1 
ATOM   154  C CG2 . THR A 1 30  ? 6.716   -10.089 -1.914  1.00 10.25 ? 30  THR A CG2 1 
ATOM   155  N N   . TRP A 1 31  ? 4.441   -7.999  -2.627  1.00 6.88  ? 31  TRP A N   1 
ATOM   156  C CA  . TRP A 1 31  ? 4.616   -6.654  -3.171  1.00 6.14  ? 31  TRP A CA  1 
ATOM   157  C C   . TRP A 1 31  ? 5.634   -5.926  -2.299  1.00 5.84  ? 31  TRP A C   1 
ATOM   158  O O   . TRP A 1 31  ? 5.637   -6.092  -1.079  1.00 7.40  ? 31  TRP A O   1 
ATOM   159  C CB  . TRP A 1 31  ? 3.303   -5.863  -3.141  1.00 6.64  ? 31  TRP A CB  1 
ATOM   160  C CG  . TRP A 1 31  ? 2.279   -6.305  -4.135  1.00 6.15  ? 31  TRP A CG  1 
ATOM   161  C CD1 . TRP A 1 31  ? 1.209   -7.126  -3.910  1.00 6.48  ? 31  TRP A CD1 1 
ATOM   162  C CD2 . TRP A 1 31  ? 2.218   -5.937  -5.516  1.00 5.22  ? 31  TRP A CD2 1 
ATOM   163  N NE1 . TRP A 1 31  ? 0.485   -7.285  -5.066  1.00 6.55  ? 31  TRP A NE1 1 
ATOM   164  C CE2 . TRP A 1 31  ? 1.082   -6.567  -6.068  1.00 5.84  ? 31  TRP A CE2 1 
ATOM   165  C CE3 . TRP A 1 31  ? 3.017   -5.132  -6.343  1.00 5.49  ? 31  TRP A CE3 1 
ATOM   166  C CZ2 . TRP A 1 31  ? 0.720   -6.420  -7.414  1.00 6.37  ? 31  TRP A CZ2 1 
ATOM   167  C CZ3 . TRP A 1 31  ? 2.659   -4.986  -7.683  1.00 6.51  ? 31  TRP A CZ3 1 
ATOM   168  C CH2 . TRP A 1 31  ? 1.518   -5.627  -8.204  1.00 6.73  ? 31  TRP A CH2 1 
ATOM   169  N N   . LEU A 1 32  ? 6.491   -5.128  -2.924  1.00 5.72  ? 32  LEU A N   1 
ATOM   170  C CA  . LEU A 1 32  ? 7.497   -4.359  -2.199  1.00 6.14  ? 32  LEU A CA  1 
ATOM   171  C C   . LEU A 1 32  ? 7.109   -2.885  -2.229  1.00 5.32  ? 32  LEU A C   1 
ATOM   172  O O   . LEU A 1 32  ? 6.743   -2.363  -3.282  1.00 6.29  ? 32  LEU A O   1 
ATOM   173  C CB  . LEU A 1 32  ? 8.867   -4.520  -2.864  1.00 7.03  ? 32  LEU A CB  1 
ATOM   174  C CG  . LEU A 1 32  ? 9.358   -5.942  -3.128  1.00 8.28  ? 32  LEU A CG  1 
ATOM   175  C CD1 . LEU A 1 32  ? 10.721  -5.898  -3.805  1.00 9.63  ? 32  LEU A CD1 1 
ATOM   176  C CD2 . LEU A 1 32  ? 9.438   -6.708  -1.822  1.00 10.61 ? 32  LEU A CD2 1 
ATOM   177  N N   . LEU A 1 33  ? 7.174   -2.216  -1.082  1.00 6.12  ? 33  LEU A N   1 
ATOM   178  C CA  . LEU A 1 33  ? 6.849   -0.795  -1.042  1.00 5.81  ? 33  LEU A CA  1 
ATOM   179  C C   . LEU A 1 33  ? 8.042   -0.014  -1.582  1.00 5.36  ? 33  LEU A C   1 
ATOM   180  O O   . LEU A 1 33  ? 9.160   -0.147  -1.083  1.00 7.15  ? 33  LEU A O   1 
ATOM   181  C CB  . LEU A 1 33  ? 6.533   -0.351  0.388   1.00 6.80  ? 33  LEU A CB  1 
ATOM   182  C CG  . LEU A 1 33  ? 6.218   1.141   0.567   1.00 7.13  ? 33  LEU A CG  1 
ATOM   183  C CD1 . LEU A 1 33  ? 5.028   1.553   -0.282  1.00 7.47  ? 33  LEU A CD1 1 
ATOM   184  C CD2 . LEU A 1 33  ? 5.944   1.415   2.033   1.00 8.27  ? 33  LEU A CD2 1 
ATOM   185  N N   . VAL A 1 34  ? 7.802   0.798   -2.606  1.00 6.08  ? 34  VAL A N   1 
ATOM   186  C CA  . VAL A 1 34  ? 8.864   1.583   -3.226  1.00 6.25  ? 34  VAL A CA  1 
ATOM   187  C C   . VAL A 1 34  ? 8.899   3.040   -2.769  1.00 6.49  ? 34  VAL A C   1 
ATOM   188  O O   . VAL A 1 34  ? 9.960   3.566   -2.423  1.00 8.01  ? 34  VAL A O   1 
ATOM   189  C CB  . VAL A 1 34  ? 8.737   1.562   -4.775  1.00 6.48  ? 34  VAL A CB  1 
ATOM   190  C CG1 . VAL A 1 34  ? 9.853   2.386   -5.406  1.00 8.35  ? 34  VAL A CG1 1 
ATOM   191  C CG2 . VAL A 1 34  ? 8.787   0.127   -5.287  1.00 8.31  ? 34  VAL A CG2 1 
ATOM   192  N N   . ALA A 1 35  ? 7.741   3.693   -2.763  1.00 6.32  ? 35  ALA A N   1 
ATOM   193  C CA  . ALA A 1 35  ? 7.682   5.096   -2.375  1.00 6.44  ? 35  ALA A CA  1 
ATOM   194  C C   . ALA A 1 35  ? 6.285   5.510   -1.962  1.00 6.94  ? 35  ALA A C   1 
ATOM   195  O O   . ALA A 1 35  ? 5.293   4.879   -2.346  1.00 7.10  ? 35  ALA A O   1 
ATOM   196  C CB  . ALA A 1 35  ? 8.156   5.975   -3.535  1.00 7.64  ? 35  ALA A CB  1 
ATOM   197  N N   . VAL A 1 36  ? 6.224   6.590   -1.191  1.00 6.17  ? 36  VAL A N   1 
ATOM   198  C CA  . VAL A 1 36  ? 4.963   7.134   -0.719  1.00 7.62  ? 36  VAL A CA  1 
ATOM   199  C C   . VAL A 1 36  ? 4.944   8.645   -0.910  1.00 8.11  ? 36  VAL A C   1 
ATOM   200  O O   . VAL A 1 36  ? 5.876   9.338   -0.501  1.00 9.05  ? 36  VAL A O   1 
ATOM   201  C CB  . VAL A 1 36  ? 4.760   6.852   0.785   1.00 8.32  ? 36  VAL A CB  1 
ATOM   202  C CG1 . VAL A 1 36  ? 3.443   7.455   1.257   1.00 11.36 ? 36  VAL A CG1 1 
ATOM   203  C CG2 . VAL A 1 36  ? 4.789   5.349   1.048   1.00 10.73 ? 36  VAL A CG2 1 
ATOM   204  N N   . GLY A 1 37  ? 3.891   9.144   -1.547  1.00 6.94  ? 37  GLY A N   1 
ATOM   205  C CA  . GLY A 1 37  ? 3.734   10.576  -1.726  1.00 8.47  ? 37  GLY A CA  1 
ATOM   206  C C   . GLY A 1 37  ? 2.715   10.996  -0.681  1.00 8.18  ? 37  GLY A C   1 
ATOM   207  O O   . GLY A 1 37  ? 1.576   10.526  -0.702  1.00 8.88  ? 37  GLY A O   1 
ATOM   208  N N   . SER A 1 38  ? 3.115   11.861  0.246   1.00 9.23  ? 38  SER A N   1 
ATOM   209  C CA  . SER A 1 38  ? 2.213   12.296  1.306   1.00 11.64 ? 38  SER A CA  1 
ATOM   210  C C   . SER A 1 38  ? 2.639   13.630  1.897   1.00 12.90 ? 38  SER A C   1 
ATOM   211  O O   . SER A 1 38  ? 3.826   13.940  1.941   1.00 13.74 ? 38  SER A O   1 
ATOM   212  C CB  . SER A 1 38  ? 2.181   11.240  2.414   1.00 12.66 ? 38  SER A CB  1 
ATOM   213  O OG  . SER A 1 38  ? 1.468   11.706  3.545   1.00 18.59 ? 38  SER A OG  1 
ATOM   214  N N   . ALA A 1 39  ? 1.666   14.407  2.363   1.00 14.60 ? 39  ALA A N   1 
ATOM   215  C CA  . ALA A 1 39  ? 1.954   15.707  2.962   1.00 18.13 ? 39  ALA A CA  1 
ATOM   216  C C   . ALA A 1 39  ? 2.076   15.584  4.476   1.00 21.34 ? 39  ALA A C   1 
ATOM   217  O O   . ALA A 1 39  ? 2.569   16.494  5.147   1.00 22.66 ? 39  ALA A O   1 
ATOM   218  C CB  . ALA A 1 39  ? 0.855   16.698  2.606   1.00 19.01 ? 39  ALA A CB  1 
ATOM   219  N N   . GLY A 1 40  ? 1.628   14.452  5.009   1.00 23.06 ? 40  GLY A N   1 
ATOM   220  C CA  . GLY A 1 40  ? 1.686   14.232  6.442   1.00 27.37 ? 40  GLY A CA  1 
ATOM   221  C C   . GLY A 1 40  ? 3.099   14.116  6.981   1.00 29.76 ? 40  GLY A C   1 
ATOM   222  O O   . GLY A 1 40  ? 4.038   13.855  6.229   1.00 30.81 ? 40  GLY A O   1 
ATOM   223  N N   . ARG A 1 41  ? 3.248   14.314  8.287   1.00 32.04 ? 41  ARG A N   1 
ATOM   224  C CA  . ARG A 1 41  ? 4.552   14.224  8.936   1.00 33.77 ? 41  ARG A CA  1 
ATOM   225  C C   . ARG A 1 41  ? 5.616   15.006  8.170   1.00 34.32 ? 41  ARG A C   1 
ATOM   226  O O   . ARG A 1 41  ? 5.308   15.976  7.474   1.00 35.59 ? 41  ARG A O   1 
ATOM   227  C CB  . ARG A 1 41  ? 4.971   12.756  9.053   1.00 34.95 ? 41  ARG A CB  1 
ATOM   228  C CG  . ARG A 1 41  ? 6.343   12.539  9.667   1.00 36.43 ? 41  ARG A CG  1 
ATOM   229  C CD  . ARG A 1 41  ? 6.715   11.064  9.650   1.00 37.54 ? 41  ARG A CD  1 
ATOM   230  N NE  . ARG A 1 41  ? 6.685   10.514  8.296   1.00 38.90 ? 41  ARG A NE  1 
ATOM   231  C CZ  . ARG A 1 41  ? 7.476   10.916  7.305   1.00 39.44 ? 41  ARG A CZ  1 
ATOM   232  N NH1 . ARG A 1 41  ? 7.375   10.357  6.106   1.00 39.59 ? 41  ARG A NH1 1 
ATOM   233  N NH2 . ARG A 1 41  ? 8.370   11.873  7.511   1.00 39.45 ? 41  ARG A NH2 1 
ATOM   234  N N   . ARG A 1 49  ? 12.035  6.889   10.145  1.00 23.64 ? 49  ARG A N   1 
ATOM   235  C CA  . ARG A 1 49  ? 12.945  6.425   9.107   1.00 23.21 ? 49  ARG A CA  1 
ATOM   236  C C   . ARG A 1 49  ? 12.312  5.264   8.345   1.00 20.49 ? 49  ARG A C   1 
ATOM   237  O O   . ARG A 1 49  ? 11.950  4.247   8.936   1.00 22.26 ? 49  ARG A O   1 
ATOM   238  C CB  . ARG A 1 49  ? 14.270  5.993   9.738   1.00 25.37 ? 49  ARG A CB  1 
ATOM   239  C CG  . ARG A 1 49  ? 15.379  5.698   8.744   1.00 27.05 ? 49  ARG A CG  1 
ATOM   240  C CD  . ARG A 1 49  ? 16.744  5.811   9.413   1.00 28.42 ? 49  ARG A CD  1 
ATOM   241  N NE  . ARG A 1 49  ? 17.839  5.585   8.475   1.00 29.41 ? 49  ARG A NE  1 
ATOM   242  C CZ  . ARG A 1 49  ? 18.231  4.386   8.057   1.00 30.38 ? 49  ARG A CZ  1 
ATOM   243  N NH1 . ARG A 1 49  ? 19.235  4.281   7.198   1.00 29.91 ? 49  ARG A NH1 1 
ATOM   244  N NH2 . ARG A 1 49  ? 17.633  3.291   8.506   1.00 31.50 ? 49  ARG A NH2 1 
ATOM   245  N N   . ALA A 1 50  ? 12.183  5.423   7.031   1.00 18.94 ? 50  ALA A N   1 
ATOM   246  C CA  . ALA A 1 50  ? 11.580  4.401   6.181   1.00 16.82 ? 50  ALA A CA  1 
ATOM   247  C C   . ALA A 1 50  ? 12.242  3.032   6.340   1.00 16.00 ? 50  ALA A C   1 
ATOM   248  O O   . ALA A 1 50  ? 13.462  2.900   6.210   1.00 16.06 ? 50  ALA A O   1 
ATOM   249  C CB  . ALA A 1 50  ? 11.636  4.846   4.721   1.00 17.43 ? 50  ALA A CB  1 
ATOM   250  N N   . GLU A 1 51  ? 11.424  2.019   6.621   1.00 14.26 ? 51  GLU A N   1 
ATOM   251  C CA  . GLU A 1 51  ? 11.897  0.649   6.807   1.00 12.53 ? 51  GLU A CA  1 
ATOM   252  C C   . GLU A 1 51  ? 11.579  -0.186  5.571   1.00 10.37 ? 51  GLU A C   1 
ATOM   253  O O   . GLU A 1 51  ? 10.575  0.060   4.900   1.00 10.24 ? 51  GLU A O   1 
ATOM   254  C CB  . GLU A 1 51  ? 11.210  0.019   8.024   1.00 13.82 ? 51  GLU A CB  1 
ATOM   255  C CG  . GLU A 1 51  ? 11.369  0.831   9.299   1.00 15.64 ? 51  GLU A CG  1 
ATOM   256  C CD  . GLU A 1 51  ? 10.575  0.278   10.469  1.00 18.88 ? 51  GLU A CD  1 
ATOM   257  O OE1 . GLU A 1 51  ? 10.563  0.929   11.534  1.00 20.18 ? 51  GLU A OE1 1 
ATOM   258  O OE2 . GLU A 1 51  ? 9.966   -0.804  10.332  1.00 19.56 ? 51  GLU A OE2 1 
ATOM   259  N N   . ALA A 1 52  ? 12.439  -1.157  5.266   1.00 8.77  ? 52  ALA A N   1 
ATOM   260  C CA  . ALA A 1 52  ? 12.232  -2.049  4.124   1.00 8.10  ? 52  ALA A CA  1 
ATOM   261  C C   . ALA A 1 52  ? 10.904  -2.739  4.396   1.00 8.56  ? 52  ALA A C   1 
ATOM   262  O O   . ALA A 1 52  ? 10.751  -3.448  5.399   1.00 9.23  ? 52  ALA A O   1 
ATOM   263  C CB  . ALA A 1 52  ? 13.362  -3.066  4.035   1.00 8.86  ? 52  ALA A CB  1 
ATOM   264  N N   . THR A 1 53  ? 9.959   -2.545  3.486   1.00 8.68  ? 53  THR A N   1 
ATOM   265  C CA  . THR A 1 53  ? 8.604   -3.051  3.648   1.00 7.20  ? 53  THR A CA  1 
ATOM   266  C C   . THR A 1 53  ? 8.119   -4.000  2.551   1.00 7.79  ? 53  THR A C   1 
ATOM   267  O O   . THR A 1 53  ? 8.164   -3.679  1.359   1.00 7.59  ? 53  THR A O   1 
ATOM   268  C CB  . THR A 1 53  ? 7.664   -1.843  3.763   1.00 7.41  ? 53  THR A CB  1 
ATOM   269  O OG1 . THR A 1 53  ? 8.102   -1.021  4.850   1.00 7.68  ? 53  THR A OG1 1 
ATOM   270  C CG2 . THR A 1 53  ? 6.232   -2.276  4.007   1.00 8.42  ? 53  THR A CG2 1 
ATOM   271  N N   . THR A 1 54  ? 7.635   -5.165  2.980   1.00 7.67  ? 54  THR A N   1 
ATOM   272  C CA  . THR A 1 54  ? 7.133   -6.208  2.091   1.00 9.24  ? 54  THR A CA  1 
ATOM   273  C C   . THR A 1 54  ? 5.710   -6.573  2.484   1.00 8.85  ? 54  THR A C   1 
ATOM   274  O O   . THR A 1 54  ? 5.409   -6.727  3.671   1.00 10.07 ? 54  THR A O   1 
ATOM   275  C CB  . THR A 1 54  ? 7.984   -7.494  2.205   1.00 10.04 ? 54  THR A CB  1 
ATOM   276  O OG1 . THR A 1 54  ? 9.349   -7.198  1.892   1.00 9.84  ? 54  THR A OG1 1 
ATOM   277  C CG2 . THR A 1 54  ? 7.472   -8.566  1.255   1.00 11.32 ? 54  THR A CG2 1 
ATOM   278  N N   . LEU A 1 55  ? 4.836   -6.708  1.492   1.00 9.00  ? 55  LEU A N   1 
ATOM   279  C CA  . LEU A 1 55  ? 3.456   -7.095  1.750   1.00 8.06  ? 55  LEU A CA  1 
ATOM   280  C C   . LEU A 1 55  ? 3.172   -8.477  1.185   1.00 9.22  ? 55  LEU A C   1 
ATOM   281  O O   . LEU A 1 55  ? 3.670   -8.844  0.118   1.00 8.95  ? 55  LEU A O   1 
ATOM   282  C CB  . LEU A 1 55  ? 2.473   -6.098  1.124   1.00 9.54  ? 55  LEU A CB  1 
ATOM   283  C CG  . LEU A 1 55  ? 2.162   -4.806  1.883   1.00 10.70 ? 55  LEU A CG  1 
ATOM   284  C CD1 . LEU A 1 55  ? 3.425   -3.965  2.049   1.00 12.84 ? 55  LEU A CD1 1 
ATOM   285  C CD2 . LEU A 1 55  ? 1.086   -4.038  1.127   1.00 11.80 ? 55  LEU A CD2 1 
ATOM   286  N N   . HIS A 1 56  ? 2.389   -9.249  1.929   1.00 9.20  ? 56  HIS A N   1 
ATOM   287  C CA  . HIS A 1 56  ? 1.956   -10.578 1.517   1.00 8.25  ? 56  HIS A CA  1 
ATOM   288  C C   . HIS A 1 56  ? 0.440   -10.423 1.485   1.00 8.58  ? 56  HIS A C   1 
ATOM   289  O O   . HIS A 1 56  ? -0.188  -10.230 2.530   1.00 9.13  ? 56  HIS A O   1 
ATOM   290  C CB  . HIS A 1 56  ? 2.353   -11.642 2.544   1.00 11.22 ? 56  HIS A CB  1 
ATOM   291  C CG  . HIS A 1 56  ? 3.758   -12.140 2.402   1.00 13.51 ? 56  HIS A CG  1 
ATOM   292  N ND1 . HIS A 1 56  ? 4.684   -11.551 1.568   1.00 15.06 ? 56  HIS A ND1 1 
ATOM   293  C CD2 . HIS A 1 56  ? 4.394   -13.180 2.993   1.00 14.31 ? 56  HIS A CD2 1 
ATOM   294  C CE1 . HIS A 1 56  ? 5.829   -12.205 1.651   1.00 13.18 ? 56  HIS A CE1 1 
ATOM   295  N NE2 . HIS A 1 56  ? 5.679   -13.198 2.509   1.00 15.88 ? 56  HIS A NE2 1 
ATOM   296  N N   . VAL A 1 57  ? -0.137  -10.495 0.290   1.00 8.33  ? 57  VAL A N   1 
ATOM   297  C CA  . VAL A 1 57  ? -1.568  -10.307 0.111   1.00 8.59  ? 57  VAL A CA  1 
ATOM   298  C C   . VAL A 1 57  ? -2.267  -11.592 -0.304  1.00 9.44  ? 57  VAL A C   1 
ATOM   299  O O   . VAL A 1 57  ? -1.768  -12.335 -1.149  1.00 9.77  ? 57  VAL A O   1 
ATOM   300  C CB  . VAL A 1 57  ? -1.827  -9.235  -0.965  1.00 9.96  ? 57  VAL A CB  1 
ATOM   301  C CG1 . VAL A 1 57  ? -3.314  -8.950  -1.074  1.00 10.78 ? 57  VAL A CG1 1 
ATOM   302  C CG2 . VAL A 1 57  ? -1.052  -7.967  -0.630  1.00 10.98 ? 57  VAL A CG2 1 
ATOM   303  N N   . ALA A 1 58  ? -3.432  -11.840 0.287   1.00 10.42 ? 58  ALA A N   1 
ATOM   304  C CA  . ALA A 1 58  ? -4.208  -13.033 -0.028  1.00 12.68 ? 58  ALA A CA  1 
ATOM   305  C C   . ALA A 1 58  ? -5.698  -12.718 -0.034  1.00 12.88 ? 58  ALA A C   1 
ATOM   306  O O   . ALA A 1 58  ? -6.202  -12.056 0.870   1.00 14.91 ? 58  ALA A O   1 
ATOM   307  C CB  . ALA A 1 58  ? -3.923  -14.121 0.991   1.00 14.34 ? 58  ALA A CB  1 
ATOM   308  N N   . PRO A 1 59  ? -6.426  -13.188 -1.058  1.00 12.42 ? 59  PRO A N   1 
ATOM   309  C CA  . PRO A 1 59  ? -7.863  -12.913 -1.097  1.00 12.78 ? 59  PRO A CA  1 
ATOM   310  C C   . PRO A 1 59  ? -8.561  -13.590 0.076   1.00 13.16 ? 59  PRO A C   1 
ATOM   311  O O   . PRO A 1 59  ? -8.169  -14.679 0.494   1.00 14.32 ? 59  PRO A O   1 
ATOM   312  C CB  . PRO A 1 59  ? -8.299  -13.518 -2.433  1.00 14.06 ? 59  PRO A CB  1 
ATOM   313  C CG  . PRO A 1 59  ? -7.060  -13.461 -3.263  1.00 15.83 ? 59  PRO A CG  1 
ATOM   314  C CD  . PRO A 1 59  ? -5.988  -13.867 -2.290  1.00 13.29 ? 59  PRO A CD  1 
ATOM   315  N N   . GLN A 1 60  ? -9.581  -12.932 0.613   1.00 12.69 ? 60  GLN A N   1 
ATOM   316  C CA  . GLN A 1 60  ? -10.362 -13.488 1.712   1.00 15.39 ? 60  GLN A CA  1 
ATOM   317  C C   . GLN A 1 60  ? -11.794 -13.059 1.435   1.00 16.24 ? 60  GLN A C   1 
ATOM   318  O O   . GLN A 1 60  ? -12.219 -11.975 1.832   1.00 15.96 ? 60  GLN A O   1 
ATOM   319  C CB  . GLN A 1 60  ? -9.893  -12.936 3.060   1.00 17.81 ? 60  GLN A CB  1 
ATOM   320  C CG  . GLN A 1 60  ? -10.551 -13.632 4.248   1.00 22.22 ? 60  GLN A CG  1 
ATOM   321  C CD  . GLN A 1 60  ? -10.016 -13.161 5.585   1.00 22.87 ? 60  GLN A CD  1 
ATOM   322  O OE1 . GLN A 1 60  ? -8.812  -13.206 5.837   1.00 25.41 ? 60  GLN A OE1 1 
ATOM   323  N NE2 . GLN A 1 60  ? -10.912 -12.714 6.456   1.00 24.55 ? 60  GLN A NE2 1 
ATOM   324  N N   . GLY A 1 61  ? -12.536 -13.919 0.746   1.00 17.72 ? 61  GLY A N   1 
ATOM   325  C CA  . GLY A 1 61  ? -13.895 -13.566 0.397   1.00 18.57 ? 61  GLY A CA  1 
ATOM   326  C C   . GLY A 1 61  ? -13.764 -12.444 -0.612  1.00 18.36 ? 61  GLY A C   1 
ATOM   327  O O   . GLY A 1 61  ? -13.036 -12.579 -1.597  1.00 19.50 ? 61  GLY A O   1 
ATOM   328  N N   . THR A 1 62  ? -14.443 -11.328 -0.369  1.00 17.47 ? 62  THR A N   1 
ATOM   329  C CA  . THR A 1 62  ? -14.366 -10.192 -1.281  1.00 17.53 ? 62  THR A CA  1 
ATOM   330  C C   . THR A 1 62  ? -13.326 -9.187  -0.791  1.00 16.92 ? 62  THR A C   1 
ATOM   331  O O   . THR A 1 62  ? -13.129 -8.134  -1.399  1.00 17.39 ? 62  THR A O   1 
ATOM   332  C CB  . THR A 1 62  ? -15.729 -9.482  -1.403  1.00 18.76 ? 62  THR A CB  1 
ATOM   333  O OG1 . THR A 1 62  ? -16.160 -9.042  -0.110  1.00 20.52 ? 62  THR A OG1 1 
ATOM   334  C CG2 . THR A 1 62  ? -16.771 -10.431 -1.976  1.00 20.40 ? 62  THR A CG2 1 
ATOM   335  N N   . ALA A 1 63  ? -12.661 -9.528  0.309   1.00 14.96 ? 63  ALA A N   1 
ATOM   336  C CA  . ALA A 1 63  ? -11.643 -8.667  0.906   1.00 11.44 ? 63  ALA A CA  1 
ATOM   337  C C   . ALA A 1 63  ? -10.240 -9.205  0.654   1.00 10.02 ? 63  ALA A C   1 
ATOM   338  O O   . ALA A 1 63  ? -10.060 -10.200 -0.046  1.00 9.42  ? 63  ALA A O   1 
ATOM   339  C CB  . ALA A 1 63  ? -11.888 -8.557  2.404   1.00 13.36 ? 63  ALA A CB  1 
ATOM   340  N N   . MET A 1 64  ? -9.242  -8.535  1.220   1.00 8.91  ? 64  MET A N   1 
ATOM   341  C CA  . MET A 1 64  ? -7.865  -8.988  1.073   1.00 7.98  ? 64  MET A CA  1 
ATOM   342  C C   . MET A 1 64  ? -7.167  -9.000  2.425   1.00 8.46  ? 64  MET A C   1 
ATOM   343  O O   . MET A 1 64  ? -7.178  -8.000  3.145   1.00 9.48  ? 64  MET A O   1 
ATOM   344  C CB  . MET A 1 64  ? -7.079  -8.084  0.117   1.00 9.62  ? 64  MET A CB  1 
ATOM   345  C CG  . MET A 1 64  ? -7.677  -7.982  -1.272  1.00 8.32  ? 64  MET A CG  1 
ATOM   346  S SD  . MET A 1 64  ? -6.537  -7.365  -2.529  1.00 10.62 ? 64  MET A SD  1 
ATOM   347  C CE  . MET A 1 64  ? -6.249  -5.718  -1.939  1.00 13.09 ? 64  MET A CE  1 
ATOM   348  N N   . ALA A 1 65  ? -6.587  -10.142 2.774   1.00 8.49  ? 65  ALA A N   1 
ATOM   349  C CA  . ALA A 1 65  ? -5.837  -10.269 4.015   1.00 9.27  ? 65  ALA A CA  1 
ATOM   350  C C   . ALA A 1 65  ? -4.449  -9.757  3.664   1.00 9.55  ? 65  ALA A C   1 
ATOM   351  O O   . ALA A 1 65  ? -3.833  -10.221 2.696   1.00 11.16 ? 65  ALA A O   1 
ATOM   352  C CB  . ALA A 1 65  ? -5.767  -11.721 4.457   1.00 10.25 ? 65  ALA A CB  1 
ATOM   353  N N   . VAL A 1 66  ? -3.957  -8.800  4.440   1.00 8.44  ? 66  VAL A N   1 
ATOM   354  C CA  . VAL A 1 66  ? -2.653  -8.223  4.166   1.00 9.40  ? 66  VAL A CA  1 
ATOM   355  C C   . VAL A 1 66  ? -1.712  -8.292  5.354   1.00 9.81  ? 66  VAL A C   1 
ATOM   356  O O   . VAL A 1 66  ? -2.013  -7.770  6.431   1.00 10.27 ? 66  VAL A O   1 
ATOM   357  C CB  . VAL A 1 66  ? -2.772  -6.735  3.743   1.00 9.93  ? 66  VAL A CB  1 
ATOM   358  C CG1 . VAL A 1 66  ? -1.390  -6.172  3.431   1.00 11.21 ? 66  VAL A CG1 1 
ATOM   359  C CG2 . VAL A 1 66  ? -3.684  -6.599  2.535   1.00 10.55 ? 66  VAL A CG2 1 
ATOM   360  N N   . SER A 1 67  ? -0.579  -8.950  5.153   1.00 8.22  ? 67  SER A N   1 
ATOM   361  C CA  . SER A 1 67  ? 0.442   -9.033  6.184   1.00 9.27  ? 67  SER A CA  1 
ATOM   362  C C   . SER A 1 67  ? 1.593   -8.161  5.707   1.00 8.80  ? 67  SER A C   1 
ATOM   363  O O   . SER A 1 67  ? 2.092   -8.332  4.594   1.00 10.16 ? 67  SER A O   1 
ATOM   364  C CB  . SER A 1 67  ? 0.935   -10.467 6.379   1.00 10.59 ? 67  SER A CB  1 
ATOM   365  O OG  . SER A 1 67  ? 0.170   -11.137 7.365   1.00 13.08 ? 67  SER A OG  1 
ATOM   366  N N   . THR A 1 68  ? 2.000   -7.216  6.541   1.00 8.70  ? 68  THR A N   1 
ATOM   367  C CA  . THR A 1 68  ? 3.098   -6.329  6.194   1.00 9.18  ? 68  THR A CA  1 
ATOM   368  C C   . THR A 1 68  ? 4.291   -6.653  7.081   1.00 8.34  ? 68  THR A C   1 
ATOM   369  O O   . THR A 1 68  ? 4.159   -6.748  8.307   1.00 8.78  ? 68  THR A O   1 
ATOM   370  C CB  . THR A 1 68  ? 2.700   -4.857  6.378   1.00 8.80  ? 68  THR A CB  1 
ATOM   371  O OG1 . THR A 1 68  ? 1.550   -4.572  5.570   1.00 9.98  ? 68  THR A OG1 1 
ATOM   372  C CG2 . THR A 1 68  ? 3.843   -3.935  5.956   1.00 10.22 ? 68  THR A CG2 1 
ATOM   373  N N   . PHE A 1 69  ? 5.446   -6.845  6.453   1.00 8.66  ? 69  PHE A N   1 
ATOM   374  C CA  . PHE A 1 69  ? 6.674   -7.161  7.169   1.00 8.72  ? 69  PHE A CA  1 
ATOM   375  C C   . PHE A 1 69  ? 7.646   -6.005  7.031   1.00 8.89  ? 69  PHE A C   1 
ATOM   376  O O   . PHE A 1 69  ? 7.961   -5.581  5.914   1.00 8.25  ? 69  PHE A O   1 
ATOM   377  C CB  . PHE A 1 69  ? 7.314   -8.431  6.607   1.00 9.34  ? 69  PHE A CB  1 
ATOM   378  C CG  . PHE A 1 69  ? 6.434   -9.643  6.696   1.00 9.20  ? 69  PHE A CG  1 
ATOM   379  C CD1 . PHE A 1 69  ? 5.454   -9.881  5.740   1.00 9.69  ? 69  PHE A CD1 1 
ATOM   380  C CD2 . PHE A 1 69  ? 6.574   -10.542 7.752   1.00 9.80  ? 69  PHE A CD2 1 
ATOM   381  C CE1 . PHE A 1 69  ? 4.627   -10.995 5.832   1.00 10.43 ? 69  PHE A CE1 1 
ATOM   382  C CE2 . PHE A 1 69  ? 5.750   -11.660 7.854   1.00 11.36 ? 69  PHE A CE2 1 
ATOM   383  C CZ  . PHE A 1 69  ? 4.775   -11.889 6.894   1.00 11.22 ? 69  PHE A CZ  1 
ATOM   384  N N   . ARG A 1 70  ? 8.122   -5.503  8.167   1.00 9.31  ? 70  ARG A N   1 
ATOM   385  C CA  . ARG A 1 70  ? 9.046   -4.379  8.194   1.00 9.57  ? 70  ARG A CA  1 
ATOM   386  C C   . ARG A 1 70  ? 10.314  -4.731  8.950   1.00 10.53 ? 70  ARG A C   1 
ATOM   387  O O   . ARG A 1 70  ? 10.262  -5.326  10.027  1.00 11.42 ? 70  ARG A O   1 
ATOM   388  C CB  . ARG A 1 70  ? 8.386   -3.167  8.854   1.00 9.99  ? 70  ARG A CB  1 
ATOM   389  C CG  . ARG A 1 70  ? 7.143   -2.654  8.134   1.00 10.64 ? 70  ARG A CG  1 
ATOM   390  C CD  . ARG A 1 70  ? 6.552   -1.446  8.851   1.00 12.19 ? 70  ARG A CD  1 
ATOM   391  N NE  . ARG A 1 70  ? 5.427   -0.861  8.122   1.00 13.00 ? 70  ARG A NE  1 
ATOM   392  C CZ  . ARG A 1 70  ? 4.178   -1.321  8.157   1.00 13.95 ? 70  ARG A CZ  1 
ATOM   393  N NH1 . ARG A 1 70  ? 3.874   -2.382  8.892   1.00 14.59 ? 70  ARG A NH1 1 
ATOM   394  N NH2 . ARG A 1 70  ? 3.229   -0.714  7.453   1.00 13.67 ? 70  ARG A NH2 1 
ATOM   395  N N   . LYS A 1 71  ? 11.450  -4.354  8.377   1.00 10.77 ? 71  LYS A N   1 
ATOM   396  C CA  . LYS A 1 71  ? 12.745  -4.613  8.984   1.00 10.81 ? 71  LYS A CA  1 
ATOM   397  C C   . LYS A 1 71  ? 13.192  -3.404  9.799   1.00 10.66 ? 71  LYS A C   1 
ATOM   398  O O   . LYS A 1 71  ? 13.321  -2.299  9.268   1.00 11.73 ? 71  LYS A O   1 
ATOM   399  C CB  . LYS A 1 71  ? 13.780  -4.910  7.895   1.00 13.72 ? 71  LYS A CB  1 
ATOM   400  C CG  . LYS A 1 71  ? 15.208  -5.015  8.404   1.00 17.10 ? 71  LYS A CG  1 
ATOM   401  C CD  . LYS A 1 71  ? 15.376  -6.182  9.358   1.00 18.13 ? 71  LYS A CD  1 
ATOM   402  C CE  . LYS A 1 71  ? 15.157  -7.508  8.651   1.00 19.54 ? 71  LYS A CE  1 
ATOM   403  N NZ  . LYS A 1 71  ? 16.059  -7.653  7.476   1.00 19.20 ? 71  LYS A NZ  1 
ATOM   404  N N   . LEU A 1 72  ? 13.415  -3.623  11.092  1.00 10.94 ? 72  LEU A N   1 
ATOM   405  C CA  . LEU A 1 72  ? 13.866  -2.563  11.988  1.00 12.75 ? 72  LEU A CA  1 
ATOM   406  C C   . LEU A 1 72  ? 14.980  -3.080  12.891  1.00 13.84 ? 72  LEU A C   1 
ATOM   407  O O   . LEU A 1 72  ? 14.789  -4.024  13.653  1.00 13.09 ? 72  LEU A O   1 
ATOM   408  C CB  . LEU A 1 72  ? 12.710  -2.050  12.849  1.00 13.65 ? 72  LEU A CB  1 
ATOM   409  C CG  . LEU A 1 72  ? 13.069  -0.914  13.814  1.00 15.70 ? 72  LEU A CG  1 
ATOM   410  C CD1 . LEU A 1 72  ? 13.578  0.287   13.032  1.00 17.04 ? 72  LEU A CD1 1 
ATOM   411  C CD2 . LEU A 1 72  ? 11.851  -0.532  14.638  1.00 17.27 ? 72  LEU A CD2 1 
ATOM   412  N N   . ASP A 1 73  ? 16.146  -2.449  12.796  1.00 14.58 ? 73  ASP A N   1 
ATOM   413  C CA  . ASP A 1 73  ? 17.303  -2.834  13.595  1.00 14.83 ? 73  ASP A CA  1 
ATOM   414  C C   . ASP A 1 73  ? 17.586  -4.331  13.538  1.00 14.09 ? 73  ASP A C   1 
ATOM   415  O O   . ASP A 1 73  ? 17.816  -4.973  14.566  1.00 14.03 ? 73  ASP A O   1 
ATOM   416  C CB  . ASP A 1 73  ? 17.119  -2.392  15.050  1.00 17.90 ? 73  ASP A CB  1 
ATOM   417  C CG  . ASP A 1 73  ? 16.917  -0.895  15.178  1.00 20.21 ? 73  ASP A CG  1 
ATOM   418  O OD1 . ASP A 1 73  ? 17.603  -0.141  14.458  1.00 21.87 ? 73  ASP A OD1 1 
ATOM   419  O OD2 . ASP A 1 73  ? 16.081  -0.471  16.002  1.00 23.98 ? 73  ASP A OD2 1 
ATOM   420  N N   . GLY A 1 74  ? 17.558  -4.881  12.326  1.00 15.07 ? 74  GLY A N   1 
ATOM   421  C CA  . GLY A 1 74  ? 17.839  -6.291  12.125  1.00 15.22 ? 74  GLY A CA  1 
ATOM   422  C C   . GLY A 1 74  ? 16.733  -7.271  12.466  1.00 15.00 ? 74  GLY A C   1 
ATOM   423  O O   . GLY A 1 74  ? 16.904  -8.480  12.297  1.00 17.88 ? 74  GLY A O   1 
ATOM   424  N N   . ILE A 1 75  ? 15.598  -6.766  12.936  1.00 14.57 ? 75  ILE A N   1 
ATOM   425  C CA  . ILE A 1 75  ? 14.483  -7.633  13.308  1.00 14.65 ? 75  ILE A CA  1 
ATOM   426  C C   . ILE A 1 75  ? 13.273  -7.437  12.398  1.00 13.06 ? 75  ILE A C   1 
ATOM   427  O O   . ILE A 1 75  ? 12.968  -6.319  11.986  1.00 12.44 ? 75  ILE A O   1 
ATOM   428  C CB  . ILE A 1 75  ? 14.060  -7.378  14.774  1.00 15.53 ? 75  ILE A CB  1 
ATOM   429  C CG1 . ILE A 1 75  ? 15.243  -7.647  15.710  1.00 18.05 ? 75  ILE A CG1 1 
ATOM   430  C CG2 . ILE A 1 75  ? 12.878  -8.261  15.144  1.00 16.81 ? 75  ILE A CG2 1 
ATOM   431  C CD1 . ILE A 1 75  ? 15.797  -9.056  15.625  1.00 20.20 ? 75  ILE A CD1 1 
ATOM   432  N N   . CYS A 1 76  ? 12.585  -8.532  12.090  1.00 11.85 ? 76  CYS A N   1 
ATOM   433  C CA  . CYS A 1 76  ? 11.407  -8.473  11.231  1.00 10.76 ? 76  CYS A CA  1 
ATOM   434  C C   . CYS A 1 76  ? 10.127  -8.394  12.058  1.00 10.06 ? 76  CYS A C   1 
ATOM   435  O O   . CYS A 1 76  ? 9.896   -9.221  12.940  1.00 11.70 ? 76  CYS A O   1 
ATOM   436  C CB  . CYS A 1 76  ? 11.345  -9.704  10.327  1.00 10.61 ? 76  CYS A CB  1 
ATOM   437  S SG  . CYS A 1 76  ? 10.309  -9.483  8.844   1.00 11.97 ? 76  CYS A SG  1 
ATOM   438  N N   . TRP A 1 77  ? 9.302   -7.394  11.766  1.00 9.80  ? 77  TRP A N   1 
ATOM   439  C CA  . TRP A 1 77  ? 8.038   -7.195  12.467  1.00 9.87  ? 77  TRP A CA  1 
ATOM   440  C C   . TRP A 1 77  ? 6.888   -7.387  11.489  1.00 9.81  ? 77  TRP A C   1 
ATOM   441  O O   . TRP A 1 77  ? 6.924   -6.871  10.372  1.00 11.01 ? 77  TRP A O   1 
ATOM   442  C CB  . TRP A 1 77  ? 7.958   -5.786  13.053  1.00 10.23 ? 77  TRP A CB  1 
ATOM   443  C CG  . TRP A 1 77  ? 8.992   -5.471  14.095  1.00 10.64 ? 77  TRP A CG  1 
ATOM   444  C CD1 . TRP A 1 77  ? 10.295  -5.124  13.884  1.00 11.27 ? 77  TRP A CD1 1 
ATOM   445  C CD2 . TRP A 1 77  ? 8.792   -5.435  15.513  1.00 11.35 ? 77  TRP A CD2 1 
ATOM   446  N NE1 . TRP A 1 77  ? 10.918  -4.870  15.083  1.00 13.08 ? 77  TRP A NE1 1 
ATOM   447  C CE2 . TRP A 1 77  ? 10.018  -5.055  16.100  1.00 12.08 ? 77  TRP A CE2 1 
ATOM   448  C CE3 . TRP A 1 77  ? 7.693   -5.688  16.345  1.00 11.85 ? 77  TRP A CE3 1 
ATOM   449  C CZ2 . TRP A 1 77  ? 10.178  -4.918  17.484  1.00 12.64 ? 77  TRP A CZ2 1 
ATOM   450  C CZ3 . TRP A 1 77  ? 7.853   -5.552  17.724  1.00 12.05 ? 77  TRP A CZ3 1 
ATOM   451  C CH2 . TRP A 1 77  ? 9.087   -5.171  18.275  1.00 12.78 ? 77  TRP A CH2 1 
ATOM   452  N N   . GLN A 1 78  ? 5.865   -8.122  11.910  1.00 8.85  ? 78  GLN A N   1 
ATOM   453  C CA  . GLN A 1 78  ? 4.712   -8.389  11.059  1.00 9.56  ? 78  GLN A CA  1 
ATOM   454  C C   . GLN A 1 78  ? 3.425   -7.802  11.620  1.00 9.37  ? 78  GLN A C   1 
ATOM   455  O O   . GLN A 1 78  ? 3.187   -7.828  12.830  1.00 10.26 ? 78  GLN A O   1 
ATOM   456  C CB  . GLN A 1 78  ? 4.536   -9.899  10.889  1.00 10.34 ? 78  GLN A CB  1 
ATOM   457  C CG  . GLN A 1 78  ? 3.277   -10.314 10.144  1.00 11.31 ? 78  GLN A CG  1 
ATOM   458  C CD  . GLN A 1 78  ? 3.106   -11.820 10.094  1.00 12.28 ? 78  GLN A CD  1 
ATOM   459  O OE1 . GLN A 1 78  ? 3.846   -12.559 10.746  1.00 14.15 ? 78  GLN A OE1 1 
ATOM   460  N NE2 . GLN A 1 78  ? 2.127   -12.283 9.325   1.00 13.00 ? 78  GLN A NE2 1 
ATOM   461  N N   . VAL A 1 79  ? 2.599   -7.262  10.732  1.00 9.20  ? 79  VAL A N   1 
ATOM   462  C CA  . VAL A 1 79  ? 1.310   -6.712  11.122  1.00 9.33  ? 79  VAL A CA  1 
ATOM   463  C C   . VAL A 1 79  ? 0.281   -7.354  10.204  1.00 9.34  ? 79  VAL A C   1 
ATOM   464  O O   . VAL A 1 79  ? 0.428   -7.315  8.977   1.00 10.34 ? 79  VAL A O   1 
ATOM   465  C CB  . VAL A 1 79  ? 1.238   -5.177  10.951  1.00 10.61 ? 79  VAL A CB  1 
ATOM   466  C CG1 . VAL A 1 79  ? -0.157  -4.685  11.329  1.00 12.41 ? 79  VAL A CG1 1 
ATOM   467  C CG2 . VAL A 1 79  ? 2.284   -4.501  11.824  1.00 11.65 ? 79  VAL A CG2 1 
ATOM   468  N N   . ARG A 1 80  ? -0.737  -7.969  10.796  1.00 9.82  ? 80  ARG A N   1 
ATOM   469  C CA  . ARG A 1 80  ? -1.793  -8.616  10.024  1.00 9.59  ? 80  ARG A CA  1 
ATOM   470  C C   . ARG A 1 80  ? -3.012  -7.710  10.010  1.00 10.00 ? 80  ARG A C   1 
ATOM   471  O O   . ARG A 1 80  ? -3.482  -7.276  11.059  1.00 11.12 ? 80  ARG A O   1 
ATOM   472  C CB  . ARG A 1 80  ? -2.180  -9.960  10.648  1.00 12.03 ? 80  ARG A CB  1 
ATOM   473  C CG  . ARG A 1 80  ? -1.070  -10.990 10.675  1.00 16.44 ? 80  ARG A CG  1 
ATOM   474  C CD  . ARG A 1 80  ? -1.505  -12.243 11.421  1.00 22.18 ? 80  ARG A CD  1 
ATOM   475  N NE  . ARG A 1 80  ? -0.409  -13.195 11.558  1.00 27.26 ? 80  ARG A NE  1 
ATOM   476  C CZ  . ARG A 1 80  ? -0.452  -14.279 12.326  1.00 28.91 ? 80  ARG A CZ  1 
ATOM   477  N NH1 . ARG A 1 80  ? -1.542  -14.552 13.032  1.00 30.82 ? 80  ARG A NH1 1 
ATOM   478  N NH2 . ARG A 1 80  ? 0.597   -15.088 12.393  1.00 30.47 ? 80  ARG A NH2 1 
ATOM   479  N N   . GLN A 1 81  ? -3.522  -7.424  8.816   1.00 9.28  ? 81  GLN A N   1 
ATOM   480  C CA  . GLN A 1 81  ? -4.694  -6.570  8.669   1.00 9.87  ? 81  GLN A CA  1 
ATOM   481  C C   . GLN A 1 81  ? -5.638  -7.145  7.634   1.00 8.62  ? 81  GLN A C   1 
ATOM   482  O O   . GLN A 1 81  ? -5.285  -8.058  6.886   1.00 9.45  ? 81  GLN A O   1 
ATOM   483  C CB  . GLN A 1 81  ? -4.286  -5.164  8.223   1.00 10.32 ? 81  GLN A CB  1 
ATOM   484  C CG  . GLN A 1 81  ? -3.307  -4.466  9.148   1.00 12.14 ? 81  GLN A CG  1 
ATOM   485  C CD  . GLN A 1 81  ? -2.785  -3.173  8.558   1.00 11.86 ? 81  GLN A CD  1 
ATOM   486  O OE1 . GLN A 1 81  ? -2.344  -3.141  7.408   1.00 13.02 ? 81  GLN A OE1 1 
ATOM   487  N NE2 . GLN A 1 81  ? -2.826  -2.100  9.343   1.00 14.28 ? 81  GLN A NE2 1 
ATOM   488  N N   . LEU A 1 82  ? -6.846  -6.604  7.603   1.00 8.95  ? 82  LEU A N   1 
ATOM   489  C CA  . LEU A 1 82  ? -7.833  -7.026  6.633   1.00 9.37  ? 82  LEU A CA  1 
ATOM   490  C C   . LEU A 1 82  ? -8.319  -5.791  5.887   1.00 8.56  ? 82  LEU A C   1 
ATOM   491  O O   . LEU A 1 82  ? -8.793  -4.830  6.494   1.00 10.90 ? 82  LEU A O   1 
ATOM   492  C CB  . LEU A 1 82  ? -9.014  -7.717  7.322   1.00 10.88 ? 82  LEU A CB  1 
ATOM   493  C CG  . LEU A 1 82  ? -10.057 -8.319  6.371   1.00 11.76 ? 82  LEU A CG  1 
ATOM   494  C CD1 . LEU A 1 82  ? -9.417  -9.425  5.547   1.00 14.04 ? 82  LEU A CD1 1 
ATOM   495  C CD2 . LEU A 1 82  ? -11.232 -8.865  7.164   1.00 13.54 ? 82  LEU A CD2 1 
ATOM   496  N N   . TYR A 1 83  ? -8.157  -5.810  4.568   1.00 7.60  ? 83  TYR A N   1 
ATOM   497  C CA  . TYR A 1 83  ? -8.622  -4.724  3.723   1.00 7.84  ? 83  TYR A CA  1 
ATOM   498  C C   . TYR A 1 83  ? -10.040 -5.136  3.344   1.00 7.74  ? 83  TYR A C   1 
ATOM   499  O O   . TYR A 1 83  ? -10.239 -5.973  2.463   1.00 8.10  ? 83  TYR A O   1 
ATOM   500  C CB  . TYR A 1 83  ? -7.751  -4.613  2.466   1.00 8.82  ? 83  TYR A CB  1 
ATOM   501  C CG  . TYR A 1 83  ? -6.449  -3.850  2.634   1.00 8.87  ? 83  TYR A CG  1 
ATOM   502  C CD1 . TYR A 1 83  ? -5.815  -3.755  3.874   1.00 12.53 ? 83  TYR A CD1 1 
ATOM   503  C CD2 . TYR A 1 83  ? -5.837  -3.246  1.536   1.00 10.59 ? 83  TYR A CD2 1 
ATOM   504  C CE1 . TYR A 1 83  ? -4.602  -3.073  4.015   1.00 12.69 ? 83  TYR A CE1 1 
ATOM   505  C CE2 . TYR A 1 83  ? -4.626  -2.570  1.663   1.00 12.09 ? 83  TYR A CE2 1 
ATOM   506  C CZ  . TYR A 1 83  ? -4.014  -2.486  2.902   1.00 12.27 ? 83  TYR A CZ  1 
ATOM   507  O OH  . TYR A 1 83  ? -2.813  -1.819  3.026   1.00 13.51 ? 83  TYR A OH  1 
ATOM   508  N N   . GLY A 1 84  ? -11.021 -4.567  4.038   1.00 7.02  ? 84  GLY A N   1 
ATOM   509  C CA  . GLY A 1 84  ? -12.410 -4.897  3.773   1.00 7.60  ? 84  GLY A CA  1 
ATOM   510  C C   . GLY A 1 84  ? -12.930 -4.266  2.500   1.00 6.96  ? 84  GLY A C   1 
ATOM   511  O O   . GLY A 1 84  ? -12.556 -3.152  2.150   1.00 7.91  ? 84  GLY A O   1 
ATOM   512  N N   . ASP A 1 85  ? -13.811 -4.982  1.812   1.00 7.46  ? 85  ASP A N   1 
ATOM   513  C CA  . ASP A 1 85  ? -14.398 -4.523  0.559   1.00 7.83  ? 85  ASP A CA  1 
ATOM   514  C C   . ASP A 1 85  ? -15.531 -3.526  0.827   1.00 7.64  ? 85  ASP A C   1 
ATOM   515  O O   . ASP A 1 85  ? -16.498 -3.853  1.511   1.00 7.71  ? 85  ASP A O   1 
ATOM   516  C CB  . ASP A 1 85  ? -14.889 -5.765  -0.200  1.00 9.76  ? 85  ASP A CB  1 
ATOM   517  C CG  . ASP A 1 85  ? -15.824 -5.445  -1.343  1.00 11.47 ? 85  ASP A CG  1 
ATOM   518  O OD1 . ASP A 1 85  ? -15.678 -4.384  -1.978  1.00 13.22 ? 85  ASP A OD1 1 
ATOM   519  O OD2 . ASP A 1 85  ? -16.703 -6.294  -1.616  1.00 15.84 ? 85  ASP A OD2 1 
ATOM   520  N N   . THR A 1 86  ? -15.411 -2.306  0.303   1.00 7.13  ? 86  THR A N   1 
ATOM   521  C CA  . THR A 1 86  ? -16.448 -1.304  0.529   1.00 8.61  ? 86  THR A CA  1 
ATOM   522  C C   . THR A 1 86  ? -17.513 -1.242  -0.552  1.00 9.37  ? 86  THR A C   1 
ATOM   523  O O   . THR A 1 86  ? -18.299 -0.296  -0.592  1.00 9.66  ? 86  THR A O   1 
ATOM   524  C CB  . THR A 1 86  ? -15.857 0.111   0.732   1.00 9.13  ? 86  THR A CB  1 
ATOM   525  O OG1 . THR A 1 86  ? -15.044 0.467   -0.392  1.00 9.50  ? 86  THR A OG1 1 
ATOM   526  C CG2 . THR A 1 86  ? -15.028 0.158   2.008   1.00 10.59 ? 86  THR A CG2 1 
ATOM   527  N N   . GLY A 1 87  ? -17.541 -2.251  -1.414  1.00 8.78  ? 87  GLY A N   1 
ATOM   528  C CA  . GLY A 1 87  ? -18.555 -2.293  -2.452  1.00 11.98 ? 87  GLY A CA  1 
ATOM   529  C C   . GLY A 1 87  ? -18.013 -2.357  -3.863  1.00 11.42 ? 87  GLY A C   1 
ATOM   530  O O   . GLY A 1 87  ? -18.118 -3.381  -4.533  1.00 17.10 ? 87  GLY A O   1 
ATOM   531  N N   . VAL A 1 88  ? -17.445 -1.251  -4.319  1.00 12.23 ? 88  VAL A N   1 
ATOM   532  C CA  . VAL A 1 88  ? -16.883 -1.180  -5.661  1.00 11.05 ? 88  VAL A CA  1 
ATOM   533  C C   . VAL A 1 88  ? -15.547 -1.910  -5.697  1.00 10.95 ? 88  VAL A C   1 
ATOM   534  O O   . VAL A 1 88  ? -14.705 -1.705  -4.824  1.00 11.69 ? 88  VAL A O   1 
ATOM   535  C CB  . VAL A 1 88  ? -16.680 0.287   -6.084  1.00 12.66 ? 88  VAL A CB  1 
ATOM   536  C CG1 . VAL A 1 88  ? -16.036 0.352   -7.458  1.00 13.45 ? 88  VAL A CG1 1 
ATOM   537  C CG2 . VAL A 1 88  ? -18.024 1.009   -6.097  1.00 13.96 ? 88  VAL A CG2 1 
ATOM   538  N N   . LEU A 1 89  ? -15.356 -2.771  -6.693  1.00 10.73 ? 89  LEU A N   1 
ATOM   539  C CA  . LEU A 1 89  ? -14.114 -3.528  -6.815  1.00 11.61 ? 89  LEU A CA  1 
ATOM   540  C C   . LEU A 1 89  ? -12.900 -2.611  -6.820  1.00 10.04 ? 89  LEU A C   1 
ATOM   541  O O   . LEU A 1 89  ? -12.842 -1.646  -7.579  1.00 10.53 ? 89  LEU A O   1 
ATOM   542  C CB  . LEU A 1 89  ? -14.120 -4.371  -8.093  1.00 13.12 ? 89  LEU A CB  1 
ATOM   543  C CG  . LEU A 1 89  ? -15.148 -5.499  -8.173  1.00 13.87 ? 89  LEU A CG  1 
ATOM   544  C CD1 . LEU A 1 89  ? -15.038 -6.188  -9.525  1.00 13.99 ? 89  LEU A CD1 1 
ATOM   545  C CD2 . LEU A 1 89  ? -14.911 -6.492  -7.044  1.00 15.72 ? 89  LEU A CD2 1 
ATOM   546  N N   . GLY A 1 90  ? -11.935 -2.914  -5.959  1.00 9.29  ? 90  GLY A N   1 
ATOM   547  C CA  . GLY A 1 90  ? -10.735 -2.100  -5.884  1.00 8.60  ? 90  GLY A CA  1 
ATOM   548  C C   . GLY A 1 90  ? -10.747 -1.090  -4.752  1.00 6.98  ? 90  GLY A C   1 
ATOM   549  O O   . GLY A 1 90  ? -9.726  -0.451  -4.484  1.00 8.64  ? 90  GLY A O   1 
ATOM   550  N N   . ARG A 1 91  ? -11.895 -0.924  -4.100  1.00 7.23  ? 91  ARG A N   1 
ATOM   551  C CA  . ARG A 1 91  ? -12.019 0.016   -2.986  1.00 7.54  ? 91  ARG A CA  1 
ATOM   552  C C   . ARG A 1 91  ? -12.073 -0.770  -1.684  1.00 6.24  ? 91  ARG A C   1 
ATOM   553  O O   . ARG A 1 91  ? -12.863 -1.708  -1.549  1.00 7.39  ? 91  ARG A O   1 
ATOM   554  C CB  . ARG A 1 91  ? -13.279 0.873   -3.138  1.00 8.84  ? 91  ARG A CB  1 
ATOM   555  C CG  . ARG A 1 91  ? -13.363 1.614   -4.466  1.00 11.52 ? 91  ARG A CG  1 
ATOM   556  C CD  . ARG A 1 91  ? -14.500 2.624   -4.456  1.00 13.97 ? 91  ARG A CD  1 
ATOM   557  N NE  . ARG A 1 91  ? -14.168 3.794   -3.650  1.00 21.35 ? 91  ARG A NE  1 
ATOM   558  C CZ  . ARG A 1 91  ? -13.435 4.816   -4.081  1.00 19.93 ? 91  ARG A CZ  1 
ATOM   559  N NH1 . ARG A 1 91  ? -13.175 5.834   -3.273  1.00 26.22 ? 91  ARG A NH1 1 
ATOM   560  N NH2 . ARG A 1 91  ? -12.978 4.834   -5.324  1.00 24.97 ? 91  ARG A NH2 1 
ATOM   561  N N   . PHE A 1 92  ? -11.242 -0.376  -0.720  1.00 6.72  ? 92  PHE A N   1 
ATOM   562  C CA  . PHE A 1 92  ? -11.168 -1.083  0.551   1.00 6.30  ? 92  PHE A CA  1 
ATOM   563  C C   . PHE A 1 92  ? -11.153 -0.170  1.769   1.00 6.45  ? 92  PHE A C   1 
ATOM   564  O O   . PHE A 1 92  ? -10.975 1.041   1.656   1.00 6.98  ? 92  PHE A O   1 
ATOM   565  C CB  . PHE A 1 92  ? -9.918  -1.968  0.577   1.00 7.58  ? 92  PHE A CB  1 
ATOM   566  C CG  . PHE A 1 92  ? -9.841  -2.940  -0.566  1.00 7.59  ? 92  PHE A CG  1 
ATOM   567  C CD1 . PHE A 1 92  ? -9.188  -2.601  -1.748  1.00 8.68  ? 92  PHE A CD1 1 
ATOM   568  C CD2 . PHE A 1 92  ? -10.440 -4.191  -0.468  1.00 8.69  ? 92  PHE A CD2 1 
ATOM   569  C CE1 . PHE A 1 92  ? -9.135  -3.494  -2.812  1.00 10.49 ? 92  PHE A CE1 1 
ATOM   570  C CE2 . PHE A 1 92  ? -10.395 -5.091  -1.528  1.00 8.94  ? 92  PHE A CE2 1 
ATOM   571  C CZ  . PHE A 1 92  ? -9.740  -4.741  -2.705  1.00 10.03 ? 92  PHE A CZ  1 
ATOM   572  N N   . LEU A 1 93  ? -11.337 -0.785  2.933   1.00 8.11  ? 93  LEU A N   1 
ATOM   573  C CA  . LEU A 1 93  ? -11.361 -0.076  4.203   1.00 8.03  ? 93  LEU A CA  1 
ATOM   574  C C   . LEU A 1 93  ? -10.546 -0.812  5.251   1.00 8.51  ? 93  LEU A C   1 
ATOM   575  O O   . LEU A 1 93  ? -10.710 -2.016  5.445   1.00 8.27  ? 93  LEU A O   1 
ATOM   576  C CB  . LEU A 1 93  ? -12.801 0.060   4.710   1.00 9.02  ? 93  LEU A CB  1 
ATOM   577  C CG  . LEU A 1 93  ? -12.978 0.652   6.115   1.00 9.14  ? 93  LEU A CG  1 
ATOM   578  C CD1 . LEU A 1 93  ? -12.536 2.104   6.122   1.00 11.04 ? 93  LEU A CD1 1 
ATOM   579  C CD2 . LEU A 1 93  ? -14.439 0.549   6.532   1.00 10.31 ? 93  LEU A CD2 1 
ATOM   580  N N   . LEU A 1 94  ? -9.665  -0.074  5.916   1.00 9.39  ? 94  LEU A N   1 
ATOM   581  C CA  . LEU A 1 94  ? -8.842  -0.612  6.985   1.00 11.67 ? 94  LEU A CA  1 
ATOM   582  C C   . LEU A 1 94  ? -9.443  -0.056  8.276   1.00 14.06 ? 94  LEU A C   1 
ATOM   583  O O   . LEU A 1 94  ? -9.461  1.157   8.488   1.00 12.31 ? 94  LEU A O   1 
ATOM   584  C CB  . LEU A 1 94  ? -7.395  -0.137  6.833   1.00 13.69 ? 94  LEU A CB  1 
ATOM   585  C CG  . LEU A 1 94  ? -6.414  -0.563  7.928   1.00 16.43 ? 94  LEU A CG  1 
ATOM   586  C CD1 . LEU A 1 94  ? -6.307  -2.080  7.968   1.00 16.11 ? 94  LEU A CD1 1 
ATOM   587  C CD2 . LEU A 1 94  ? -5.056  0.061   7.654   1.00 16.87 ? 94  LEU A CD2 1 
ATOM   588  N N   . GLN A 1 95  ? -9.951  -0.951  9.118   1.00 17.38 ? 95  GLN A N   1 
ATOM   589  C CA  . GLN A 1 95  ? -10.574 -0.580  10.385  1.00 22.66 ? 95  GLN A CA  1 
ATOM   590  C C   . GLN A 1 95  ? -9.739  0.308   11.294  1.00 24.97 ? 95  GLN A C   1 
ATOM   591  O O   . GLN A 1 95  ? -8.511  0.221   11.320  1.00 26.17 ? 95  GLN A O   1 
ATOM   592  C CB  . GLN A 1 95  ? -10.984 -1.840  11.148  1.00 22.68 ? 95  GLN A CB  1 
ATOM   593  C CG  . GLN A 1 95  ? -12.189 -2.522  10.546  1.00 23.16 ? 95  GLN A CG  1 
ATOM   594  C CD  . GLN A 1 95  ? -13.414 -1.632  10.582  1.00 23.35 ? 95  GLN A CD  1 
ATOM   595  O OE1 . GLN A 1 95  ? -14.202 -1.601  9.638   1.00 22.64 ? 95  GLN A OE1 1 
ATOM   596  N NE2 . GLN A 1 95  ? -13.586 -0.906  11.683  1.00 23.30 ? 95  GLN A NE2 1 
ATOM   597  N N   . ALA A 1 96  ? -10.434 1.157   12.046  1.00 29.19 ? 96  ALA A N   1 
ATOM   598  C CA  . ALA A 1 96  ? -9.807  2.084   12.976  1.00 32.28 ? 96  ALA A CA  1 
ATOM   599  C C   . ALA A 1 96  ? -9.978  1.609   14.414  1.00 34.42 ? 96  ALA A C   1 
ATOM   600  O O   . ALA A 1 96  ? -11.103 1.471   14.898  1.00 35.50 ? 96  ALA A O   1 
ATOM   601  C CB  . ALA A 1 96  ? -10.422 3.458   12.820  1.00 32.75 ? 96  ALA A CB  1 
ATOM   602  N N   . ARG A 1 97  ? -8.863  1.367   15.095  1.00 36.35 ? 97  ARG A N   1 
ATOM   603  C CA  . ARG A 1 97  ? -8.899  0.917   16.480  1.00 37.76 ? 97  ARG A CA  1 
ATOM   604  C C   . ARG A 1 97  ? -7.491  0.759   17.037  1.00 38.50 ? 97  ARG A C   1 
ATOM   605  O O   . ARG A 1 97  ? -6.608  0.214   16.374  1.00 39.15 ? 97  ARG A O   1 
ATOM   606  C CB  . ARG A 1 97  ? -9.651  -0.414  16.587  1.00 38.52 ? 97  ARG A CB  1 
ATOM   607  C CG  . ARG A 1 97  ? -9.852  -0.907  18.014  1.00 39.28 ? 97  ARG A CG  1 
ATOM   608  C CD  . ARG A 1 97  ? -10.574 0.131   18.864  1.00 39.56 ? 97  ARG A CD  1 
ATOM   609  N NE  . ARG A 1 97  ? -11.850 0.535   18.278  1.00 40.12 ? 97  ARG A NE  1 
ATOM   610  C CZ  . ARG A 1 97  ? -12.668 1.435   18.814  1.00 40.42 ? 97  ARG A CZ  1 
ATOM   611  N NH1 . ARG A 1 97  ? -12.348 2.031   19.954  1.00 40.92 ? 97  ARG A NH1 1 
ATOM   612  N NH2 . ARG A 1 97  ? -13.808 1.742   18.209  1.00 40.25 ? 97  ARG A NH2 1 
ATOM   613  N N   . GLY A 1 98  ? -7.290  1.241   18.261  1.00 38.66 ? 98  GLY A N   1 
ATOM   614  C CA  . GLY A 1 98  ? -5.986  1.144   18.891  1.00 38.83 ? 98  GLY A CA  1 
ATOM   615  C C   . GLY A 1 98  ? -4.968  2.081   18.273  1.00 38.65 ? 98  GLY A C   1 
ATOM   616  O O   . GLY A 1 98  ? -4.279  2.817   18.979  1.00 39.10 ? 98  GLY A O   1 
ATOM   617  N N   . ALA A 1 99  ? -4.874  2.057   16.947  1.00 38.19 ? 99  ALA A N   1 
ATOM   618  C CA  . ALA A 1 99  ? -3.932  2.908   16.232  1.00 37.22 ? 99  ALA A CA  1 
ATOM   619  C C   . ALA A 1 99  ? -4.521  4.296   16.001  1.00 36.59 ? 99  ALA A C   1 
ATOM   620  O O   . ALA A 1 99  ? -4.481  5.153   16.886  1.00 37.32 ? 99  ALA A O   1 
ATOM   621  C CB  . ALA A 1 99  ? -3.560  2.266   14.899  1.00 37.29 ? 99  ALA A CB  1 
ATOM   622  N N   . ARG A 1 100 ? -5.069  4.511   14.809  1.00 35.38 ? 100 ARG A N   1 
ATOM   623  C CA  . ARG A 1 100 ? -5.663  5.794   14.460  1.00 33.38 ? 100 ARG A CA  1 
ATOM   624  C C   . ARG A 1 100 ? -7.032  5.582   13.811  1.00 31.26 ? 100 ARG A C   1 
ATOM   625  O O   . ARG A 1 100 ? -7.627  4.509   13.935  1.00 31.05 ? 100 ARG A O   1 
ATOM   626  C CB  . ARG A 1 100 ? -4.737  6.556   13.505  1.00 34.70 ? 100 ARG A CB  1 
ATOM   627  C CG  . ARG A 1 100 ? -5.066  8.037   13.336  1.00 36.06 ? 100 ARG A CG  1 
ATOM   628  C CD  . ARG A 1 100 ? -4.810  8.833   14.614  1.00 37.33 ? 100 ARG A CD  1 
ATOM   629  N NE  . ARG A 1 100 ? -5.669  8.413   15.719  1.00 38.50 ? 100 ARG A NE  1 
ATOM   630  C CZ  . ARG A 1 100 ? -5.648  8.962   16.931  1.00 39.10 ? 100 ARG A CZ  1 
ATOM   631  N NH1 . ARG A 1 100 ? -4.812  9.955   17.199  1.00 39.17 ? 100 ARG A NH1 1 
ATOM   632  N NH2 . ARG A 1 100 ? -6.465  8.514   17.877  1.00 39.54 ? 100 ARG A NH2 1 
ATOM   633  N N   . GLY A 1 101 ? -7.521  6.606   13.120  1.00 28.79 ? 101 GLY A N   1 
ATOM   634  C CA  . GLY A 1 101 ? -8.817  6.522   12.474  1.00 24.73 ? 101 GLY A CA  1 
ATOM   635  C C   . GLY A 1 101 ? -8.898  5.543   11.317  1.00 21.90 ? 101 GLY A C   1 
ATOM   636  O O   . GLY A 1 101 ? -7.935  4.844   11.005  1.00 21.77 ? 101 GLY A O   1 
ATOM   637  N N   . ALA A 1 102 ? -10.067 5.493   10.689  1.00 20.00 ? 102 ALA A N   1 
ATOM   638  C CA  . ALA A 1 102 ? -10.302 4.603   9.560   1.00 16.21 ? 102 ALA A CA  1 
ATOM   639  C C   . ALA A 1 102 ? -9.486  5.043   8.352   1.00 13.91 ? 102 ALA A C   1 
ATOM   640  O O   . ALA A 1 102 ? -9.303  6.237   8.114   1.00 15.12 ? 102 ALA A O   1 
ATOM   641  C CB  . ALA A 1 102 ? -11.783 4.591   9.212   1.00 17.23 ? 102 ALA A CB  1 
ATOM   642  N N   . VAL A 1 103 ? -9.001  4.072   7.586   1.00 12.42 ? 103 VAL A N   1 
ATOM   643  C CA  . VAL A 1 103 ? -8.213  4.367   6.398   1.00 11.67 ? 103 VAL A CA  1 
ATOM   644  C C   . VAL A 1 103 ? -8.864  3.748   5.166   1.00 9.35  ? 103 VAL A C   1 
ATOM   645  O O   . VAL A 1 103 ? -9.099  2.537   5.115   1.00 10.02 ? 103 VAL A O   1 
ATOM   646  C CB  . VAL A 1 103 ? -6.769  3.817   6.527   1.00 12.60 ? 103 VAL A CB  1 
ATOM   647  C CG1 . VAL A 1 103 ? -5.987  4.074   5.244   1.00 15.45 ? 103 VAL A CG1 1 
ATOM   648  C CG2 . VAL A 1 103 ? -6.070  4.471   7.708   1.00 15.17 ? 103 VAL A CG2 1 
ATOM   649  N N   . HIS A 1 104 ? -9.173  4.582   4.183   1.00 8.59  ? 104 HIS A N   1 
ATOM   650  C CA  . HIS A 1 104 ? -9.760  4.093   2.945   1.00 8.06  ? 104 HIS A CA  1 
ATOM   651  C C   . HIS A 1 104 ? -8.627  3.870   1.959   1.00 8.65  ? 104 HIS A C   1 
ATOM   652  O O   . HIS A 1 104 ? -7.672  4.656   1.900   1.00 9.48  ? 104 HIS A O   1 
ATOM   653  C CB  . HIS A 1 104 ? -10.777 5.092   2.400   1.00 9.84  ? 104 HIS A CB  1 
ATOM   654  C CG  . HIS A 1 104 ? -12.020 5.179   3.228   1.00 11.10 ? 104 HIS A CG  1 
ATOM   655  N ND1 . HIS A 1 104 ? -13.173 4.488   2.921   1.00 13.18 ? 104 HIS A ND1 1 
ATOM   656  C CD2 . HIS A 1 104 ? -12.267 5.825   4.391   1.00 11.09 ? 104 HIS A CD2 1 
ATOM   657  C CE1 . HIS A 1 104 ? -14.077 4.707   3.860   1.00 10.98 ? 104 HIS A CE1 1 
ATOM   658  N NE2 . HIS A 1 104 ? -13.551 5.513   4.765   1.00 14.87 ? 104 HIS A NE2 1 
ATOM   659  N N   . VAL A 1 105 ? -8.731  2.788   1.195   1.00 8.38  ? 105 VAL A N   1 
ATOM   660  C CA  . VAL A 1 105 ? -7.703  2.424   0.233   1.00 8.68  ? 105 VAL A CA  1 
ATOM   661  C C   . VAL A 1 105 ? -8.312  2.129   -1.127  1.00 9.69  ? 105 VAL A C   1 
ATOM   662  O O   . VAL A 1 105 ? -9.384  1.533   -1.223  1.00 11.82 ? 105 VAL A O   1 
ATOM   663  C CB  . VAL A 1 105 ? -6.949  1.162   0.705   1.00 10.79 ? 105 VAL A CB  1 
ATOM   664  C CG1 . VAL A 1 105 ? -5.839  0.810   -0.276  1.00 11.15 ? 105 VAL A CG1 1 
ATOM   665  C CG2 . VAL A 1 105 ? -6.401  1.377   2.105   1.00 12.12 ? 105 VAL A CG2 1 
ATOM   666  N N   . VAL A 1 106 ? -7.632  2.551   -2.183  1.00 8.44  ? 106 VAL A N   1 
ATOM   667  C CA  . VAL A 1 106 ? -8.100  2.266   -3.530  1.00 8.42  ? 106 VAL A CA  1 
ATOM   668  C C   . VAL A 1 106 ? -6.931  1.802   -4.385  1.00 7.04  ? 106 VAL A C   1 
ATOM   669  O O   . VAL A 1 106 ? -5.875  2.450   -4.418  1.00 7.24  ? 106 VAL A O   1 
ATOM   670  C CB  . VAL A 1 106 ? -8.729  3.507   -4.209  1.00 8.68  ? 106 VAL A CB  1 
ATOM   671  C CG1 . VAL A 1 106 ? -9.104  3.174   -5.649  1.00 9.50  ? 106 VAL A CG1 1 
ATOM   672  C CG2 . VAL A 1 106 ? -9.962  3.963   -3.442  1.00 12.23 ? 106 VAL A CG2 1 
ATOM   673  N N   . VAL A 1 107 ? -7.098  0.660   -5.042  1.00 7.44  ? 107 VAL A N   1 
ATOM   674  C CA  . VAL A 1 107 ? -6.067  0.169   -5.946  1.00 6.65  ? 107 VAL A CA  1 
ATOM   675  C C   . VAL A 1 107 ? -6.487  0.826   -7.255  1.00 7.55  ? 107 VAL A C   1 
ATOM   676  O O   . VAL A 1 107 ? -7.434  0.381   -7.913  1.00 8.05  ? 107 VAL A O   1 
ATOM   677  C CB  . VAL A 1 107 ? -6.081  -1.369  -6.086  1.00 6.54  ? 107 VAL A CB  1 
ATOM   678  C CG1 . VAL A 1 107 ? -5.017  -1.798  -7.089  1.00 8.87  ? 107 VAL A CG1 1 
ATOM   679  C CG2 . VAL A 1 107 ? -5.824  -2.023  -4.728  1.00 8.43  ? 107 VAL A CG2 1 
ATOM   680  N N   . ALA A 1 108 ? -5.798  1.903   -7.613  1.00 7.88  ? 108 ALA A N   1 
ATOM   681  C CA  . ALA A 1 108 ? -6.132  2.666   -8.806  1.00 8.17  ? 108 ALA A CA  1 
ATOM   682  C C   . ALA A 1 108 ? -5.573  2.116   -10.104 1.00 8.79  ? 108 ALA A C   1 
ATOM   683  O O   . ALA A 1 108 ? -6.301  1.965   -11.087 1.00 9.28  ? 108 ALA A O   1 
ATOM   684  C CB  . ALA A 1 108 ? -5.687  4.111   -8.623  1.00 9.19  ? 108 ALA A CB  1 
ATOM   685  N N   . GLU A 1 109 ? -4.279  1.833   -10.116 1.00 7.75  ? 109 GLU A N   1 
ATOM   686  C CA  . GLU A 1 109 ? -3.635  1.321   -11.316 1.00 8.01  ? 109 GLU A CA  1 
ATOM   687  C C   . GLU A 1 109 ? -2.709  0.171   -10.973 1.00 7.04  ? 109 GLU A C   1 
ATOM   688  O O   . GLU A 1 109 ? -1.990  0.218   -9.974  1.00 8.43  ? 109 GLU A O   1 
ATOM   689  C CB  . GLU A 1 109 ? -2.835  2.434   -11.999 1.00 8.29  ? 109 GLU A CB  1 
ATOM   690  C CG  . GLU A 1 109 ? -3.673  3.634   -12.424 1.00 9.03  ? 109 GLU A CG  1 
ATOM   691  C CD  . GLU A 1 109 ? -2.834  4.738   -13.037 1.00 9.67  ? 109 GLU A CD  1 
ATOM   692  O OE1 . GLU A 1 109 ? -2.743  4.813   -14.282 1.00 10.94 ? 109 GLU A OE1 1 
ATOM   693  O OE2 . GLU A 1 109 ? -2.246  5.522   -12.266 1.00 10.34 ? 109 GLU A OE2 1 
ATOM   694  N N   . THR A 1 110 ? -2.745  -0.869  -11.796 1.00 7.52  ? 110 THR A N   1 
ATOM   695  C CA  . THR A 1 110 ? -1.885  -2.027  -11.609 1.00 6.74  ? 110 THR A CA  1 
ATOM   696  C C   . THR A 1 110 ? -1.970  -2.942  -12.820 1.00 7.79  ? 110 THR A C   1 
ATOM   697  O O   . THR A 1 110 ? -3.006  -3.013  -13.483 1.00 8.52  ? 110 THR A O   1 
ATOM   698  C CB  . THR A 1 110 ? -2.278  -2.858  -10.356 1.00 7.74  ? 110 THR A CB  1 
ATOM   699  O OG1 . THR A 1 110 ? -1.334  -3.923  -10.180 1.00 6.64  ? 110 THR A OG1 1 
ATOM   700  C CG2 . THR A 1 110 ? -3.671  -3.472  -10.516 1.00 7.80  ? 110 THR A CG2 1 
ATOM   701  N N   . ASP A 1 111 ? -0.866  -3.617  -13.121 1.00 7.46  ? 111 ASP A N   1 
ATOM   702  C CA  . ASP A 1 111 ? -0.844  -4.580  -14.212 1.00 7.85  ? 111 ASP A CA  1 
ATOM   703  C C   . ASP A 1 111 ? -0.737  -5.965  -13.566 1.00 8.65  ? 111 ASP A C   1 
ATOM   704  O O   . ASP A 1 111 ? -0.570  -6.969  -14.251 1.00 9.63  ? 111 ASP A O   1 
ATOM   705  C CB  . ASP A 1 111 ? 0.343   -4.334  -15.154 1.00 9.03  ? 111 ASP A CB  1 
ATOM   706  C CG  . ASP A 1 111 ? 1.687   -4.525  -14.475 1.00 9.00  ? 111 ASP A CG  1 
ATOM   707  O OD1 . ASP A 1 111 ? 2.714   -4.534  -15.190 1.00 11.14 ? 111 ASP A OD1 1 
ATOM   708  O OD2 . ASP A 1 111 ? 1.730   -4.657  -13.234 1.00 7.78  ? 111 ASP A OD2 1 
ATOM   709  N N   . TYR A 1 112 ? -0.828  -5.983  -12.234 1.00 8.05  ? 112 TYR A N   1 
ATOM   710  C CA  . TYR A 1 112 ? -0.758  -7.192  -11.407 1.00 7.84  ? 112 TYR A CA  1 
ATOM   711  C C   . TYR A 1 112 ? 0.590   -7.892  -11.393 1.00 8.11  ? 112 TYR A C   1 
ATOM   712  O O   . TYR A 1 112 ? 0.978   -8.478  -10.384 1.00 9.65  ? 112 TYR A O   1 
ATOM   713  C CB  . TYR A 1 112 ? -1.818  -8.220  -11.834 1.00 8.63  ? 112 TYR A CB  1 
ATOM   714  C CG  . TYR A 1 112 ? -3.242  -7.729  -11.751 1.00 7.85  ? 112 TYR A CG  1 
ATOM   715  C CD1 . TYR A 1 112 ? -3.981  -7.485  -12.909 1.00 9.62  ? 112 TYR A CD1 1 
ATOM   716  C CD2 . TYR A 1 112 ? -3.852  -7.505  -10.517 1.00 9.73  ? 112 TYR A CD2 1 
ATOM   717  C CE1 . TYR A 1 112 ? -5.296  -7.029  -12.842 1.00 9.10  ? 112 TYR A CE1 1 
ATOM   718  C CE2 . TYR A 1 112 ? -5.167  -7.047  -10.435 1.00 8.59  ? 112 TYR A CE2 1 
ATOM   719  C CZ  . TYR A 1 112 ? -5.882  -6.811  -11.603 1.00 8.84  ? 112 TYR A CZ  1 
ATOM   720  O OH  . TYR A 1 112 ? -7.179  -6.360  -11.528 1.00 10.26 ? 112 TYR A OH  1 
ATOM   721  N N   . GLN A 1 113 ? 1.303   -7.813  -12.511 1.00 9.24  ? 113 GLN A N   1 
ATOM   722  C CA  . GLN A 1 113 ? 2.581   -8.491  -12.673 1.00 9.41  ? 113 GLN A CA  1 
ATOM   723  C C   . GLN A 1 113 ? 3.846   -7.703  -12.357 1.00 9.31  ? 113 GLN A C   1 
ATOM   724  O O   . GLN A 1 113 ? 4.921   -8.299  -12.214 1.00 9.52  ? 113 GLN A O   1 
ATOM   725  C CB  . GLN A 1 113 ? 2.658   -9.033  -14.101 1.00 13.27 ? 113 GLN A CB  1 
ATOM   726  C CG  . GLN A 1 113 ? 1.475   -9.917  -14.467 1.00 19.13 ? 113 GLN A CG  1 
ATOM   727  C CD  . GLN A 1 113 ? 1.358   -10.179 -15.957 1.00 22.67 ? 113 GLN A CD  1 
ATOM   728  O OE1 . GLN A 1 113 ? 0.485   -10.931 -16.395 1.00 25.27 ? 113 GLN A OE1 1 
ATOM   729  N NE2 . GLN A 1 113 ? 2.231   -9.559  -16.744 1.00 23.36 ? 113 GLN A NE2 1 
ATOM   730  N N   . SER A 1 114 ? 3.746   -6.381  -12.252 1.00 8.42  ? 114 SER A N   1 
ATOM   731  C CA  . SER A 1 114 ? 4.942   -5.603  -11.953 1.00 8.14  ? 114 SER A CA  1 
ATOM   732  C C   . SER A 1 114 ? 4.783   -4.403  -11.021 1.00 6.70  ? 114 SER A C   1 
ATOM   733  O O   . SER A 1 114 ? 5.673   -4.136  -10.216 1.00 7.31  ? 114 SER A O   1 
ATOM   734  C CB  . SER A 1 114 ? 5.625   -5.138  -13.256 1.00 8.45  ? 114 SER A CB  1 
ATOM   735  O OG  . SER A 1 114 ? 4.928   -4.074  -13.887 1.00 9.40  ? 114 SER A OG  1 
ATOM   736  N N   . PHE A 1 115 ? 3.660   -3.696  -11.100 1.00 6.54  ? 115 PHE A N   1 
ATOM   737  C CA  . PHE A 1 115 ? 3.493   -2.503  -10.276 1.00 6.13  ? 115 PHE A CA  1 
ATOM   738  C C   . PHE A 1 115 ? 2.062   -2.285  -9.834  1.00 5.02  ? 115 PHE A C   1 
ATOM   739  O O   . PHE A 1 115 ? 1.127   -2.832  -10.414 1.00 6.08  ? 115 PHE A O   1 
ATOM   740  C CB  . PHE A 1 115 ? 3.931   -1.266  -11.072 1.00 7.11  ? 115 PHE A CB  1 
ATOM   741  C CG  . PHE A 1 115 ? 2.867   -0.740  -12.005 1.00 7.37  ? 115 PHE A CG  1 
ATOM   742  C CD1 . PHE A 1 115 ? 1.979   0.247   -11.586 1.00 7.82  ? 115 PHE A CD1 1 
ATOM   743  C CD2 . PHE A 1 115 ? 2.712   -1.276  -13.278 1.00 8.69  ? 115 PHE A CD2 1 
ATOM   744  C CE1 . PHE A 1 115 ? 0.952   0.684   -12.419 1.00 9.04  ? 115 PHE A CE1 1 
ATOM   745  C CE2 . PHE A 1 115 ? 1.685   -0.844  -14.119 1.00 10.71 ? 115 PHE A CE2 1 
ATOM   746  C CZ  . PHE A 1 115 ? 0.805   0.136   -13.688 1.00 10.08 ? 115 PHE A CZ  1 
ATOM   747  N N   . ALA A 1 116 ? 1.908   -1.451  -8.813  1.00 5.59  ? 116 ALA A N   1 
ATOM   748  C CA  . ALA A 1 116 ? 0.593   -1.085  -8.309  1.00 5.01  ? 116 ALA A CA  1 
ATOM   749  C C   . ALA A 1 116 ? 0.659   0.309   -7.701  1.00 5.57  ? 116 ALA A C   1 
ATOM   750  O O   . ALA A 1 116 ? 1.610   0.649   -6.984  1.00 6.61  ? 116 ALA A O   1 
ATOM   751  C CB  . ALA A 1 116 ? 0.107   -2.089  -7.267  1.00 6.39  ? 116 ALA A CB  1 
ATOM   752  N N   . VAL A 1 117 ? -0.327  1.132   -8.032  1.00 5.91  ? 117 VAL A N   1 
ATOM   753  C CA  . VAL A 1 117 ? -0.408  2.471   -7.473  1.00 5.98  ? 117 VAL A CA  1 
ATOM   754  C C   . VAL A 1 117 ? -1.671  2.483   -6.628  1.00 6.24  ? 117 VAL A C   1 
ATOM   755  O O   . VAL A 1 117 ? -2.780  2.291   -7.142  1.00 6.27  ? 117 VAL A O   1 
ATOM   756  C CB  . VAL A 1 117 ? -0.519  3.564   -8.562  1.00 5.79  ? 117 VAL A CB  1 
ATOM   757  C CG1 . VAL A 1 117 ? -0.662  4.934   -7.902  1.00 8.03  ? 117 VAL A CG1 1 
ATOM   758  C CG2 . VAL A 1 117 ? 0.714   3.540   -9.463  1.00 8.25  ? 117 VAL A CG2 1 
ATOM   759  N N   . LEU A 1 118 ? -1.492  2.672   -5.327  1.00 5.80  ? 118 LEU A N   1 
ATOM   760  C CA  . LEU A 1 118 ? -2.607  2.715   -4.388  1.00 5.22  ? 118 LEU A CA  1 
ATOM   761  C C   . LEU A 1 118 ? -2.754  4.098   -3.784  1.00 6.10  ? 118 LEU A C   1 
ATOM   762  O O   . LEU A 1 118 ? -1.770  4.806   -3.581  1.00 8.35  ? 118 LEU A O   1 
ATOM   763  C CB  . LEU A 1 118 ? -2.403  1.713   -3.247  1.00 6.65  ? 118 LEU A CB  1 
ATOM   764  C CG  . LEU A 1 118 ? -2.868  0.270   -3.448  1.00 6.15  ? 118 LEU A CG  1 
ATOM   765  C CD1 . LEU A 1 118 ? -2.098  -0.385  -4.586  1.00 8.71  ? 118 LEU A CD1 1 
ATOM   766  C CD2 . LEU A 1 118 ? -2.668  -0.501  -2.153  1.00 8.22  ? 118 LEU A CD2 1 
ATOM   767  N N   . TYR A 1 119 ? -3.995  4.485   -3.519  1.00 6.32  ? 119 TYR A N   1 
ATOM   768  C CA  . TYR A 1 119 ? -4.264  5.757   -2.869  1.00 6.27  ? 119 TYR A CA  1 
ATOM   769  C C   . TYR A 1 119 ? -4.864  5.428   -1.519  1.00 7.41  ? 119 TYR A C   1 
ATOM   770  O O   . TYR A 1 119 ? -5.649  4.478   -1.391  1.00 7.29  ? 119 TYR A O   1 
ATOM   771  C CB  . TYR A 1 119 ? -5.251  6.605   -3.667  1.00 8.43  ? 119 TYR A CB  1 
ATOM   772  C CG  . TYR A 1 119 ? -4.688  7.149   -4.952  1.00 8.19  ? 119 TYR A CG  1 
ATOM   773  C CD1 . TYR A 1 119 ? -4.474  6.314   -6.042  1.00 8.89  ? 119 TYR A CD1 1 
ATOM   774  C CD2 . TYR A 1 119 ? -4.368  8.501   -5.080  1.00 9.36  ? 119 TYR A CD2 1 
ATOM   775  C CE1 . TYR A 1 119 ? -3.957  6.807   -7.231  1.00 9.04  ? 119 TYR A CE1 1 
ATOM   776  C CE2 . TYR A 1 119 ? -3.849  9.006   -6.270  1.00 9.67  ? 119 TYR A CE2 1 
ATOM   777  C CZ  . TYR A 1 119 ? -3.650  8.152   -7.340  1.00 9.31  ? 119 TYR A CZ  1 
ATOM   778  O OH  . TYR A 1 119 ? -3.154  8.645   -8.524  1.00 10.45 ? 119 TYR A OH  1 
ATOM   779  N N   . LEU A 1 120 ? -4.474  6.196   -0.510  1.00 8.76  ? 120 LEU A N   1 
ATOM   780  C CA  . LEU A 1 120 ? -4.985  5.996   0.835   1.00 9.63  ? 120 LEU A CA  1 
ATOM   781  C C   . LEU A 1 120 ? -5.445  7.313   1.429   1.00 10.29 ? 120 LEU A C   1 
ATOM   782  O O   . LEU A 1 120 ? -4.863  8.367   1.163   1.00 11.31 ? 120 LEU A O   1 
ATOM   783  C CB  . LEU A 1 120 ? -3.918  5.385   1.742   1.00 11.09 ? 120 LEU A CB  1 
ATOM   784  C CG  . LEU A 1 120 ? -3.534  3.921   1.526   1.00 14.66 ? 120 LEU A CG  1 
ATOM   785  C CD1 . LEU A 1 120 ? -2.641  3.779   0.304   1.00 16.18 ? 120 LEU A CD1 1 
ATOM   786  C CD2 . LEU A 1 120 ? -2.815  3.414   2.767   1.00 16.70 ? 120 LEU A CD2 1 
ATOM   787  N N   . GLU A 1 121 ? -6.502  7.256   2.226   1.00 10.37 ? 121 GLU A N   1 
ATOM   788  C CA  . GLU A 1 121 ? -7.008  8.452   2.875   1.00 11.93 ? 121 GLU A CA  1 
ATOM   789  C C   . GLU A 1 121 ? -7.136  8.199   4.370   1.00 12.42 ? 121 GLU A C   1 
ATOM   790  O O   . GLU A 1 121 ? -7.785  7.240   4.796   1.00 12.32 ? 121 GLU A O   1 
ATOM   791  C CB  . GLU A 1 121 ? -8.366  8.863   2.298   1.00 12.62 ? 121 GLU A CB  1 
ATOM   792  C CG  . GLU A 1 121 ? -8.873  10.186  2.865   1.00 16.21 ? 121 GLU A CG  1 
ATOM   793  C CD  . GLU A 1 121 ? -10.207 10.613  2.285   1.00 17.80 ? 121 GLU A CD  1 
ATOM   794  O OE1 . GLU A 1 121 ? -10.272 10.886  1.071   1.00 19.15 ? 121 GLU A OE1 1 
ATOM   795  O OE2 . GLU A 1 121 ? -11.191 10.679  3.050   1.00 21.32 ? 121 GLU A OE2 1 
ATOM   796  N N   . ARG A 1 122 ? -6.491  9.054   5.156   1.00 13.75 ? 122 ARG A N   1 
ATOM   797  C CA  . ARG A 1 122 ? -6.518  8.969   6.610   1.00 17.14 ? 122 ARG A CA  1 
ATOM   798  C C   . ARG A 1 122 ? -6.818  10.370  7.130   1.00 17.57 ? 122 ARG A C   1 
ATOM   799  O O   . ARG A 1 122 ? -6.135  11.328  6.767   1.00 18.61 ? 122 ARG A O   1 
ATOM   800  C CB  . ARG A 1 122 ? -5.162  8.527   7.169   1.00 18.10 ? 122 ARG A CB  1 
ATOM   801  C CG  . ARG A 1 122 ? -4.572  7.250   6.593   1.00 21.89 ? 122 ARG A CG  1 
ATOM   802  C CD  . ARG A 1 122 ? -3.387  6.804   7.453   1.00 24.60 ? 122 ARG A CD  1 
ATOM   803  N NE  . ARG A 1 122 ? -2.627  5.695   6.875   1.00 29.20 ? 122 ARG A NE  1 
ATOM   804  C CZ  . ARG A 1 122 ? -1.815  5.809   5.828   1.00 30.38 ? 122 ARG A CZ  1 
ATOM   805  N NH1 . ARG A 1 122 ? -1.651  6.986   5.238   1.00 31.31 ? 122 ARG A NH1 1 
ATOM   806  N NH2 . ARG A 1 122 ? -1.160  4.748   5.377   1.00 31.68 ? 122 ARG A NH2 1 
ATOM   807  N N   . ALA A 1 123 ? -7.834  10.486  7.976   1.00 18.55 ? 123 ALA A N   1 
ATOM   808  C CA  . ALA A 1 123 ? -8.210  11.777  8.541   1.00 19.51 ? 123 ALA A CA  1 
ATOM   809  C C   . ALA A 1 123 ? -8.403  12.827  7.447   1.00 20.02 ? 123 ALA A C   1 
ATOM   810  O O   . ALA A 1 123 ? -8.067  13.999  7.627   1.00 21.07 ? 123 ALA A O   1 
ATOM   811  C CB  . ALA A 1 123 ? -7.151  12.240  9.537   1.00 20.26 ? 123 ALA A CB  1 
ATOM   812  N N   . GLY A 1 124 ? -8.938  12.393  6.310   1.00 19.02 ? 124 GLY A N   1 
ATOM   813  C CA  . GLY A 1 124 ? -9.191  13.300  5.203   1.00 17.87 ? 124 GLY A CA  1 
ATOM   814  C C   . GLY A 1 124 ? -8.000  13.669  4.335   1.00 17.42 ? 124 GLY A C   1 
ATOM   815  O O   . GLY A 1 124 ? -8.146  14.429  3.378   1.00 18.45 ? 124 GLY A O   1 
ATOM   816  N N   . GLN A 1 125 ? -6.827  13.132  4.651   1.00 15.93 ? 125 GLN A N   1 
ATOM   817  C CA  . GLN A 1 125 ? -5.628  13.441  3.878   1.00 16.03 ? 125 GLN A CA  1 
ATOM   818  C C   . GLN A 1 125 ? -5.286  12.312  2.909   1.00 14.68 ? 125 GLN A C   1 
ATOM   819  O O   . GLN A 1 125 ? -5.173  11.153  3.308   1.00 13.72 ? 125 GLN A O   1 
ATOM   820  C CB  . GLN A 1 125 ? -4.455  13.700  4.823   1.00 18.75 ? 125 GLN A CB  1 
ATOM   821  C CG  . GLN A 1 125 ? -4.768  14.713  5.919   1.00 24.68 ? 125 GLN A CG  1 
ATOM   822  C CD  . GLN A 1 125 ? -5.354  16.005  5.374   1.00 26.61 ? 125 GLN A CD  1 
ATOM   823  O OE1 . GLN A 1 125 ? -4.727  16.697  4.572   1.00 28.97 ? 125 GLN A OE1 1 
ATOM   824  N NE2 . GLN A 1 125 ? -6.566  16.336  5.811   1.00 27.61 ? 125 GLN A NE2 1 
ATOM   825  N N   . LEU A 1 126 ? -5.115  12.664  1.638   1.00 13.80 ? 126 LEU A N   1 
ATOM   826  C CA  . LEU A 1 126 ? -4.810  11.689  0.596   1.00 13.34 ? 126 LEU A CA  1 
ATOM   827  C C   . LEU A 1 126 ? -3.317  11.480  0.356   1.00 12.10 ? 126 LEU A C   1 
ATOM   828  O O   . LEU A 1 126 ? -2.549  12.438  0.269   1.00 13.13 ? 126 LEU A O   1 
ATOM   829  C CB  . LEU A 1 126 ? -5.468  12.116  -0.719  1.00 13.83 ? 126 LEU A CB  1 
ATOM   830  C CG  . LEU A 1 126 ? -5.414  11.107  -1.870  1.00 15.44 ? 126 LEU A CG  1 
ATOM   831  C CD1 . LEU A 1 126 ? -6.322  9.924   -1.561  1.00 16.43 ? 126 LEU A CD1 1 
ATOM   832  C CD2 . LEU A 1 126 ? -5.853  11.780  -3.160  1.00 16.90 ? 126 LEU A CD2 1 
ATOM   833  N N   . SER A 1 127 ? -2.920  10.214  0.249   1.00 10.64 ? 127 SER A N   1 
ATOM   834  C CA  . SER A 1 127 ? -1.534  9.848   -0.012  1.00 10.29 ? 127 SER A CA  1 
ATOM   835  C C   . SER A 1 127 ? -1.525  8.841   -1.157  1.00 8.77  ? 127 SER A C   1 
ATOM   836  O O   . SER A 1 127 ? -2.545  8.216   -1.451  1.00 9.40  ? 127 SER A O   1 
ATOM   837  C CB  . SER A 1 127 ? -0.891  9.237   1.234   1.00 11.82 ? 127 SER A CB  1 
ATOM   838  O OG  . SER A 1 127 ? -1.607  8.098   1.682   1.00 14.55 ? 127 SER A OG  1 
ATOM   839  N N   . VAL A 1 128 ? -0.379  8.693   -1.810  1.00 8.06  ? 128 VAL A N   1 
ATOM   840  C CA  . VAL A 1 128 ? -0.261  7.770   -2.931  1.00 7.48  ? 128 VAL A CA  1 
ATOM   841  C C   . VAL A 1 128 ? 0.949   6.872   -2.699  1.00 6.64  ? 128 VAL A C   1 
ATOM   842  O O   . VAL A 1 128 ? 2.014   7.346   -2.298  1.00 7.79  ? 128 VAL A O   1 
ATOM   843  C CB  . VAL A 1 128 ? -0.082  8.542   -4.263  1.00 8.36  ? 128 VAL A CB  1 
ATOM   844  C CG1 . VAL A 1 128 ? -0.390  7.639   -5.434  1.00 10.57 ? 128 VAL A CG1 1 
ATOM   845  C CG2 . VAL A 1 128 ? -0.982  9.772   -4.276  1.00 13.21 ? 128 VAL A CG2 1 
ATOM   846  N N   . LYS A 1 129 ? 0.785   5.578   -2.953  1.00 6.34  ? 129 LYS A N   1 
ATOM   847  C CA  . LYS A 1 129 ? 1.864   4.621   -2.740  1.00 5.96  ? 129 LYS A CA  1 
ATOM   848  C C   . LYS A 1 129 ? 2.162   3.786   -3.971  1.00 5.81  ? 129 LYS A C   1 
ATOM   849  O O   . LYS A 1 129 ? 1.250   3.365   -4.683  1.00 6.95  ? 129 LYS A O   1 
ATOM   850  C CB  . LYS A 1 129 ? 1.516   3.688   -1.578  1.00 7.30  ? 129 LYS A CB  1 
ATOM   851  C CG  . LYS A 1 129 ? 1.220   4.419   -0.280  1.00 9.07  ? 129 LYS A CG  1 
ATOM   852  C CD  . LYS A 1 129 ? 1.027   3.460   0.885   1.00 11.68 ? 129 LYS A CD  1 
ATOM   853  C CE  . LYS A 1 129 ? 0.838   4.240   2.177   1.00 14.04 ? 129 LYS A CE  1 
ATOM   854  N NZ  . LYS A 1 129 ? 0.648   3.349   3.355   1.00 16.21 ? 129 LYS A NZ  1 
ATOM   855  N N   . LEU A 1 130 ? 3.450   3.553   -4.210  1.00 5.45  ? 130 LEU A N   1 
ATOM   856  C CA  . LEU A 1 130 ? 3.896   2.741   -5.332  1.00 5.51  ? 130 LEU A CA  1 
ATOM   857  C C   . LEU A 1 130 ? 4.482   1.437   -4.803  1.00 5.04  ? 130 LEU A C   1 
ATOM   858  O O   . LEU A 1 130 ? 5.364   1.450   -3.936  1.00 6.28  ? 130 LEU A O   1 
ATOM   859  C CB  . LEU A 1 130 ? 4.965   3.478   -6.142  1.00 6.36  ? 130 LEU A CB  1 
ATOM   860  C CG  . LEU A 1 130 ? 5.625   2.669   -7.265  1.00 6.16  ? 130 LEU A CG  1 
ATOM   861  C CD1 . LEU A 1 130 ? 4.595   2.330   -8.331  1.00 8.59  ? 130 LEU A CD1 1 
ATOM   862  C CD2 . LEU A 1 130 ? 6.772   3.476   -7.867  1.00 7.41  ? 130 LEU A CD2 1 
ATOM   863  N N   . TYR A 1 131 ? 3.973   0.324   -5.324  1.00 5.28  ? 131 TYR A N   1 
ATOM   864  C CA  . TYR A 1 131 ? 4.453   -1.006  -4.966  1.00 5.19  ? 131 TYR A CA  1 
ATOM   865  C C   . TYR A 1 131 ? 4.953   -1.683  -6.230  1.00 6.36  ? 131 TYR A C   1 
ATOM   866  O O   . TYR A 1 131 ? 4.477   -1.389  -7.330  1.00 5.93  ? 131 TYR A O   1 
ATOM   867  C CB  . TYR A 1 131 ? 3.340   -1.869  -4.369  1.00 6.43  ? 131 TYR A CB  1 
ATOM   868  C CG  . TYR A 1 131 ? 2.793   -1.376  -3.056  1.00 5.16  ? 131 TYR A CG  1 
ATOM   869  C CD1 . TYR A 1 131 ? 1.746   -0.462  -3.018  1.00 5.90  ? 131 TYR A CD1 1 
ATOM   870  C CD2 . TYR A 1 131 ? 3.315   -1.834  -1.852  1.00 5.90  ? 131 TYR A CD2 1 
ATOM   871  C CE1 . TYR A 1 131 ? 1.223   -0.019  -1.807  1.00 7.31  ? 131 TYR A CE1 1 
ATOM   872  C CE2 . TYR A 1 131 ? 2.803   -1.398  -0.636  1.00 7.59  ? 131 TYR A CE2 1 
ATOM   873  C CZ  . TYR A 1 131 ? 1.758   -0.494  -0.622  1.00 6.26  ? 131 TYR A CZ  1 
ATOM   874  O OH  . TYR A 1 131 ? 1.234   -0.077  0.581   1.00 9.97  ? 131 TYR A OH  1 
ATOM   875  N N   . ALA A 1 132 ? 5.899   -2.599  -6.068  1.00 6.19  ? 132 ALA A N   1 
ATOM   876  C CA  . ALA A 1 132 ? 6.469   -3.328  -7.192  1.00 5.95  ? 132 ALA A CA  1 
ATOM   877  C C   . ALA A 1 132 ? 6.616   -4.804  -6.843  1.00 6.34  ? 132 ALA A C   1 
ATOM   878  O O   . ALA A 1 132 ? 6.790   -5.158  -5.679  1.00 6.63  ? 132 ALA A O   1 
ATOM   879  C CB  . ALA A 1 132 ? 7.836   -2.745  -7.547  1.00 8.39  ? 132 ALA A CB  1 
ATOM   880  N N   . ARG A 1 133 ? 6.538   -5.668  -7.851  1.00 6.11  ? 133 ARG A N   1 
ATOM   881  C CA  . ARG A 1 133 ? 6.704   -7.102  -7.623  1.00 6.88  ? 133 ARG A CA  1 
ATOM   882  C C   . ARG A 1 133 ? 8.188   -7.414  -7.446  1.00 7.01  ? 133 ARG A C   1 
ATOM   883  O O   . ARG A 1 133 ? 8.554   -8.384  -6.784  1.00 7.06  ? 133 ARG A O   1 
ATOM   884  C CB  . ARG A 1 133 ? 6.168   -7.909  -8.807  1.00 6.40  ? 133 ARG A CB  1 
ATOM   885  C CG  . ARG A 1 133 ? 4.654   -7.915  -8.948  1.00 7.55  ? 133 ARG A CG  1 
ATOM   886  C CD  . ARG A 1 133 ? 3.975   -8.606  -7.770  1.00 7.33  ? 133 ARG A CD  1 
ATOM   887  N NE  . ARG A 1 133 ? 2.604   -8.973  -8.115  1.00 6.48  ? 133 ARG A NE  1 
ATOM   888  C CZ  . ARG A 1 133 ? 1.798   -9.699  -7.347  1.00 8.38  ? 133 ARG A CZ  1 
ATOM   889  N NH1 . ARG A 1 133 ? 2.209   -10.147 -6.167  1.00 8.21  ? 133 ARG A NH1 1 
ATOM   890  N NH2 . ARG A 1 133 ? 0.580   -10.000 -7.782  1.00 7.98  ? 133 ARG A NH2 1 
ATOM   891  N N   . SER A 1 134 ? 9.036   -6.584  -8.044  1.00 6.02  ? 134 SER A N   1 
ATOM   892  C CA  . SER A 1 134 ? 10.478  -6.766  -7.957  1.00 6.59  ? 134 SER A CA  1 
ATOM   893  C C   . SER A 1 134 ? 11.176  -5.466  -8.317  1.00 7.45  ? 134 SER A C   1 
ATOM   894  O O   . SER A 1 134 ? 10.575  -4.566  -8.912  1.00 8.20  ? 134 SER A O   1 
ATOM   895  C CB  . SER A 1 134 ? 10.942  -7.871  -8.913  1.00 7.41  ? 134 SER A CB  1 
ATOM   896  O OG  . SER A 1 134 ? 10.746  -7.495  -10.267 1.00 8.16  ? 134 SER A OG  1 
ATOM   897  N N   . LEU A 1 135 ? 12.445  -5.366  -7.942  1.00 8.12  ? 135 LEU A N   1 
ATOM   898  C CA  . LEU A 1 135 ? 13.244  -4.183  -8.235  1.00 8.40  ? 135 LEU A CA  1 
ATOM   899  C C   . LEU A 1 135 ? 14.241  -4.546  -9.330  1.00 9.19  ? 135 LEU A C   1 
ATOM   900  O O   . LEU A 1 135 ? 14.756  -5.665  -9.369  1.00 9.59  ? 135 LEU A O   1 
ATOM   901  C CB  . LEU A 1 135 ? 13.990  -3.722  -6.981  1.00 9.54  ? 135 LEU A CB  1 
ATOM   902  C CG  . LEU A 1 135 ? 13.109  -3.457  -5.757  1.00 9.50  ? 135 LEU A CG  1 
ATOM   903  C CD1 . LEU A 1 135 ? 13.978  -3.033  -4.583  1.00 11.12 ? 135 LEU A CD1 1 
ATOM   904  C CD2 . LEU A 1 135 ? 12.083  -2.378  -6.074  1.00 12.08 ? 135 LEU A CD2 1 
ATOM   905  N N   . PRO A 1 136 ? 14.572  -3.589  -10.205 1.00 9.57  ? 136 PRO A N   1 
ATOM   906  C CA  . PRO A 1 136 ? 14.087  -2.207  -10.229 1.00 10.52 ? 136 PRO A CA  1 
ATOM   907  C C   . PRO A 1 136 ? 12.709  -2.017  -10.840 1.00 10.53 ? 136 PRO A C   1 
ATOM   908  O O   . PRO A 1 136 ? 12.187  -2.884  -11.539 1.00 10.38 ? 136 PRO A O   1 
ATOM   909  C CB  . PRO A 1 136 ? 15.159  -1.499  -11.045 1.00 11.77 ? 136 PRO A CB  1 
ATOM   910  C CG  . PRO A 1 136 ? 15.482  -2.530  -12.072 1.00 12.99 ? 136 PRO A CG  1 
ATOM   911  C CD  . PRO A 1 136 ? 15.588  -3.799  -11.251 1.00 10.60 ? 136 PRO A CD  1 
ATOM   912  N N   . VAL A 1 137 ? 12.127  -0.860  -10.547 1.00 10.98 ? 137 VAL A N   1 
ATOM   913  C CA  . VAL A 1 137 ? 10.839  -0.472  -11.095 1.00 10.30 ? 137 VAL A CA  1 
ATOM   914  C C   . VAL A 1 137 ? 11.206  0.105   -12.458 1.00 10.31 ? 137 VAL A C   1 
ATOM   915  O O   . VAL A 1 137 ? 12.268  0.712   -12.605 1.00 10.82 ? 137 VAL A O   1 
ATOM   916  C CB  . VAL A 1 137 ? 10.197  0.636   -10.246 1.00 9.75  ? 137 VAL A CB  1 
ATOM   917  C CG1 . VAL A 1 137 ? 8.884   1.079   -10.865 1.00 11.02 ? 137 VAL A CG1 1 
ATOM   918  C CG2 . VAL A 1 137 ? 9.994   0.136   -8.824  1.00 11.25 ? 137 VAL A CG2 1 
ATOM   919  N N   . SER A 1 138 ? 10.347  -0.081  -13.452 1.00 10.84 ? 138 SER A N   1 
ATOM   920  C CA  . SER A 1 138 ? 10.641  0.440   -14.783 1.00 12.20 ? 138 SER A CA  1 
ATOM   921  C C   . SER A 1 138 ? 10.633  1.966   -14.797 1.00 11.88 ? 138 SER A C   1 
ATOM   922  O O   . SER A 1 138 ? 9.956   2.604   -13.987 1.00 10.77 ? 138 SER A O   1 
ATOM   923  C CB  . SER A 1 138 ? 9.622   -0.078  -15.802 1.00 13.72 ? 138 SER A CB  1 
ATOM   924  O OG  . SER A 1 138 ? 8.378   0.582   -15.655 1.00 15.59 ? 138 SER A OG  1 
ATOM   925  N N   . ASP A 1 139 ? 11.390  2.548   -15.719 1.00 13.21 ? 139 ASP A N   1 
ATOM   926  C CA  . ASP A 1 139 ? 11.453  3.998   -15.836 1.00 13.75 ? 139 ASP A CA  1 
ATOM   927  C C   . ASP A 1 139 ? 10.059  4.571   -16.090 1.00 12.72 ? 139 ASP A C   1 
ATOM   928  O O   . ASP A 1 139 ? 9.694   5.610   -15.534 1.00 13.20 ? 139 ASP A O   1 
ATOM   929  C CB  . ASP A 1 139 ? 12.395  4.394   -16.979 1.00 18.03 ? 139 ASP A CB  1 
ATOM   930  C CG  . ASP A 1 139 ? 13.847  4.047   -16.690 1.00 21.72 ? 139 ASP A CG  1 
ATOM   931  O OD1 . ASP A 1 139 ? 14.686  4.192   -17.608 1.00 25.14 ? 139 ASP A OD1 1 
ATOM   932  O OD2 . ASP A 1 139 ? 14.157  3.636   -15.551 1.00 23.94 ? 139 ASP A OD2 1 
ATOM   933  N N   . SER A 1 140 ? 9.282   3.886   -16.926 1.00 12.47 ? 140 SER A N   1 
ATOM   934  C CA  . SER A 1 140 ? 7.928   4.324   -17.255 1.00 12.90 ? 140 SER A CA  1 
ATOM   935  C C   . SER A 1 140 ? 7.032   4.398   -16.021 1.00 10.13 ? 140 SER A C   1 
ATOM   936  O O   . SER A 1 140 ? 6.273   5.350   -15.847 1.00 9.70  ? 140 SER A O   1 
ATOM   937  C CB  . SER A 1 140 ? 7.297   3.377   -18.281 1.00 13.73 ? 140 SER A CB  1 
ATOM   938  O OG  . SER A 1 140 ? 5.946   3.730   -18.528 1.00 21.15 ? 140 SER A OG  1 
ATOM   939  N N   . VAL A 1 141 ? 7.120   3.387   -15.165 1.00 9.12  ? 141 VAL A N   1 
ATOM   940  C CA  . VAL A 1 141 ? 6.303   3.359   -13.962 1.00 8.29  ? 141 VAL A CA  1 
ATOM   941  C C   . VAL A 1 141 ? 6.738   4.410   -12.940 1.00 8.05  ? 141 VAL A C   1 
ATOM   942  O O   . VAL A 1 141 ? 5.898   5.044   -12.308 1.00 7.91  ? 141 VAL A O   1 
ATOM   943  C CB  . VAL A 1 141 ? 6.320   1.954   -13.333 1.00 8.25  ? 141 VAL A CB  1 
ATOM   944  C CG1 . VAL A 1 141 ? 5.711   1.990   -11.944 1.00 9.24  ? 141 VAL A CG1 1 
ATOM   945  C CG2 . VAL A 1 141 ? 5.530   0.997   -14.216 1.00 10.53 ? 141 VAL A CG2 1 
ATOM   946  N N   . LEU A 1 142 ? 8.045   4.601   -12.778 1.00 8.22  ? 142 LEU A N   1 
ATOM   947  C CA  . LEU A 1 142 ? 8.527   5.611   -11.838 1.00 8.74  ? 142 LEU A CA  1 
ATOM   948  C C   . LEU A 1 142 ? 8.048   6.991   -12.291 1.00 9.16  ? 142 LEU A C   1 
ATOM   949  O O   . LEU A 1 142 ? 7.543   7.778   -11.494 1.00 9.62  ? 142 LEU A O   1 
ATOM   950  C CB  . LEU A 1 142 ? 10.054  5.587   -11.760 1.00 9.76  ? 142 LEU A CB  1 
ATOM   951  C CG  . LEU A 1 142 ? 10.644  4.378   -11.031 1.00 10.58 ? 142 LEU A CG  1 
ATOM   952  C CD1 . LEU A 1 142 ? 12.152  4.354   -11.214 1.00 12.27 ? 142 LEU A CD1 1 
ATOM   953  C CD2 . LEU A 1 142 ? 10.283  4.445   -9.553  1.00 11.81 ? 142 LEU A CD2 1 
ATOM   954  N N   . SER A 1 143 ? 8.199   7.274   -13.580 1.00 9.30  ? 143 SER A N   1 
ATOM   955  C CA  . SER A 1 143 ? 7.760   8.554   -14.124 1.00 10.27 ? 143 SER A CA  1 
ATOM   956  C C   . SER A 1 143 ? 6.244   8.679   -13.997 1.00 8.93  ? 143 SER A C   1 
ATOM   957  O O   . SER A 1 143 ? 5.727   9.759   -13.717 1.00 9.86  ? 143 SER A O   1 
ATOM   958  C CB  . SER A 1 143 ? 8.175   8.680   -15.593 1.00 12.95 ? 143 SER A CB  1 
ATOM   959  O OG  . SER A 1 143 ? 9.584   8.798   -15.718 1.00 17.00 ? 143 SER A OG  1 
ATOM   960  N N   . GLY A 1 144 ? 5.537   7.571   -14.197 1.00 8.75  ? 144 GLY A N   1 
ATOM   961  C CA  . GLY A 1 144 ? 4.090   7.587   -14.084 1.00 9.02  ? 144 GLY A CA  1 
ATOM   962  C C   . GLY A 1 144 ? 3.657   7.909   -12.668 1.00 7.86  ? 144 GLY A C   1 
ATOM   963  O O   . GLY A 1 144 ? 2.742   8.695   -12.451 1.00 8.70  ? 144 GLY A O   1 
ATOM   964  N N   . PHE A 1 145 ? 4.314   7.284   -11.698 1.00 8.07  ? 145 PHE A N   1 
ATOM   965  C CA  . PHE A 1 145 ? 3.997   7.528   -10.300 1.00 7.44  ? 145 PHE A CA  1 
ATOM   966  C C   . PHE A 1 145 ? 4.222   9.005   -9.968  1.00 7.62  ? 145 PHE A C   1 
ATOM   967  O O   . PHE A 1 145 ? 3.401   9.637   -9.308  1.00 8.51  ? 145 PHE A O   1 
ATOM   968  C CB  . PHE A 1 145 ? 4.870   6.644   -9.406  1.00 8.71  ? 145 PHE A CB  1 
ATOM   969  C CG  . PHE A 1 145 ? 4.678   6.894   -7.942  1.00 7.15  ? 145 PHE A CG  1 
ATOM   970  C CD1 . PHE A 1 145 ? 3.468   6.599   -7.318  1.00 7.50  ? 145 PHE A CD1 1 
ATOM   971  C CD2 . PHE A 1 145 ? 5.702   7.449   -7.185  1.00 8.06  ? 145 PHE A CD2 1 
ATOM   972  C CE1 . PHE A 1 145 ? 3.284   6.856   -5.961  1.00 9.60  ? 145 PHE A CE1 1 
ATOM   973  C CE2 . PHE A 1 145 ? 5.527   7.709   -5.829  1.00 9.86  ? 145 PHE A CE2 1 
ATOM   974  C CZ  . PHE A 1 145 ? 4.316   7.413   -5.218  1.00 9.78  ? 145 PHE A CZ  1 
ATOM   975  N N   . GLU A 1 146 ? 5.346   9.551   -10.423 1.00 8.94  ? 146 GLU A N   1 
ATOM   976  C CA  . GLU A 1 146 ? 5.644   10.957  -10.181 1.00 9.62  ? 146 GLU A CA  1 
ATOM   977  C C   . GLU A 1 146 ? 4.544   11.844  -10.767 1.00 9.09  ? 146 GLU A C   1 
ATOM   978  O O   . GLU A 1 146 ? 4.154   12.840  -10.158 1.00 10.58 ? 146 GLU A O   1 
ATOM   979  C CB  . GLU A 1 146 ? 6.998   11.320  -10.798 1.00 11.37 ? 146 GLU A CB  1 
ATOM   980  C CG  . GLU A 1 146 ? 8.195   10.771  -10.031 1.00 12.21 ? 146 GLU A CG  1 
ATOM   981  C CD  . GLU A 1 146 ? 9.514   10.999  -10.749 1.00 14.48 ? 146 GLU A CD  1 
ATOM   982  O OE1 . GLU A 1 146 ? 10.574  10.896  -10.095 1.00 19.19 ? 146 GLU A OE1 1 
ATOM   983  O OE2 . GLU A 1 146 ? 9.493   11.272  -11.969 1.00 16.98 ? 146 GLU A OE2 1 
ATOM   984  N N   . GLN A 1 147 ? 4.039   11.472  -11.943 1.00 8.60  ? 147 GLN A N   1 
ATOM   985  C CA  . GLN A 1 147 ? 2.977   12.234  -12.592 1.00 9.37  ? 147 GLN A CA  1 
ATOM   986  C C   . GLN A 1 147 ? 1.708   12.167  -11.743 1.00 8.81  ? 147 GLN A C   1 
ATOM   987  O O   . GLN A 1 147 ? 1.010   13.164  -11.575 1.00 10.81 ? 147 GLN A O   1 
ATOM   988  C CB  . GLN A 1 147 ? 2.711   11.678  -13.997 1.00 10.31 ? 147 GLN A CB  1 
ATOM   989  C CG  . GLN A 1 147 ? 1.642   12.427  -14.805 1.00 11.18 ? 147 GLN A CG  1 
ATOM   990  C CD  . GLN A 1 147 ? 1.971   13.899  -15.020 1.00 11.61 ? 147 GLN A CD  1 
ATOM   991  O OE1 . GLN A 1 147 ? 3.128   14.265  -15.230 1.00 13.17 ? 147 GLN A OE1 1 
ATOM   992  N NE2 . GLN A 1 147 ? 0.949   14.745  -14.985 1.00 13.45 ? 147 GLN A NE2 1 
ATOM   993  N N   . ARG A 1 148 ? 1.405   10.990  -11.199 1.00 8.41  ? 148 ARG A N   1 
ATOM   994  C CA  . ARG A 1 148 ? 0.218   10.855  -10.361 1.00 8.54  ? 148 ARG A CA  1 
ATOM   995  C C   . ARG A 1 148 ? 0.355   11.669  -9.076  1.00 8.71  ? 148 ARG A C   1 
ATOM   996  O O   . ARG A 1 148 ? -0.618  12.252  -8.595  1.00 9.25  ? 148 ARG A O   1 
ATOM   997  C CB  . ARG A 1 148 ? -0.042  9.386   -10.021 1.00 7.93  ? 148 ARG A CB  1 
ATOM   998  C CG  . ARG A 1 148 ? -0.378  8.523   -11.227 1.00 8.28  ? 148 ARG A CG  1 
ATOM   999  C CD  . ARG A 1 148 ? -1.474  9.134   -12.090 1.00 8.32  ? 148 ARG A CD  1 
ATOM   1000 N NE  . ARG A 1 148 ? -1.905  8.187   -13.111 1.00 9.15  ? 148 ARG A NE  1 
ATOM   1001 C CZ  . ARG A 1 148 ? -2.409  8.525   -14.293 1.00 10.82 ? 148 ARG A CZ  1 
ATOM   1002 N NH1 . ARG A 1 148 ? -2.551  9.800   -14.624 1.00 11.81 ? 148 ARG A NH1 1 
ATOM   1003 N NH2 . ARG A 1 148 ? -2.768  7.577   -15.145 1.00 10.05 ? 148 ARG A NH2 1 
ATOM   1004 N N   . VAL A 1 149 ? 1.560   11.709  -8.516  1.00 9.33  ? 149 VAL A N   1 
ATOM   1005 C CA  . VAL A 1 149 ? 1.796   12.481  -7.301  1.00 9.92  ? 149 VAL A CA  1 
ATOM   1006 C C   . VAL A 1 149 ? 1.530   13.964  -7.587  1.00 10.19 ? 149 VAL A C   1 
ATOM   1007 O O   . VAL A 1 149 ? 0.857   14.649  -6.810  1.00 10.55 ? 149 VAL A O   1 
ATOM   1008 C CB  . VAL A 1 149 ? 3.246   12.283  -6.792  1.00 9.74  ? 149 VAL A CB  1 
ATOM   1009 C CG1 . VAL A 1 149 ? 3.551   13.270  -5.674  1.00 12.28 ? 149 VAL A CG1 1 
ATOM   1010 C CG2 . VAL A 1 149 ? 3.421   10.849  -6.287  1.00 11.15 ? 149 VAL A CG2 1 
ATOM   1011 N N   . GLN A 1 150 ? 2.045   14.449  -8.713  1.00 10.84 ? 150 GLN A N   1 
ATOM   1012 C CA  . GLN A 1 150 ? 1.842   15.841  -9.108  1.00 13.04 ? 150 GLN A CA  1 
ATOM   1013 C C   . GLN A 1 150 ? 0.350   16.125  -9.289  1.00 12.41 ? 150 GLN A C   1 
ATOM   1014 O O   . GLN A 1 150 ? -0.159  17.160  -8.851  1.00 13.44 ? 150 GLN A O   1 
ATOM   1015 C CB  . GLN A 1 150 ? 2.585   16.123  -10.416 1.00 14.91 ? 150 GLN A CB  1 
ATOM   1016 C CG  . GLN A 1 150 ? 4.104   16.094  -10.295 1.00 20.83 ? 150 GLN A CG  1 
ATOM   1017 C CD  . GLN A 1 150 ? 4.657   17.310  -9.574  1.00 23.92 ? 150 GLN A CD  1 
ATOM   1018 O OE1 . GLN A 1 150 ? 5.861   17.408  -9.327  1.00 26.37 ? 150 GLN A OE1 1 
ATOM   1019 N NE2 . GLN A 1 150 ? 3.779   18.248  -9.235  1.00 26.09 ? 150 GLN A NE2 1 
ATOM   1020 N N   . GLU A 1 151 ? -0.351  15.195  -9.931  1.00 11.74 ? 151 GLU A N   1 
ATOM   1021 C CA  . GLU A 1 151 ? -1.779  15.354  -10.171 1.00 12.79 ? 151 GLU A CA  1 
ATOM   1022 C C   . GLU A 1 151 ? -2.594  15.335  -8.879  1.00 14.10 ? 151 GLU A C   1 
ATOM   1023 O O   . GLU A 1 151 ? -3.717  15.845  -8.838  1.00 15.17 ? 151 GLU A O   1 
ATOM   1024 C CB  . GLU A 1 151 ? -2.253  14.272  -11.151 1.00 12.42 ? 151 GLU A CB  1 
ATOM   1025 C CG  . GLU A 1 151 ? -1.747  14.534  -12.570 1.00 12.23 ? 151 GLU A CG  1 
ATOM   1026 C CD  . GLU A 1 151 ? -1.941  13.366  -13.527 1.00 11.79 ? 151 GLU A CD  1 
ATOM   1027 O OE1 . GLU A 1 151 ? -1.656  13.541  -14.733 1.00 13.18 ? 151 GLU A OE1 1 
ATOM   1028 O OE2 . GLU A 1 151 ? -2.367  12.275  -13.089 1.00 12.56 ? 151 GLU A OE2 1 
ATOM   1029 N N   . ALA A 1 152 ? -2.017  14.766  -7.822  1.00 14.17 ? 152 ALA A N   1 
ATOM   1030 C CA  . ALA A 1 152 ? -2.674  14.686  -6.522  1.00 14.16 ? 152 ALA A CA  1 
ATOM   1031 C C   . ALA A 1 152 ? -2.366  15.926  -5.684  1.00 15.55 ? 152 ALA A C   1 
ATOM   1032 O O   . ALA A 1 152 ? -2.690  15.985  -4.498  1.00 17.23 ? 152 ALA A O   1 
ATOM   1033 C CB  . ALA A 1 152 ? -2.219  13.427  -5.785  1.00 14.00 ? 152 ALA A CB  1 
ATOM   1034 N N   . HIS A 1 153 ? -1.730  16.910  -6.311  1.00 15.40 ? 153 HIS A N   1 
ATOM   1035 C CA  . HIS A 1 153 ? -1.386  18.165  -5.645  1.00 16.63 ? 153 HIS A CA  1 
ATOM   1036 C C   . HIS A 1 153 ? -0.283  18.025  -4.599  1.00 16.23 ? 153 HIS A C   1 
ATOM   1037 O O   . HIS A 1 153 ? -0.253  18.758  -3.607  1.00 17.35 ? 153 HIS A O   1 
ATOM   1038 C CB  . HIS A 1 153 ? -2.638  18.774  -5.008  1.00 20.74 ? 153 HIS A CB  1 
ATOM   1039 C CG  . HIS A 1 153 ? -3.806  18.852  -5.940  1.00 24.26 ? 153 HIS A CG  1 
ATOM   1040 N ND1 . HIS A 1 153 ? -3.780  19.587  -7.105  1.00 26.30 ? 153 HIS A ND1 1 
ATOM   1041 C CD2 . HIS A 1 153 ? -5.025  18.262  -5.893  1.00 25.36 ? 153 HIS A CD2 1 
ATOM   1042 C CE1 . HIS A 1 153 ? -4.932  19.447  -7.738  1.00 26.61 ? 153 HIS A CE1 1 
ATOM   1043 N NE2 . HIS A 1 153 ? -5.704  18.648  -7.024  1.00 27.36 ? 153 HIS A NE2 1 
ATOM   1044 N N   . LEU A 1 154 ? 0.620   17.076  -4.824  1.00 13.17 ? 154 LEU A N   1 
ATOM   1045 C CA  . LEU A 1 154 ? 1.753   16.855  -3.932  1.00 12.67 ? 154 LEU A CA  1 
ATOM   1046 C C   . LEU A 1 154 ? 3.023   17.178  -4.715  1.00 13.16 ? 154 LEU A C   1 
ATOM   1047 O O   . LEU A 1 154 ? 3.036   17.098  -5.947  1.00 14.05 ? 154 LEU A O   1 
ATOM   1048 C CB  . LEU A 1 154 ? 1.783   15.398  -3.453  1.00 12.67 ? 154 LEU A CB  1 
ATOM   1049 C CG  . LEU A 1 154 ? 0.624   14.975  -2.546  1.00 12.18 ? 154 LEU A CG  1 
ATOM   1050 C CD1 . LEU A 1 154 ? 0.615   13.459  -2.390  1.00 13.04 ? 154 LEU A CD1 1 
ATOM   1051 C CD2 . LEU A 1 154 ? 0.754   15.658  -1.193  1.00 14.20 ? 154 LEU A CD2 1 
ATOM   1052 N N   . THR A 1 155 ? 4.089   17.547  -4.012  1.00 13.61 ? 155 THR A N   1 
ATOM   1053 C CA  . THR A 1 155 ? 5.343   17.887  -4.676  1.00 13.24 ? 155 THR A CA  1 
ATOM   1054 C C   . THR A 1 155 ? 6.303   16.705  -4.700  1.00 14.48 ? 155 THR A C   1 
ATOM   1055 O O   . THR A 1 155 ? 6.105   15.711  -3.997  1.00 12.22 ? 155 THR A O   1 
ATOM   1056 C CB  . THR A 1 155 ? 6.064   19.048  -3.969  1.00 13.40 ? 155 THR A CB  1 
ATOM   1057 O OG1 . THR A 1 155 ? 6.615   18.581  -2.731  1.00 12.64 ? 155 THR A OG1 1 
ATOM   1058 C CG2 . THR A 1 155 ? 5.099   20.194  -3.689  1.00 13.18 ? 155 THR A CG2 1 
ATOM   1059 N N   . GLU A 1 156 ? 7.348   16.819  -5.513  1.00 15.24 ? 156 GLU A N   1 
ATOM   1060 C CA  . GLU A 1 156 ? 8.353   15.770  -5.607  1.00 16.99 ? 156 GLU A CA  1 
ATOM   1061 C C   . GLU A 1 156 ? 9.029   15.650  -4.244  1.00 16.35 ? 156 GLU A C   1 
ATOM   1062 O O   . GLU A 1 156 ? 9.501   14.577  -3.864  1.00 15.96 ? 156 GLU A O   1 
ATOM   1063 C CB  . GLU A 1 156 ? 9.392   16.128  -6.676  1.00 19.88 ? 156 GLU A CB  1 
ATOM   1064 C CG  . GLU A 1 156 ? 10.514  15.109  -6.842  1.00 24.53 ? 156 GLU A CG  1 
ATOM   1065 C CD  . GLU A 1 156 ? 10.064  13.831  -7.527  1.00 26.64 ? 156 GLU A CD  1 
ATOM   1066 O OE1 . GLU A 1 156 ? 10.863  12.872  -7.574  1.00 29.21 ? 156 GLU A OE1 1 
ATOM   1067 O OE2 . GLU A 1 156 ? 8.919   13.785  -8.025  1.00 29.46 ? 156 GLU A OE2 1 
ATOM   1068 N N   . ASP A 1 157 ? 9.061   16.758  -3.506  1.00 15.60 ? 157 ASP A N   1 
ATOM   1069 C CA  . ASP A 1 157 ? 9.682   16.786  -2.186  1.00 16.52 ? 157 ASP A CA  1 
ATOM   1070 C C   . ASP A 1 157 ? 8.851   16.038  -1.148  1.00 15.79 ? 157 ASP A C   1 
ATOM   1071 O O   . ASP A 1 157 ? 9.327   15.754  -0.047  1.00 16.89 ? 157 ASP A O   1 
ATOM   1072 C CB  . ASP A 1 157 ? 9.895   18.228  -1.717  1.00 17.29 ? 157 ASP A CB  1 
ATOM   1073 C CG  . ASP A 1 157 ? 10.695  19.051  -2.708  1.00 20.55 ? 157 ASP A CG  1 
ATOM   1074 O OD1 . ASP A 1 157 ? 11.516  18.467  -3.447  1.00 22.46 ? 157 ASP A OD1 1 
ATOM   1075 O OD2 . ASP A 1 157 ? 10.515  20.287  -2.735  1.00 22.14 ? 157 ASP A OD2 1 
ATOM   1076 N N   . GLN A 1 158 ? 7.606   15.731  -1.493  1.00 13.03 ? 158 GLN A N   1 
ATOM   1077 C CA  . GLN A 1 158 ? 6.731   15.006  -0.583  1.00 12.34 ? 158 GLN A CA  1 
ATOM   1078 C C   . GLN A 1 158 ? 6.705   13.519  -0.917  1.00 9.91  ? 158 GLN A C   1 
ATOM   1079 O O   . GLN A 1 158 ? 5.849   12.776  -0.437  1.00 10.48 ? 158 GLN A O   1 
ATOM   1080 C CB  . GLN A 1 158 ? 5.326   15.616  -0.602  1.00 10.99 ? 158 GLN A CB  1 
ATOM   1081 C CG  . GLN A 1 158 ? 5.288   16.977  0.092   1.00 11.36 ? 158 GLN A CG  1 
ATOM   1082 C CD  . GLN A 1 158 ? 3.995   17.728  -0.126  1.00 11.47 ? 158 GLN A CD  1 
ATOM   1083 O OE1 . GLN A 1 158 ? 3.520   17.851  -1.254  1.00 12.75 ? 158 GLN A OE1 1 
ATOM   1084 N NE2 . GLN A 1 158 ? 3.422   18.251  0.954   1.00 13.36 ? 158 GLN A NE2 1 
ATOM   1085 N N   . ILE A 1 159 ? 7.649   13.091  -1.752  1.00 10.30 ? 159 ILE A N   1 
ATOM   1086 C CA  . ILE A 1 159 ? 7.769   11.683  -2.108  1.00 9.65  ? 159 ILE A CA  1 
ATOM   1087 C C   . ILE A 1 159 ? 8.891   11.122  -1.251  1.00 9.85  ? 159 ILE A C   1 
ATOM   1088 O O   . ILE A 1 159 ? 10.018  11.630  -1.270  1.00 12.32 ? 159 ILE A O   1 
ATOM   1089 C CB  . ILE A 1 159 ? 8.138   11.468  -3.592  1.00 10.41 ? 159 ILE A CB  1 
ATOM   1090 C CG1 . ILE A 1 159 ? 7.001   11.958  -4.490  1.00 9.68  ? 159 ILE A CG1 1 
ATOM   1091 C CG2 . ILE A 1 159 ? 8.406   9.982   -3.848  1.00 11.03 ? 159 ILE A CG2 1 
ATOM   1092 C CD1 . ILE A 1 159 ? 7.270   11.784  -5.976  1.00 12.78 ? 159 ILE A CD1 1 
ATOM   1093 N N   . PHE A 1 160 ? 8.571   10.090  -0.482  1.00 9.24  ? 160 PHE A N   1 
ATOM   1094 C CA  . PHE A 1 160 ? 9.545   9.449   0.382   1.00 10.51 ? 160 PHE A CA  1 
ATOM   1095 C C   . PHE A 1 160 ? 9.847   8.059   -0.155  1.00 10.07 ? 160 PHE A C   1 
ATOM   1096 O O   . PHE A 1 160 ? 8.943   7.229   -0.313  1.00 9.60  ? 160 PHE A O   1 
ATOM   1097 C CB  . PHE A 1 160 ? 9.009   9.353   1.813   1.00 14.64 ? 160 PHE A CB  1 
ATOM   1098 C CG  . PHE A 1 160 ? 8.605   10.675  2.395   1.00 18.96 ? 160 PHE A CG  1 
ATOM   1099 C CD1 . PHE A 1 160 ? 7.418   11.290  2.005   1.00 20.96 ? 160 PHE A CD1 1 
ATOM   1100 C CD2 . PHE A 1 160 ? 9.423   11.323  3.315   1.00 21.61 ? 160 PHE A CD2 1 
ATOM   1101 C CE1 . PHE A 1 160 ? 7.053   12.532  2.522   1.00 20.82 ? 160 PHE A CE1 1 
ATOM   1102 C CE2 . PHE A 1 160 ? 9.067   12.566  3.838   1.00 21.88 ? 160 PHE A CE2 1 
ATOM   1103 C CZ  . PHE A 1 160 ? 7.880   13.171  3.439   1.00 22.18 ? 160 PHE A CZ  1 
ATOM   1104 N N   . TYR A 1 161 ? 11.119  7.816   -0.449  1.00 9.73  ? 161 TYR A N   1 
ATOM   1105 C CA  . TYR A 1 161 ? 11.547  6.527   -0.962  1.00 10.75 ? 161 TYR A CA  1 
ATOM   1106 C C   . TYR A 1 161 ? 11.922  5.581   0.163   1.00 11.33 ? 161 TYR A C   1 
ATOM   1107 O O   . TYR A 1 161 ? 12.585  5.963   1.125   1.00 12.76 ? 161 TYR A O   1 
ATOM   1108 C CB  . TYR A 1 161 ? 12.732  6.694   -1.918  1.00 13.38 ? 161 TYR A CB  1 
ATOM   1109 C CG  . TYR A 1 161 ? 12.315  7.146   -3.295  1.00 15.13 ? 161 TYR A CG  1 
ATOM   1110 C CD1 . TYR A 1 161 ? 12.069  8.491   -3.569  1.00 17.17 ? 161 TYR A CD1 1 
ATOM   1111 C CD2 . TYR A 1 161 ? 12.112  6.217   -4.316  1.00 16.89 ? 161 TYR A CD2 1 
ATOM   1112 C CE1 . TYR A 1 161 ? 11.624  8.900   -4.828  1.00 16.03 ? 161 TYR A CE1 1 
ATOM   1113 C CE2 . TYR A 1 161 ? 11.669  6.612   -5.572  1.00 17.90 ? 161 TYR A CE2 1 
ATOM   1114 C CZ  . TYR A 1 161 ? 11.427  7.953   -5.822  1.00 17.55 ? 161 TYR A CZ  1 
ATOM   1115 O OH  . TYR A 1 161 ? 10.982  8.334   -7.067  1.00 18.95 ? 161 TYR A OH  1 
ATOM   1116 N N   . PHE A 1 162 ? 11.482  4.339   0.031   1.00 10.02 ? 162 PHE A N   1 
ATOM   1117 C CA  . PHE A 1 162 ? 11.762  3.328   1.025   1.00 9.63  ? 162 PHE A CA  1 
ATOM   1118 C C   . PHE A 1 162 ? 12.987  2.521   0.633   1.00 9.64  ? 162 PHE A C   1 
ATOM   1119 O O   . PHE A 1 162 ? 13.418  2.550   -0.518  1.00 10.74 ? 162 PHE A O   1 
ATOM   1120 C CB  . PHE A 1 162 ? 10.526  2.444   1.213   1.00 9.21  ? 162 PHE A CB  1 
ATOM   1121 C CG  . PHE A 1 162 ? 9.453   3.110   2.010   1.00 9.58  ? 162 PHE A CG  1 
ATOM   1122 C CD1 . PHE A 1 162 ? 8.793   4.229   1.511   1.00 11.55 ? 162 PHE A CD1 1 
ATOM   1123 C CD2 . PHE A 1 162 ? 9.180   2.698   3.307   1.00 11.50 ? 162 PHE A CD2 1 
ATOM   1124 C CE1 . PHE A 1 162 ? 7.887   4.930   2.298   1.00 12.41 ? 162 PHE A CE1 1 
ATOM   1125 C CE2 . PHE A 1 162 ? 8.276   3.391   4.102   1.00 12.45 ? 162 PHE A CE2 1 
ATOM   1126 C CZ  . PHE A 1 162 ? 7.630   4.510   3.596   1.00 12.11 ? 162 PHE A CZ  1 
ATOM   1127 N N   . PRO A 1 163 ? 13.574  1.800   1.594   1.00 11.19 ? 163 PRO A N   1 
ATOM   1128 C CA  . PRO A 1 163 ? 14.766  0.986   1.342   1.00 11.00 ? 163 PRO A CA  1 
ATOM   1129 C C   . PRO A 1 163 ? 14.648  -0.018  0.201   1.00 12.38 ? 163 PRO A C   1 
ATOM   1130 O O   . PRO A 1 163 ? 13.578  -0.578  -0.044  1.00 12.68 ? 163 PRO A O   1 
ATOM   1131 C CB  . PRO A 1 163 ? 14.994  0.294   2.682   1.00 12.13 ? 163 PRO A CB  1 
ATOM   1132 C CG  . PRO A 1 163 ? 14.492  1.294   3.666   1.00 11.85 ? 163 PRO A CG  1 
ATOM   1133 C CD  . PRO A 1 163 ? 13.203  1.750   3.019   1.00 12.11 ? 163 PRO A CD  1 
ATOM   1134 N N   . LYS A 1 164 ? 15.756  -0.229  -0.501  1.00 12.93 ? 164 LYS A N   1 
ATOM   1135 C CA  . LYS A 1 164 ? 15.803  -1.195  -1.589  1.00 13.34 ? 164 LYS A CA  1 
ATOM   1136 C C   . LYS A 1 164 ? 16.617  -2.403  -1.119  1.00 12.73 ? 164 LYS A C   1 
ATOM   1137 O O   . LYS A 1 164 ? 16.877  -3.323  -1.892  1.00 13.77 ? 164 LYS A O   1 
ATOM   1138 C CB  . LYS A 1 164 ? 16.441  -0.584  -2.843  1.00 17.36 ? 164 LYS A CB  1 
ATOM   1139 C CG  . LYS A 1 164 ? 17.856  -0.078  -2.653  1.00 21.03 ? 164 LYS A CG  1 
ATOM   1140 C CD  . LYS A 1 164 ? 18.477  0.397   -3.964  1.00 24.51 ? 164 LYS A CD  1 
ATOM   1141 C CE  . LYS A 1 164 ? 17.734  1.588   -4.562  1.00 25.74 ? 164 LYS A CE  1 
ATOM   1142 N NZ  . LYS A 1 164 ? 16.361  1.247   -5.037  1.00 26.06 ? 164 LYS A NZ  1 
ATOM   1143 N N   . TYR A 1 165 ? 17.019  -2.382  0.151   1.00 12.35 ? 165 TYR A N   1 
ATOM   1144 C CA  . TYR A 1 165 ? 17.787  -3.476  0.754   1.00 13.78 ? 165 TYR A CA  1 
ATOM   1145 C C   . TYR A 1 165 ? 17.248  -3.760  2.153   1.00 12.74 ? 165 TYR A C   1 
ATOM   1146 O O   . TYR A 1 165 ? 16.575  -2.920  2.750   1.00 12.29 ? 165 TYR A O   1 
ATOM   1147 C CB  . TYR A 1 165 ? 19.272  -3.117  0.915   1.00 17.18 ? 165 TYR A CB  1 
ATOM   1148 C CG  . TYR A 1 165 ? 19.963  -2.537  -0.293  1.00 20.58 ? 165 TYR A CG  1 
ATOM   1149 C CD1 . TYR A 1 165 ? 20.148  -1.160  -0.415  1.00 22.16 ? 165 TYR A CD1 1 
ATOM   1150 C CD2 . TYR A 1 165 ? 20.472  -3.363  -1.296  1.00 22.57 ? 165 TYR A CD2 1 
ATOM   1151 C CE1 . TYR A 1 165 ? 20.828  -0.619  -1.504  1.00 24.53 ? 165 TYR A CE1 1 
ATOM   1152 C CE2 . TYR A 1 165 ? 21.152  -2.832  -2.390  1.00 24.37 ? 165 TYR A CE2 1 
ATOM   1153 C CZ  . TYR A 1 165 ? 21.326  -1.460  -2.487  1.00 24.83 ? 165 TYR A CZ  1 
ATOM   1154 O OH  . TYR A 1 165 ? 21.996  -0.927  -3.564  1.00 26.93 ? 165 TYR A OH  1 
ATOM   1155 N N   . GLY A 1 166 ? 17.558  -4.941  2.679   1.00 13.72 ? 166 GLY A N   1 
ATOM   1156 C CA  . GLY A 1 166 ? 17.125  -5.292  4.021   1.00 13.32 ? 166 GLY A CA  1 
ATOM   1157 C C   . GLY A 1 166 ? 15.702  -5.789  4.189   1.00 13.38 ? 166 GLY A C   1 
ATOM   1158 O O   . GLY A 1 166 ? 15.164  -5.756  5.297   1.00 15.91 ? 166 GLY A O   1 
ATOM   1159 N N   . PHE A 1 167 ? 15.084  -6.255  3.110   1.00 13.12 ? 167 PHE A N   1 
ATOM   1160 C CA  . PHE A 1 167 ? 13.720  -6.755  3.195   1.00 12.80 ? 167 PHE A CA  1 
ATOM   1161 C C   . PHE A 1 167 ? 13.657  -8.049  3.995   1.00 13.06 ? 167 PHE A C   1 
ATOM   1162 O O   . PHE A 1 167 ? 14.643  -8.776  4.111   1.00 14.62 ? 167 PHE A O   1 
ATOM   1163 C CB  . PHE A 1 167 ? 13.146  -7.035  1.803   1.00 12.51 ? 167 PHE A CB  1 
ATOM   1164 C CG  . PHE A 1 167 ? 12.929  -5.808  0.968   1.00 12.04 ? 167 PHE A CG  1 
ATOM   1165 C CD1 . PHE A 1 167 ? 13.907  -5.371  0.081   1.00 11.24 ? 167 PHE A CD1 1 
ATOM   1166 C CD2 . PHE A 1 167 ? 11.737  -5.097  1.056   1.00 11.60 ? 167 PHE A CD2 1 
ATOM   1167 C CE1 . PHE A 1 167 ? 13.696  -4.246  -0.710  1.00 10.77 ? 167 PHE A CE1 1 
ATOM   1168 C CE2 . PHE A 1 167 ? 11.518  -3.970  0.272   1.00 11.28 ? 167 PHE A CE2 1 
ATOM   1169 C CZ  . PHE A 1 167 ? 12.501  -3.546  -0.613  1.00 10.58 ? 167 PHE A CZ  1 
ATOM   1170 N N   . CYS A 1 168 ? 12.479  -8.327  4.541   1.00 11.95 ? 168 CYS A N   1 
ATOM   1171 C CA  . CYS A 1 168 ? 12.245  -9.548  5.293   1.00 11.54 ? 168 CYS A CA  1 
ATOM   1172 C C   . CYS A 1 168 ? 10.788  -9.905  5.073   1.00 11.21 ? 168 CYS A C   1 
ATOM   1173 O O   . CYS A 1 168 ? 9.979   -9.039  4.732   1.00 12.35 ? 168 CYS A O   1 
ATOM   1174 C CB  . CYS A 1 168 ? 12.535  -9.345  6.784   1.00 11.25 ? 168 CYS A CB  1 
ATOM   1175 S SG  . CYS A 1 168 ? 11.426  -8.222  7.699   1.00 12.05 ? 168 CYS A SG  1 
ATOM   1176 N N   . GLU A 1 169 ? 10.444  -11.176 5.233   1.00 11.58 ? 169 GLU A N   1 
ATOM   1177 C CA  . GLU A 1 169 ? 9.058   -11.571 5.040   1.00 12.68 ? 169 GLU A CA  1 
ATOM   1178 C C   . GLU A 1 169 ? 8.643   -12.750 5.904   1.00 12.05 ? 169 GLU A C   1 
ATOM   1179 O O   . GLU A 1 169 ? 7.888   -13.620 5.483   1.00 12.48 ? 169 GLU A O   1 
ATOM   1180 C CB  . GLU A 1 169 ? 8.781   -11.836 3.553   1.00 16.19 ? 169 GLU A CB  1 
ATOM   1181 C CG  . GLU A 1 169 ? 9.664   -12.860 2.875   1.00 19.84 ? 169 GLU A CG  1 
ATOM   1182 C CD  . GLU A 1 169 ? 9.583   -12.750 1.355   1.00 21.29 ? 169 GLU A CD  1 
ATOM   1183 O OE1 . GLU A 1 169 ? 8.462   -12.576 0.824   1.00 18.43 ? 169 GLU A OE1 1 
ATOM   1184 O OE2 . GLU A 1 169 ? 10.638  -12.838 0.689   1.00 22.56 ? 169 GLU A OE2 1 
ATOM   1185 N N   . ALA A 1 170 ? 9.144   -12.740 7.133   1.00 12.60 ? 170 ALA A N   1 
ATOM   1186 C CA  . ALA A 1 170 ? 8.843   -13.762 8.127   1.00 12.47 ? 170 ALA A CA  1 
ATOM   1187 C C   . ALA A 1 170 ? 9.180   -13.176 9.491   1.00 12.03 ? 170 ALA A C   1 
ATOM   1188 O O   . ALA A 1 170 ? 10.240  -12.574 9.667   1.00 12.86 ? 170 ALA A O   1 
ATOM   1189 C CB  . ALA A 1 170 ? 9.677   -15.010 7.875   1.00 14.35 ? 170 ALA A CB  1 
ATOM   1190 N N   . ALA A 1 171 ? 8.275   -13.339 10.451  1.00 11.81 ? 171 ALA A N   1 
ATOM   1191 C CA  . ALA A 1 171 ? 8.494   -12.828 11.803  1.00 10.55 ? 171 ALA A CA  1 
ATOM   1192 C C   . ALA A 1 171 ? 8.146   -13.916 12.810  1.00 11.35 ? 171 ALA A C   1 
ATOM   1193 O O   . ALA A 1 171 ? 7.261   -14.729 12.555  1.00 12.55 ? 171 ALA A O   1 
ATOM   1194 C CB  . ALA A 1 171 ? 7.627   -11.595 12.047  1.00 12.28 ? 171 ALA A CB  1 
ATOM   1195 N N   . ASP A 1 172 ? 8.834   -13.942 13.953  1.00 10.50 ? 172 ASP A N   1 
ATOM   1196 C CA  . ASP A 1 172 ? 8.515   -14.961 14.949  1.00 11.33 ? 172 ASP A CA  1 
ATOM   1197 C C   . ASP A 1 172 ? 7.303   -14.532 15.774  1.00 10.92 ? 172 ASP A C   1 
ATOM   1198 O O   . ASP A 1 172 ? 6.813   -13.409 15.636  1.00 10.61 ? 172 ASP A O   1 
ATOM   1199 C CB  . ASP A 1 172 ? 9.723   -15.293 15.850  1.00 12.94 ? 172 ASP A CB  1 
ATOM   1200 C CG  . ASP A 1 172 ? 10.222  -14.111 16.660  1.00 13.33 ? 172 ASP A CG  1 
ATOM   1201 O OD1 . ASP A 1 172 ? 9.401   -13.292 17.112  1.00 11.29 ? 172 ASP A OD1 1 
ATOM   1202 O OD2 . ASP A 1 172 ? 11.450  -14.021 16.869  1.00 17.36 ? 172 ASP A OD2 1 
ATOM   1203 N N   . GLN A 1 173 ? 6.820   -15.425 16.633  1.00 9.93  ? 173 GLN A N   1 
ATOM   1204 C CA  . GLN A 1 173 ? 5.623   -15.154 17.422  1.00 11.00 ? 173 GLN A CA  1 
ATOM   1205 C C   . GLN A 1 173 ? 5.676   -13.937 18.334  1.00 9.22  ? 173 GLN A C   1 
ATOM   1206 O O   . GLN A 1 173 ? 4.636   -13.420 18.734  1.00 11.20 ? 173 GLN A O   1 
ATOM   1207 C CB  . GLN A 1 173 ? 5.248   -16.393 18.244  1.00 10.68 ? 173 GLN A CB  1 
ATOM   1208 C CG  . GLN A 1 173 ? 6.129   -16.657 19.456  1.00 10.66 ? 173 GLN A CG  1 
ATOM   1209 C CD  . GLN A 1 173 ? 5.701   -17.901 20.210  1.00 10.80 ? 173 GLN A CD  1 
ATOM   1210 O OE1 . GLN A 1 173 ? 6.083   -19.018 19.864  1.00 12.03 ? 173 GLN A OE1 1 
ATOM   1211 N NE2 . GLN A 1 173 ? 4.886   -17.712 21.240  1.00 11.51 ? 173 GLN A NE2 1 
ATOM   1212 N N   . PHE A 1 174 ? 6.879   -13.471 18.654  1.00 9.04  ? 174 PHE A N   1 
ATOM   1213 C CA  . PHE A 1 174 ? 7.026   -12.325 19.543  1.00 9.30  ? 174 PHE A CA  1 
ATOM   1214 C C   . PHE A 1 174 ? 7.026   -10.994 18.810  1.00 9.32  ? 174 PHE A C   1 
ATOM   1215 O O   . PHE A 1 174 ? 7.095   -9.938  19.432  1.00 9.63  ? 174 PHE A O   1 
ATOM   1216 C CB  . PHE A 1 174 ? 8.318   -12.453 20.352  1.00 9.42  ? 174 PHE A CB  1 
ATOM   1217 C CG  . PHE A 1 174 ? 8.458   -13.771 21.055  1.00 9.14  ? 174 PHE A CG  1 
ATOM   1218 C CD1 . PHE A 1 174 ? 9.318   -14.750 20.568  1.00 10.24 ? 174 PHE A CD1 1 
ATOM   1219 C CD2 . PHE A 1 174 ? 7.708   -14.045 22.194  1.00 10.08 ? 174 PHE A CD2 1 
ATOM   1220 C CE1 . PHE A 1 174 ? 9.428   -15.986 21.207  1.00 10.56 ? 174 PHE A CE1 1 
ATOM   1221 C CE2 . PHE A 1 174 ? 7.810   -15.275 22.839  1.00 11.47 ? 174 PHE A CE2 1 
ATOM   1222 C CZ  . PHE A 1 174 ? 8.671   -16.247 22.345  1.00 11.45 ? 174 PHE A CZ  1 
ATOM   1223 N N   . HIS A 1 175 ? 6.940   -11.046 17.486  1.00 9.73  ? 175 HIS A N   1 
ATOM   1224 C CA  . HIS A 1 175 ? 6.961   -9.834  16.678  1.00 9.85  ? 175 HIS A CA  1 
ATOM   1225 C C   . HIS A 1 175 ? 5.830   -9.782  15.665  1.00 10.82 ? 175 HIS A C   1 
ATOM   1226 O O   . HIS A 1 175 ? 6.024   -9.374  14.519  1.00 10.53 ? 175 HIS A O   1 
ATOM   1227 C CB  . HIS A 1 175 ? 8.315   -9.730  15.983  1.00 11.13 ? 175 HIS A CB  1 
ATOM   1228 C CG  . HIS A 1 175 ? 9.464   -9.685  16.939  1.00 10.21 ? 175 HIS A CG  1 
ATOM   1229 N ND1 . HIS A 1 175 ? 9.904   -8.518  17.523  1.00 12.82 ? 175 HIS A ND1 1 
ATOM   1230 C CD2 . HIS A 1 175 ? 10.205  -10.679 17.483  1.00 7.74  ? 175 HIS A CD2 1 
ATOM   1231 C CE1 . HIS A 1 175 ? 10.864  -8.795  18.388  1.00 9.64  ? 175 HIS A CE1 1 
ATOM   1232 N NE2 . HIS A 1 175 ? 11.065  -10.099 18.382  1.00 12.19 ? 175 HIS A NE2 1 
ATOM   1233 N N   . VAL A 1 176 ? 4.646   -10.197 16.095  1.00 11.56 ? 176 VAL A N   1 
ATOM   1234 C CA  . VAL A 1 176 ? 3.474   -10.177 15.233  1.00 13.59 ? 176 VAL A CA  1 
ATOM   1235 C C   . VAL A 1 176 ? 2.336   -9.445  15.925  1.00 13.84 ? 176 VAL A C   1 
ATOM   1236 O O   . VAL A 1 176 ? 2.025   -9.711  17.086  1.00 15.21 ? 176 VAL A O   1 
ATOM   1237 C CB  . VAL A 1 176 ? 2.990   -11.601 14.884  1.00 13.52 ? 176 VAL A CB  1 
ATOM   1238 C CG1 . VAL A 1 176 ? 1.815   -11.525 13.911  1.00 14.83 ? 176 VAL A CG1 1 
ATOM   1239 C CG2 . VAL A 1 176 ? 4.123   -12.408 14.285  1.00 17.02 ? 176 VAL A CG2 1 
ATOM   1240 N N   . LEU A 1 177 ? 1.729   -8.507  15.209  1.00 14.96 ? 177 LEU A N   1 
ATOM   1241 C CA  . LEU A 1 177 ? 0.604   -7.745  15.725  1.00 15.68 ? 177 LEU A CA  1 
ATOM   1242 C C   . LEU A 1 177 ? -0.585  -8.060  14.836  1.00 16.25 ? 177 LEU A C   1 
ATOM   1243 O O   . LEU A 1 177 ? -0.554  -7.790  13.635  1.00 14.78 ? 177 LEU A O   1 
ATOM   1244 C CB  . LEU A 1 177 ? 0.894   -6.245  15.676  1.00 18.32 ? 177 LEU A CB  1 
ATOM   1245 C CG  . LEU A 1 177 ? -0.281  -5.327  16.034  1.00 20.31 ? 177 LEU A CG  1 
ATOM   1246 C CD1 . LEU A 1 177 ? -0.720  -5.581  17.469  1.00 22.04 ? 177 LEU A CD1 1 
ATOM   1247 C CD2 . LEU A 1 177 ? 0.131   -3.875  15.856  1.00 21.59 ? 177 LEU A CD2 1 
ATOM   1248 N N   . ASP A 1 178 ? -1.622  -8.652  15.418  1.00 17.39 ? 178 ASP A N   1 
ATOM   1249 C CA  . ASP A 1 178 ? -2.821  -8.994  14.662  1.00 20.13 ? 178 ASP A CA  1 
ATOM   1250 C C   . ASP A 1 178 ? -3.906  -7.960  14.921  1.00 20.41 ? 178 ASP A C   1 
ATOM   1251 O O   . ASP A 1 178 ? -4.355  -7.788  16.054  1.00 21.17 ? 178 ASP A O   1 
ATOM   1252 C CB  . ASP A 1 178 ? -3.324  -10.386 15.052  1.00 22.43 ? 178 ASP A CB  1 
ATOM   1253 C CG  . ASP A 1 178 ? -4.655  -10.725 14.405  1.00 25.59 ? 178 ASP A CG  1 
ATOM   1254 O OD1 . ASP A 1 178 ? -4.789  -10.532 13.177  1.00 27.00 ? 178 ASP A OD1 1 
ATOM   1255 O OD2 . ASP A 1 178 ? -5.569  -11.189 15.121  1.00 28.72 ? 178 ASP A OD2 1 
ATOM   1256 N N   . GLU A 1 179 ? -4.323  -7.272  13.865  1.00 20.40 ? 179 GLU A N   1 
ATOM   1257 C CA  . GLU A 1 179 ? -5.354  -6.248  13.980  1.00 21.21 ? 179 GLU A CA  1 
ATOM   1258 C C   . GLU A 1 179 ? -6.715  -6.740  13.502  1.00 22.51 ? 179 GLU A C   1 
ATOM   1259 O O   . GLU A 1 179 ? -7.725  -6.063  13.692  1.00 23.80 ? 179 GLU A O   1 
ATOM   1260 C CB  . GLU A 1 179 ? -4.957  -5.006  13.178  1.00 20.97 ? 179 GLU A CB  1 
ATOM   1261 C CG  . GLU A 1 179 ? -3.669  -4.345  13.641  1.00 22.29 ? 179 GLU A CG  1 
ATOM   1262 C CD  . GLU A 1 179 ? -3.365  -3.063  12.887  1.00 23.47 ? 179 GLU A CD  1 
ATOM   1263 O OE1 . GLU A 1 179 ? -2.337  -2.425  13.194  1.00 25.70 ? 179 GLU A OE1 1 
ATOM   1264 O OE2 . GLU A 1 179 ? -4.153  -2.693  11.990  1.00 24.73 ? 179 GLU A OE2 1 
ATOM   1265 N N   . VAL A 1 180 ? -6.741  -7.918  12.888  1.00 23.17 ? 180 VAL A N   1 
ATOM   1266 C CA  . VAL A 1 180 ? -7.987  -8.478  12.374  1.00 24.45 ? 180 VAL A CA  1 
ATOM   1267 C C   . VAL A 1 180 ? -8.929  -8.899  13.499  1.00 26.78 ? 180 VAL A C   1 
ATOM   1268 O O   . VAL A 1 180 ? -8.433  -9.201  14.604  1.00 14.82 ? 180 VAL A O   1 
ATOM   1269 C CB  . VAL A 1 180 ? -7.709  -9.701  11.473  1.00 23.51 ? 180 VAL A CB  1 
ATOM   1270 C CG1 . VAL A 1 180 ? -9.009  -10.233 10.892  1.00 23.49 ? 180 VAL A CG1 1 
ATOM   1271 C CG2 . VAL A 1 180 ? -6.747  -9.317  10.359  1.00 22.58 ? 180 VAL A CG2 1 
HETATM 1272 C C1  . CIT B 2 .   ? 3.791   2.033   4.777   1.00 16.34 ? 200 CIT A C1  1 
HETATM 1273 O O1  . CIT B 2 .   ? 2.838   1.940   3.941   1.00 15.32 ? 200 CIT A O1  1 
HETATM 1274 O O2  . CIT B 2 .   ? 4.199   1.017   5.492   1.00 14.96 ? 200 CIT A O2  1 
HETATM 1275 C C2  . CIT B 2 .   ? 4.465   3.437   4.901   1.00 20.36 ? 200 CIT A C2  1 
HETATM 1276 C C3  . CIT B 2 .   ? 4.104   4.242   6.154   1.00 24.10 ? 200 CIT A C3  1 
HETATM 1277 O O7  . CIT B 2 .   ? 4.482   3.493   7.316   1.00 26.11 ? 200 CIT A O7  1 
HETATM 1278 C C4  . CIT B 2 .   ? 2.538   4.454   6.232   1.00 21.62 ? 200 CIT A C4  1 
HETATM 1279 C C5  . CIT B 2 .   ? 1.984   5.787   5.751   1.00 23.65 ? 200 CIT A C5  1 
HETATM 1280 O O3  . CIT B 2 .   ? 2.096   5.987   4.552   1.00 22.66 ? 200 CIT A O3  1 
HETATM 1281 O O4  . CIT B 2 .   ? 1.456   6.577   6.581   1.00 23.79 ? 200 CIT A O4  1 
HETATM 1282 C C6  . CIT B 2 .   ? 4.867   5.630   6.193   1.00 25.43 ? 200 CIT A C6  1 
HETATM 1283 O O5  . CIT B 2 .   ? 5.241   6.294   5.167   1.00 28.48 ? 200 CIT A O5  1 
HETATM 1284 O O6  . CIT B 2 .   ? 5.108   6.087   7.348   1.00 29.88 ? 200 CIT A O6  1 
HETATM 1285 O O   . HOH C 3 .   ? -12.756 12.868  3.850   1.00 29.73 ? 300 HOH A O   1 
HETATM 1286 O O   . HOH C 3 .   ? -12.977 14.411  -4.506  1.00 29.98 ? 301 HOH A O   1 
HETATM 1287 O O   . HOH C 3 .   ? -6.501  14.133  -5.701  1.00 27.81 ? 302 HOH A O   1 
HETATM 1288 O O   . HOH C 3 .   ? -16.716 6.871   -4.494  1.00 30.33 ? 303 HOH A O   1 
HETATM 1289 O O   . HOH C 3 .   ? -4.302  11.496  -11.503 1.00 15.66 ? 304 HOH A O   1 
HETATM 1290 O O   . HOH C 3 .   ? -7.966  11.444  -9.505  1.00 33.75 ? 305 HOH A O   1 
HETATM 1291 O O   . HOH C 3 .   ? -5.509  12.721  -8.006  1.00 25.11 ? 306 HOH A O   1 
HETATM 1292 O O   . HOH C 3 .   ? -5.517  9.290   -12.382 1.00 28.52 ? 307 HOH A O   1 
HETATM 1293 O O   . HOH C 3 .   ? -4.109  0.043   -14.611 1.00 1.74  ? 308 HOH A O   1 
HETATM 1294 O O   . HOH C 3 .   ? -11.258 -4.737  -17.422 1.00 26.91 ? 309 HOH A O   1 
HETATM 1295 O O   . HOH C 3 .   ? 16.224  3.406   14.168  1.00 28.11 ? 310 HOH A O   1 
HETATM 1296 O O   . HOH C 3 .   ? 8.661   2.513   7.542   1.00 13.78 ? 311 HOH A O   1 
HETATM 1297 O O   . HOH C 3 .   ? 18.598  1.381   11.474  1.00 19.90 ? 312 HOH A O   1 
HETATM 1298 O O   . HOH C 3 .   ? 15.405  1.294   7.422   1.00 21.61 ? 313 HOH A O   1 
HETATM 1299 O O   . HOH C 3 .   ? 16.674  -0.375  10.757  1.00 20.25 ? 314 HOH A O   1 
HETATM 1300 O O   . HOH C 3 .   ? -14.999 -2.661  -12.033 1.00 15.38 ? 315 HOH A O   1 
HETATM 1301 O O   . HOH C 3 .   ? -7.573  -1.658  -16.564 1.00 20.68 ? 316 HOH A O   1 
HETATM 1302 O O   . HOH C 3 .   ? -5.027  4.542   -15.833 1.00 20.28 ? 317 HOH A O   1 
HETATM 1303 O O   . HOH C 3 .   ? -10.346 1.839   -16.620 1.00 29.72 ? 318 HOH A O   1 
HETATM 1304 O O   . HOH C 3 .   ? -8.785  0.317   -14.951 1.00 14.76 ? 319 HOH A O   1 
HETATM 1305 O O   . HOH C 3 .   ? -8.456  -6.103  -13.810 1.00 15.19 ? 320 HOH A O   1 
HETATM 1306 O O   . HOH C 3 .   ? -6.644  1.616   -13.792 1.00 13.18 ? 321 HOH A O   1 
HETATM 1307 O O   . HOH C 3 .   ? -9.077  -3.840  -16.031 1.00 31.49 ? 322 HOH A O   1 
HETATM 1308 O O   . HOH C 3 .   ? -11.343 -8.823  -6.697  1.00 26.92 ? 323 HOH A O   1 
HETATM 1309 O O   . HOH C 3 .   ? -12.928 -9.465  -8.932  1.00 24.05 ? 324 HOH A O   1 
HETATM 1310 O O   . HOH C 3 .   ? -1.095  -15.007 -1.348  1.00 25.08 ? 325 HOH A O   1 
HETATM 1311 O O   . HOH C 3 .   ? 0.201   -15.872 -3.676  1.00 23.18 ? 326 HOH A O   1 
HETATM 1312 O O   . HOH C 3 .   ? -0.678  -11.908 -11.051 1.00 19.91 ? 327 HOH A O   1 
HETATM 1313 O O   . HOH C 3 .   ? -1.673  -11.520 -13.756 1.00 26.65 ? 328 HOH A O   1 
HETATM 1314 O O   . HOH C 3 .   ? 4.098   -13.229 -5.247  1.00 15.35 ? 329 HOH A O   1 
HETATM 1315 O O   . HOH C 3 .   ? 5.691   -12.190 -7.349  1.00 13.05 ? 330 HOH A O   1 
HETATM 1316 O O   . HOH C 3 .   ? 6.830   -10.214 -5.852  1.00 10.65 ? 331 HOH A O   1 
HETATM 1317 O O   . HOH C 3 .   ? 10.842  -9.355  0.303   1.00 21.27 ? 332 HOH A O   1 
HETATM 1318 O O   . HOH C 3 .   ? 11.802  -0.576  -2.429  1.00 15.03 ? 333 HOH A O   1 
HETATM 1319 O O   . HOH C 3 .   ? 12.869  0.664   -4.641  1.00 25.41 ? 334 HOH A O   1 
HETATM 1320 O O   . HOH C 3 .   ? 15.905  3.841   -1.665  1.00 28.23 ? 335 HOH A O   1 
HETATM 1321 O O   . HOH C 3 .   ? 12.592  2.813   -3.157  1.00 20.57 ? 336 HOH A O   1 
HETATM 1322 O O   . HOH C 3 .   ? -1.158  13.741  2.103   1.00 19.36 ? 337 HOH A O   1 
HETATM 1323 O O   . HOH C 3 .   ? -2.371  17.258  -1.603  1.00 28.91 ? 338 HOH A O   1 
HETATM 1324 O O   . HOH C 3 .   ? 0.912   19.879  1.119   1.00 29.54 ? 339 HOH A O   1 
HETATM 1325 O O   . HOH C 3 .   ? 14.648  -1.354  7.112   1.00 12.01 ? 340 HOH A O   1 
HETATM 1326 O O   . HOH C 3 .   ? 10.448  -6.118  4.474   1.00 10.53 ? 341 HOH A O   1 
HETATM 1327 O O   . HOH C 3 .   ? 1.086   -2.013  4.767   1.00 13.39 ? 342 HOH A O   1 
HETATM 1328 O O   . HOH C 3 .   ? -1.991  -12.398 3.791   1.00 19.19 ? 343 HOH A O   1 
HETATM 1329 O O   . HOH C 3 .   ? -2.236  -11.950 6.503   1.00 14.18 ? 344 HOH A O   1 
HETATM 1330 O O   . HOH C 3 .   ? -4.336  -10.590 7.699   1.00 16.59 ? 345 HOH A O   1 
HETATM 1331 O O   . HOH C 3 .   ? -0.618  -5.221  7.066   1.00 13.51 ? 346 HOH A O   1 
HETATM 1332 O O   . HOH C 3 .   ? 5.220   -4.336  10.229  1.00 17.57 ? 347 HOH A O   1 
HETATM 1333 O O   . HOH C 3 .   ? 4.604   -6.108  14.770  1.00 15.46 ? 348 HOH A O   1 
HETATM 1334 O O   . HOH C 3 .   ? 10.640  -11.630 14.169  1.00 12.52 ? 349 HOH A O   1 
HETATM 1335 O O   . HOH C 3 .   ? 4.300   -6.536  17.450  1.00 19.19 ? 350 HOH A O   1 
HETATM 1336 O O   . HOH C 3 .   ? -12.785 -2.912  7.223   1.00 16.45 ? 351 HOH A O   1 
HETATM 1337 O O   . HOH C 3 .   ? 0.764   0.542   6.184   1.00 27.07 ? 352 HOH A O   1 
HETATM 1338 O O   . HOH C 3 .   ? -16.249 -2.901  8.426   1.00 15.39 ? 353 HOH A O   1 
HETATM 1339 O O   . HOH C 3 .   ? -18.133 -6.432  -3.762  1.00 22.12 ? 354 HOH A O   1 
HETATM 1340 O O   . HOH C 3 .   ? -13.011 2.429   0.247   1.00 14.47 ? 355 HOH A O   1 
HETATM 1341 O O   . HOH C 3 .   ? -16.492 3.538   2.368   1.00 16.27 ? 356 HOH A O   1 
HETATM 1342 O O   . HOH C 3 .   ? -18.831 -5.213  -6.296  1.00 26.17 ? 357 HOH A O   1 
HETATM 1343 O O   . HOH C 3 .   ? -4.199  -5.128  -16.256 1.00 20.49 ? 358 HOH A O   1 
HETATM 1344 O O   . HOH C 3 .   ? 8.909   -3.797  -11.221 1.00 17.84 ? 359 HOH A O   1 
HETATM 1345 O O   . HOH C 3 .   ? 12.368  -5.801  -11.706 1.00 13.23 ? 360 HOH A O   1 
HETATM 1346 O O   . HOH C 3 .   ? 7.873   -1.536  -12.881 1.00 16.86 ? 361 HOH A O   1 
HETATM 1347 O O   . HOH C 3 .   ? 6.603   -2.463  -15.269 1.00 16.31 ? 362 HOH A O   1 
HETATM 1348 O O   . HOH C 3 .   ? -5.197  15.418  0.729   1.00 21.31 ? 363 HOH A O   1 
HETATM 1349 O O   . HOH C 3 .   ? -2.793  16.326  2.236   1.00 31.77 ? 364 HOH A O   1 
HETATM 1350 O O   . HOH C 3 .   ? 13.818  0.987   -9.097  1.00 15.15 ? 365 HOH A O   1 
HETATM 1351 O O   . HOH C 3 .   ? 13.158  0.861   -17.359 1.00 23.96 ? 366 HOH A O   1 
HETATM 1352 O O   . HOH C 3 .   ? 7.380   8.708   -19.040 1.00 20.85 ? 367 HOH A O   1 
HETATM 1353 O O   . HOH C 3 .   ? 4.375   1.634   -18.268 1.00 30.55 ? 368 HOH A O   1 
HETATM 1354 O O   . HOH C 3 .   ? 6.092   14.236  -8.686  1.00 42.03 ? 369 HOH A O   1 
HETATM 1355 O O   . HOH C 3 .   ? 12.703  -13.024 5.774   1.00 16.89 ? 370 HOH A O   1 
HETATM 1356 O O   . HOH C 3 .   ? 5.967   -15.320 6.575   1.00 20.09 ? 371 HOH A O   1 
HETATM 1357 O O   . HOH C 3 .   ? -13.091 5.178   -0.545  1.00 25.07 ? 372 HOH A O   1 
HETATM 1358 O O   . HOH C 3 .   ? -14.169 7.547   0.742   1.00 26.19 ? 373 HOH A O   1 
HETATM 1359 O O   . HOH C 3 .   ? -9.108  13.421  -5.690  1.00 25.54 ? 374 HOH A O   1 
HETATM 1360 O O   . HOH C 3 .   ? -8.522  8.713   -10.685 1.00 21.71 ? 375 HOH A O   1 
HETATM 1361 O O   . HOH C 3 .   ? -3.638  6.809   -10.411 1.00 15.65 ? 376 HOH A O   1 
HETATM 1362 O O   . HOH C 3 .   ? 1.924   19.953  -1.769  1.00 23.17 ? 377 HOH A O   1 
HETATM 1363 O O   . HOH C 3 .   ? -15.224 0.717   -11.011 1.00 21.61 ? 378 HOH A O   1 
HETATM 1364 O O   . HOH C 3 .   ? -17.915 -9.120  -9.099  1.00 14.79 ? 379 HOH A O   1 
HETATM 1365 O O   . HOH C 3 .   ? -18.821 -6.381  -8.626  1.00 23.47 ? 380 HOH A O   1 
HETATM 1366 O O   . HOH C 3 .   ? -15.605 -1.215  -14.355 1.00 35.14 ? 381 HOH A O   1 
HETATM 1367 O O   . HOH C 3 .   ? -5.000  -15.456 -10.890 1.00 29.90 ? 382 HOH A O   1 
HETATM 1368 O O   . HOH C 3 .   ? -5.127  -10.618 -3.083  1.00 18.34 ? 383 HOH A O   1 
HETATM 1369 O O   . HOH C 3 .   ? 1.735   -14.495 0.142   1.00 28.71 ? 384 HOH A O   1 
HETATM 1370 O O   . HOH C 3 .   ? 10.784  -0.890  1.192   1.00 9.58  ? 385 HOH A O   1 
HETATM 1371 O O   . HOH C 3 .   ? 2.474   -0.543  2.847   1.00 13.21 ? 386 HOH A O   1 
HETATM 1372 O O   . HOH C 3 .   ? -3.200  9.458   3.786   1.00 18.06 ? 387 HOH A O   1 
HETATM 1373 O O   . HOH C 3 .   ? 14.710  4.669   2.505   1.00 19.91 ? 388 HOH A O   1 
HETATM 1374 O O   . HOH C 3 .   ? 15.442  4.657   5.104   1.00 25.57 ? 389 HOH A O   1 
HETATM 1375 O O   . HOH C 3 .   ? 6.756   0.942   6.233   1.00 10.88 ? 390 HOH A O   1 
HETATM 1376 O O   . HOH C 3 .   ? -1.614  -1.490  5.447   1.00 14.56 ? 391 HOH A O   1 
HETATM 1377 O O   . HOH C 3 .   ? 13.494  -3.857  15.993  1.00 15.33 ? 392 HOH A O   1 
HETATM 1378 O O   . HOH C 3 .   ? 11.774  12.777  -3.101  1.00 29.57 ? 393 HOH A O   1 
HETATM 1379 O O   . HOH C 3 .   ? 13.749  -11.185 12.664  1.00 20.64 ? 394 HOH A O   1 
HETATM 1380 O O   . HOH C 3 .   ? 12.813  -12.816 8.461   1.00 17.06 ? 395 HOH A O   1 
HETATM 1381 O O   . HOH C 3 .   ? -12.794 -5.364  8.388   1.00 20.68 ? 396 HOH A O   1 
HETATM 1382 O O   . HOH C 3 .   ? -10.061 -3.673  8.541   1.00 18.20 ? 397 HOH A O   1 
HETATM 1383 O O   . HOH C 3 .   ? -10.489 -5.934  10.728  1.00 15.82 ? 398 HOH A O   1 
HETATM 1384 O O   . HOH C 3 .   ? -17.512 -2.717  -8.749  1.00 15.35 ? 399 HOH A O   1 
HETATM 1385 O O   . HOH C 3 .   ? -13.112 -4.010  -3.325  1.00 13.52 ? 400 HOH A O   1 
HETATM 1386 O O   . HOH C 3 .   ? -14.180 2.041   9.988   1.00 16.42 ? 401 HOH A O   1 
HETATM 1387 O O   . HOH C 3 .   ? -15.772 3.742   8.343   1.00 16.83 ? 402 HOH A O   1 
HETATM 1388 O O   . HOH C 3 .   ? -1.611  -1.539  -16.104 1.00 13.68 ? 403 HOH A O   1 
HETATM 1389 O O   . HOH C 3 .   ? 10.305  1.852   -19.014 1.00 21.03 ? 404 HOH A O   1 
HETATM 1390 O O   . HOH C 3 .   ? 5.518   7.206   -17.724 1.00 13.63 ? 405 HOH A O   1 
HETATM 1391 O O   . HOH C 3 .   ? -3.238  11.343  -8.886  1.00 12.09 ? 406 HOH A O   1 
HETATM 1392 O O   . HOH C 3 .   ? -1.645  12.136  -17.069 1.00 14.41 ? 407 HOH A O   1 
HETATM 1393 O O   . HOH C 3 .   ? 13.137  9.803   0.298   1.00 20.91 ? 408 HOH A O   1 
HETATM 1394 O O   . HOH C 3 .   ? 17.594  3.231   4.211   1.00 25.81 ? 409 HOH A O   1 
HETATM 1395 O O   . HOH C 3 .   ? 7.830   -18.126 16.323  1.00 21.31 ? 410 HOH A O   1 
HETATM 1396 O O   . HOH C 3 .   ? 9.609   -18.611 14.279  1.00 28.05 ? 411 HOH A O   1 
HETATM 1397 O O   . HOH C 3 .   ? -15.435 -10.221 -8.307  1.00 27.17 ? 412 HOH A O   1 
HETATM 1398 O O   . HOH C 3 .   ? -10.804 -13.533 -9.192  1.00 31.97 ? 413 HOH A O   1 
HETATM 1399 O O   . HOH C 3 .   ? 2.344   19.467  -7.112  1.00 35.65 ? 414 HOH A O   1 
HETATM 1400 O O   . HOH C 3 .   ? 12.733  3.002   -7.328  1.00 20.47 ? 415 HOH A O   1 
HETATM 1401 O O   . HOH C 3 .   ? 7.971   17.226  2.326   1.00 32.10 ? 416 HOH A O   1 
HETATM 1402 O O   . HOH C 3 .   ? -7.296  -16.058 2.534   1.00 30.48 ? 417 HOH A O   1 
HETATM 1403 O O   . HOH C 3 .   ? -10.998 -10.613 -2.604  1.00 25.80 ? 418 HOH A O   1 
HETATM 1404 O O   . HOH C 3 .   ? 0.877   -2.410  8.476   1.00 16.57 ? 419 HOH A O   1 
HETATM 1405 O O   . HOH C 3 .   ? 5.986   -2.815  12.222  1.00 22.75 ? 420 HOH A O   1 
HETATM 1406 O O   . HOH C 3 .   ? 17.777  -5.076  17.315  1.00 24.43 ? 421 HOH A O   1 
HETATM 1407 O O   . HOH C 3 .   ? 13.807  -5.290  18.755  1.00 25.36 ? 422 HOH A O   1 
HETATM 1408 O O   . HOH C 3 .   ? 16.236  -6.153  19.110  1.00 31.20 ? 423 HOH A O   1 
HETATM 1409 O O   . HOH C 3 .   ? -1.345  -9.270  18.302  1.00 25.54 ? 424 HOH A O   1 
HETATM 1410 O O   . HOH C 3 .   ? -10.443 10.035  5.795   1.00 21.42 ? 425 HOH A O   1 
HETATM 1411 O O   . HOH C 3 .   ? -9.704  8.625   9.135   1.00 21.86 ? 426 HOH A O   1 
HETATM 1412 O O   . HOH C 3 .   ? -13.854 7.751   10.120  1.00 36.18 ? 427 HOH A O   1 
HETATM 1413 O O   . HOH C 3 .   ? -12.113 6.793   11.970  1.00 28.72 ? 428 HOH A O   1 
HETATM 1414 O O   . HOH C 3 .   ? -7.162  2.326   10.216  1.00 24.14 ? 429 HOH A O   1 
HETATM 1415 O O   . HOH C 3 .   ? -13.565 7.528   7.437   1.00 30.18 ? 430 HOH A O   1 
HETATM 1416 O O   . HOH C 3 .   ? -1.445  -7.499  -16.865 1.00 28.68 ? 431 HOH A O   1 
HETATM 1417 O O   . HOH C 3 .   ? 12.311  -2.985  -14.597 1.00 27.37 ? 432 HOH A O   1 
HETATM 1418 O O   . HOH C 3 .   ? 13.910  -1.254  -15.720 1.00 34.76 ? 433 HOH A O   1 
HETATM 1419 O O   . HOH C 3 .   ? 14.385  1.822   -13.683 1.00 26.51 ? 434 HOH A O   1 
HETATM 1420 O O   . HOH C 3 .   ? 6.465   4.846   -21.573 1.00 22.68 ? 435 HOH A O   1 
HETATM 1421 O O   . HOH C 3 .   ? 6.801   12.154  -14.713 1.00 15.93 ? 436 HOH A O   1 
HETATM 1422 O O   . HOH C 3 .   ? 5.188   12.996  -16.657 1.00 14.46 ? 437 HOH A O   1 
HETATM 1423 O O   . HOH C 3 .   ? 6.890   14.792  -13.140 1.00 35.07 ? 438 HOH A O   1 
HETATM 1424 O O   . HOH C 3 .   ? -2.585  15.970  -15.982 1.00 31.47 ? 439 HOH A O   1 
HETATM 1425 O O   . HOH C 3 .   ? -4.835  18.498  -1.496  1.00 32.12 ? 440 HOH A O   1 
HETATM 1426 O O   . HOH C 3 .   ? 16.888  -2.025  5.609   1.00 24.91 ? 441 HOH A O   1 
HETATM 1427 O O   . HOH C 3 .   ? 17.721  0.928   5.784   1.00 22.18 ? 442 HOH A O   1 
HETATM 1428 O O   . HOH C 3 .   ? 9.828   -16.685 11.968  1.00 29.55 ? 443 HOH A O   1 
HETATM 1429 O O   . HOH C 3 .   ? 7.646   -17.132 10.639  1.00 27.02 ? 444 HOH A O   1 
HETATM 1430 O O   . HOH C 3 .   ? 11.880  -15.031 12.140  1.00 37.04 ? 445 HOH A O   1 
HETATM 1431 O O   . HOH C 3 .   ? 13.318  -11.814 15.274  1.00 28.89 ? 446 HOH A O   1 
HETATM 1432 O O   . HOH C 3 .   ? 5.098   -16.240 13.601  1.00 28.60 ? 447 HOH A O   1 
HETATM 1433 O O   . HOH C 3 .   ? 2.929   -16.323 15.273  1.00 29.42 ? 448 HOH A O   1 
HETATM 1434 O O   . HOH C 3 .   ? -13.615 -6.064  -19.213 1.00 27.84 ? 449 HOH A O   1 
HETATM 1435 O O   . HOH C 3 .   ? -1.325  0.278   1.608   1.00 16.71 ? 450 HOH A O   1 
HETATM 1436 O O   . HOH C 3 .   ? -17.122 11.368  -0.019  1.00 19.49 ? 451 HOH A O   1 
HETATM 1437 O O   . HOH C 3 .   ? -17.447 4.607   -5.613  1.00 19.49 ? 452 HOH A O   1 
HETATM 1438 O O   . HOH C 3 .   ? -12.777 2.495   -12.886 1.00 19.49 ? 453 HOH A O   1 
HETATM 1439 O O   . HOH C 3 .   ? -13.473 -1.181  -10.162 1.00 19.49 ? 454 HOH A O   1 
HETATM 1440 O O   . HOH C 3 .   ? -9.231  -8.674  -14.753 1.00 19.49 ? 455 HOH A O   1 
HETATM 1441 O O   . HOH C 3 .   ? -8.609  -14.507 -11.848 1.00 19.49 ? 456 HOH A O   1 
HETATM 1442 O O   . HOH C 3 .   ? -2.048  -14.429 -11.586 1.00 19.49 ? 457 HOH A O   1 
HETATM 1443 O O   . HOH C 3 .   ? 7.985   -13.546 -1.719  1.00 19.49 ? 458 HOH A O   1 
HETATM 1444 O O   . HOH C 3 .   ? 5.290   14.902  3.998   1.00 19.49 ? 459 HOH A O   1 
HETATM 1445 O O   . HOH C 3 .   ? 12.072  8.130   3.127   1.00 19.49 ? 460 HOH A O   1 
HETATM 1446 O O   . HOH C 3 .   ? 14.968  1.782   10.115  1.00 19.49 ? 461 HOH A O   1 
HETATM 1447 O O   . HOH C 3 .   ? 16.033  3.763   11.579  1.00 19.49 ? 462 HOH A O   1 
HETATM 1448 O O   . HOH C 3 .   ? -7.456  -4.993  10.064  1.00 19.49 ? 463 HOH A O   1 
HETATM 1449 O O   . HOH C 3 .   ? -7.326  -2.594  11.452  1.00 19.49 ? 464 HOH A O   1 
HETATM 1450 O O   . HOH C 3 .   ? -5.545  0.271   11.481  1.00 19.49 ? 465 HOH A O   1 
HETATM 1451 O O   . HOH C 3 .   ? -7.306  5.186   -11.910 1.00 19.49 ? 466 HOH A O   1 
HETATM 1452 O O   . HOH C 3 .   ? -1.313  0.414   8.610   1.00 19.49 ? 467 HOH A O   1 
HETATM 1453 O O   . HOH C 3 .   ? 0.309   7.434   3.408   1.00 19.49 ? 468 HOH A O   1 
HETATM 1454 O O   . HOH C 3 .   ? 0.932   17.534  -15.974 1.00 19.49 ? 469 HOH A O   1 
HETATM 1455 O O   . HOH C 3 .   ? -4.822  17.195  -11.150 1.00 19.49 ? 470 HOH A O   1 
HETATM 1456 O O   . HOH C 3 .   ? 3.956   17.914  -12.471 1.00 19.49 ? 471 HOH A O   1 
HETATM 1457 O O   . HOH C 3 .   ? 17.608  2.069   -0.694  1.00 19.49 ? 472 HOH A O   1 
HETATM 1458 O O   . HOH C 3 .   ? 13.958  -16.552 1.853   1.00 19.49 ? 473 HOH A O   1 
HETATM 1459 O O   . HOH C 3 .   ? 15.849  -16.021 3.679   1.00 19.49 ? 474 HOH A O   1 
HETATM 1460 O O   . HOH C 3 .   ? 7.975   -15.981 3.078   1.00 19.49 ? 475 HOH A O   1 
HETATM 1461 O O   . HOH C 3 .   ? 5.768   -14.662 9.645   1.00 19.49 ? 476 HOH A O   1 
HETATM 1462 O O   . HOH C 3 .   ? 3.865   -10.385 19.110  1.00 19.49 ? 477 HOH A O   1 
HETATM 1463 O O   . HOH C 3 .   ? 1.104   -10.154 21.546  1.00 19.49 ? 478 HOH A O   1 
HETATM 1464 O O   . HOH C 3 .   ? -10.538 7.376   5.955   1.00 19.49 ? 479 HOH A O   1 
HETATM 1465 O O   . HOH C 3 .   ? -4.736  1.040   -17.793 1.00 19.49 ? 480 HOH A O   1 
HETATM 1466 O O   . HOH C 3 .   ? 16.631  6.033   15.185  1.00 19.49 ? 481 HOH A O   1 
HETATM 1467 O O   . HOH C 3 .   ? 17.210  -2.965  10.181  1.00 19.49 ? 482 HOH A O   1 
HETATM 1468 O O   . HOH C 3 .   ? 2.064   -14.256 18.470  1.00 19.49 ? 483 HOH A O   1 
HETATM 1469 O O   . HOH C 3 .   ? 4.620   -3.409  14.580  1.00 19.49 ? 484 HOH A O   1 
HETATM 1470 O O   . HOH C 3 .   ? 14.978  7.509   1.511   1.00 19.49 ? 485 HOH A O   1 
# 
